data_4TLZ
#
_entry.id   4TLZ
#
_cell.length_a   84.620
_cell.length_b   157.660
_cell.length_c   165.293
_cell.angle_alpha   90.00
_cell.angle_beta   90.00
_cell.angle_gamma   90.00
#
_symmetry.space_group_name_H-M   'P 21 21 21'
#
loop_
_entity.id
_entity.type
_entity.pdbx_description
1 polymer KtzI
2 non-polymer 'FLAVIN-ADENINE DINUCLEOTIDE'
3 non-polymer 'NADP NICOTINAMIDE-ADENINE-DINUCLEOTIDE PHOSPHATE'
4 non-polymer L-ornithine
5 non-polymer 'POTASSIUM ION'
6 water water
#
_entity_poly.entity_id   1
_entity_poly.type   'polypeptide(L)'
_entity_poly.pdbx_seq_one_letter_code
;MGSSHHHHHHSSGLVPRGSHMVAHAGESPTHDVVGVGFGPANLSLAVALEESPAALTSAFFERRASISWHQGMLLPAAKM
QVSFLKDLATFRNPASRFSFVSFLHERGRLVRFANNHDFFPTRREFHDYLEWAESKLAHEVSYDSEVTAIRPGPGRPVDS
VLVDVSTPEATRTVEARNIVISTGLVPRMPAGVQSDEFVWHSSRFLDHFRDRDPRSLRRVAVAGGGQSAAEIVRFLHDNR
PDTVVHAIMPSYGYVVADNTPFANQIFDPAAVDDYFDGSKQAKDAFWRYHRNTNYSVVDDEVIRDLYRRGYDDEVAGAPR
LNFVNLAHVVGAKRIADDTRVTVYSMAREESYDLDVDVLVCATGYDPMDPGDLLGELAEHCVQDAEGRWQVDRDYRMVTT
PDLRCGIYLQGGTEHTHGLSSSLLSNLATRSGEIVSSIERRKS
;
_entity_poly.pdbx_strand_id   A,B,C,D
#
loop_
_chem_comp.id
_chem_comp.type
_chem_comp.name
_chem_comp.formula
FAD non-polymer 'FLAVIN-ADENINE DINUCLEOTIDE' 'C27 H33 N9 O15 P2'
K non-polymer 'POTASSIUM ION' 'K 1'
NAP non-polymer 'NADP NICOTINAMIDE-ADENINE-DINUCLEOTIDE PHOSPHATE' 'C21 H28 N7 O17 P3'
#
# COMPACT_ATOMS: atom_id res chain seq x y z
N PRO A 29 -46.54 -27.91 20.64
CA PRO A 29 -45.25 -27.38 21.08
C PRO A 29 -44.96 -26.02 20.43
N THR A 30 -45.19 -24.94 21.17
CA THR A 30 -45.03 -23.59 20.62
C THR A 30 -43.64 -23.00 20.89
N HIS A 31 -42.92 -22.68 19.82
CA HIS A 31 -41.59 -22.09 19.90
C HIS A 31 -41.61 -20.60 20.25
N ASP A 32 -40.62 -20.16 21.02
CA ASP A 32 -40.44 -18.74 21.28
C ASP A 32 -40.14 -17.99 19.97
N VAL A 33 -39.31 -18.60 19.13
CA VAL A 33 -38.94 -17.99 17.86
C VAL A 33 -38.64 -19.01 16.78
N VAL A 34 -39.18 -18.75 15.58
CA VAL A 34 -38.85 -19.54 14.40
C VAL A 34 -38.09 -18.67 13.41
N GLY A 35 -36.98 -19.19 12.89
CA GLY A 35 -36.21 -18.47 11.89
C GLY A 35 -36.46 -18.99 10.49
N VAL A 36 -36.86 -18.10 9.58
CA VAL A 36 -37.05 -18.44 8.17
C VAL A 36 -35.80 -18.08 7.39
N GLY A 37 -35.18 -19.10 6.79
CA GLY A 37 -33.93 -18.94 6.08
C GLY A 37 -32.74 -19.22 6.99
N PHE A 38 -31.69 -19.87 6.47
CA PHE A 38 -30.48 -20.02 7.26
C PHE A 38 -29.22 -19.56 6.50
N GLY A 39 -29.13 -18.25 6.33
CA GLY A 39 -27.90 -17.61 5.88
C GLY A 39 -27.17 -17.06 7.08
N PRO A 40 -26.10 -16.27 6.83
CA PRO A 40 -25.30 -15.72 7.92
C PRO A 40 -26.15 -14.98 8.96
N ALA A 41 -27.18 -14.26 8.52
CA ALA A 41 -28.06 -13.52 9.45
C ALA A 41 -28.71 -14.42 10.50
N ASN A 42 -29.47 -15.43 10.06
CA ASN A 42 -30.08 -16.36 11.01
C ASN A 42 -29.08 -17.25 11.73
N LEU A 43 -27.94 -17.48 11.10
CA LEU A 43 -26.84 -18.20 11.75
C LEU A 43 -26.33 -17.42 12.94
N SER A 44 -26.20 -16.10 12.78
CA SER A 44 -25.76 -15.24 13.88
C SER A 44 -26.87 -15.14 14.94
N LEU A 45 -28.13 -15.23 14.49
CA LEU A 45 -29.24 -15.30 15.43
C LEU A 45 -29.14 -16.57 16.26
N ALA A 46 -28.89 -17.71 15.62
CA ALA A 46 -28.74 -18.97 16.34
C ALA A 46 -27.62 -18.86 17.39
N VAL A 47 -26.51 -18.25 16.98
CA VAL A 47 -25.38 -18.07 17.87
C VAL A 47 -25.77 -17.18 19.06
N ALA A 48 -26.45 -16.08 18.77
CA ALA A 48 -26.90 -15.17 19.84
C ALA A 48 -27.86 -15.90 20.81
N LEU A 49 -28.69 -16.78 20.28
CA LEU A 49 -29.63 -17.54 21.11
C LEU A 49 -28.85 -18.47 22.05
N GLU A 50 -27.94 -19.26 21.50
CA GLU A 50 -27.14 -20.16 22.30
C GLU A 50 -26.30 -19.44 23.35
N GLU A 51 -25.74 -18.28 23.02
CA GLU A 51 -24.89 -17.54 23.97
C GLU A 51 -25.71 -16.82 25.03
N SER A 52 -26.97 -16.55 24.73
CA SER A 52 -27.84 -15.86 25.70
C SER A 52 -28.16 -16.77 26.88
N PRO A 53 -28.12 -16.21 28.09
CA PRO A 53 -28.56 -16.94 29.28
C PRO A 53 -30.06 -17.30 29.19
N ALA A 54 -30.84 -16.47 28.51
CA ALA A 54 -32.27 -16.71 28.33
C ALA A 54 -32.56 -18.08 27.73
N ALA A 55 -33.54 -18.78 28.30
CA ALA A 55 -33.98 -20.07 27.78
C ALA A 55 -35.08 -19.83 26.77
N LEU A 56 -34.68 -19.81 25.50
CA LEU A 56 -35.63 -19.59 24.42
C LEU A 56 -35.62 -20.83 23.53
N THR A 57 -36.81 -21.28 23.14
CA THR A 57 -36.92 -22.40 22.22
C THR A 57 -36.95 -21.83 20.80
N SER A 58 -36.36 -22.54 19.85
CA SER A 58 -36.29 -22.03 18.48
C SER A 58 -36.29 -23.16 17.47
N ALA A 59 -36.66 -22.84 16.24
CA ALA A 59 -36.48 -23.73 15.11
C ALA A 59 -36.07 -22.89 13.88
N PHE A 60 -35.16 -23.43 13.08
CA PHE A 60 -34.73 -22.73 11.87
C PHE A 60 -35.00 -23.56 10.63
N PHE A 61 -35.46 -22.91 9.57
CA PHE A 61 -35.78 -23.61 8.33
C PHE A 61 -35.07 -23.04 7.13
N GLU A 62 -34.30 -23.91 6.47
CA GLU A 62 -33.57 -23.54 5.25
C GLU A 62 -34.06 -24.42 4.10
N ARG A 63 -34.37 -23.80 2.97
CA ARG A 63 -34.83 -24.54 1.79
C ARG A 63 -33.73 -25.42 1.20
N ARG A 64 -32.54 -24.84 1.02
CA ARG A 64 -31.41 -25.57 0.46
C ARG A 64 -31.05 -26.78 1.32
N ALA A 65 -30.20 -27.64 0.78
CA ALA A 65 -29.78 -28.84 1.52
C ALA A 65 -28.82 -28.52 2.67
N SER A 66 -28.11 -27.41 2.54
CA SER A 66 -27.14 -26.98 3.54
C SER A 66 -26.94 -25.47 3.40
N ILE A 67 -26.14 -24.87 4.26
CA ILE A 67 -25.80 -23.46 4.08
C ILE A 67 -25.20 -23.28 2.69
N SER A 68 -25.66 -22.25 1.99
CA SER A 68 -25.23 -21.99 0.63
C SER A 68 -25.15 -20.48 0.47
N TRP A 69 -23.94 -19.95 0.62
CA TRP A 69 -23.78 -18.50 0.70
C TRP A 69 -23.25 -17.94 -0.62
N HIS A 70 -24.17 -17.57 -1.51
CA HIS A 70 -23.82 -17.06 -2.84
C HIS A 70 -22.78 -17.92 -3.55
N GLN A 71 -23.06 -19.21 -3.64
CA GLN A 71 -22.09 -20.13 -4.22
C GLN A 71 -21.89 -19.90 -5.72
N GLY A 72 -22.94 -19.41 -6.39
CA GLY A 72 -22.85 -19.10 -7.80
C GLY A 72 -21.79 -18.05 -8.09
N MET A 73 -21.36 -17.34 -7.05
CA MET A 73 -20.34 -16.31 -7.19
C MET A 73 -19.06 -16.63 -6.43
N LEU A 74 -18.92 -17.87 -5.96
CA LEU A 74 -17.69 -18.28 -5.28
C LEU A 74 -16.53 -18.45 -6.26
N LEU A 75 -16.09 -17.35 -6.87
CA LEU A 75 -14.98 -17.37 -7.81
C LEU A 75 -13.66 -17.55 -7.08
N PRO A 76 -12.69 -18.17 -7.77
CA PRO A 76 -11.35 -18.52 -7.26
C PRO A 76 -10.69 -17.40 -6.48
N ALA A 77 -10.74 -16.19 -7.01
CA ALA A 77 -10.01 -15.11 -6.35
C ALA A 77 -10.84 -14.30 -5.32
N ALA A 78 -12.14 -14.60 -5.22
CA ALA A 78 -13.06 -13.69 -4.55
C ALA A 78 -12.75 -13.43 -3.06
N LYS A 79 -12.68 -12.17 -2.67
CA LYS A 79 -12.33 -11.82 -1.29
C LYS A 79 -13.49 -11.13 -0.56
N MET A 80 -13.57 -11.39 0.75
CA MET A 80 -14.59 -10.76 1.59
C MET A 80 -14.49 -9.25 1.44
N GLN A 81 -15.63 -8.57 1.57
CA GLN A 81 -15.66 -7.11 1.50
C GLN A 81 -15.83 -6.56 2.90
N VAL A 82 -15.63 -7.42 3.90
CA VAL A 82 -15.79 -7.02 5.28
C VAL A 82 -14.64 -7.63 6.08
N SER A 83 -14.13 -6.86 7.04
CA SER A 83 -13.07 -7.28 7.95
C SER A 83 -13.42 -8.56 8.71
N PHE A 84 -12.42 -9.40 8.97
CA PHE A 84 -12.69 -10.65 9.69
C PHE A 84 -13.23 -10.39 11.10
N LEU A 85 -12.97 -9.22 11.66
CA LEU A 85 -13.51 -8.87 12.98
C LEU A 85 -15.02 -8.74 12.96
N LYS A 86 -15.57 -8.53 11.76
CA LYS A 86 -17.02 -8.45 11.58
C LYS A 86 -17.56 -9.84 11.24
N ASP A 87 -17.66 -10.69 12.24
CA ASP A 87 -18.07 -12.08 12.04
C ASP A 87 -19.45 -12.33 12.67
N LEU A 88 -19.69 -13.57 13.11
CA LEU A 88 -20.99 -13.89 13.69
C LEU A 88 -21.27 -13.27 15.07
N ALA A 89 -20.24 -12.87 15.81
CA ALA A 89 -20.48 -12.48 17.21
C ALA A 89 -19.55 -11.45 17.81
N THR A 90 -18.36 -11.28 17.23
CA THR A 90 -17.26 -10.57 17.89
C THR A 90 -17.58 -9.17 18.44
N PHE A 91 -18.29 -8.34 17.67
CA PHE A 91 -18.62 -6.99 18.14
C PHE A 91 -19.56 -6.98 19.36
N ARG A 92 -20.31 -8.06 19.54
CA ARG A 92 -21.21 -8.18 20.67
C ARG A 92 -20.45 -8.86 21.83
N ASN A 93 -19.79 -9.97 21.50
CA ASN A 93 -19.08 -10.80 22.46
C ASN A 93 -17.65 -11.04 21.96
N PRO A 94 -16.67 -10.32 22.53
CA PRO A 94 -15.29 -10.32 22.03
C PRO A 94 -14.55 -11.63 22.33
N ALA A 95 -15.21 -12.56 23.02
CA ALA A 95 -14.58 -13.84 23.33
C ALA A 95 -15.53 -14.99 23.02
N SER A 96 -16.15 -14.92 21.86
CA SER A 96 -17.11 -15.93 21.45
C SER A 96 -16.42 -17.17 20.90
N ARG A 97 -17.01 -18.33 21.17
CA ARG A 97 -16.50 -19.59 20.65
C ARG A 97 -16.83 -19.70 19.17
N PHE A 98 -17.65 -18.76 18.68
CA PHE A 98 -18.03 -18.76 17.27
C PHE A 98 -17.33 -17.65 16.47
N SER A 99 -16.34 -17.00 17.07
CA SER A 99 -15.61 -15.96 16.36
C SER A 99 -14.79 -16.55 15.20
N PHE A 100 -14.43 -15.70 14.24
CA PHE A 100 -13.58 -16.12 13.13
C PHE A 100 -12.21 -16.54 13.65
N VAL A 101 -11.72 -15.83 14.66
CA VAL A 101 -10.44 -16.17 15.29
C VAL A 101 -10.50 -17.56 15.91
N SER A 102 -11.62 -17.92 16.55
CA SER A 102 -11.77 -19.28 17.09
C SER A 102 -11.72 -20.31 15.97
N PHE A 103 -12.46 -20.02 14.90
CA PHE A 103 -12.46 -20.85 13.71
C PHE A 103 -11.03 -21.09 13.17
N LEU A 104 -10.29 -20.01 12.96
CA LEU A 104 -8.91 -20.11 12.49
C LEU A 104 -8.11 -21.00 13.42
N HIS A 105 -8.33 -20.82 14.72
CA HIS A 105 -7.53 -21.52 15.71
C HIS A 105 -7.80 -23.02 15.62
N GLU A 106 -9.08 -23.38 15.51
CA GLU A 106 -9.43 -24.80 15.42
C GLU A 106 -8.92 -25.40 14.13
N ARG A 107 -8.91 -24.62 13.07
CA ARG A 107 -8.43 -25.09 11.77
C ARG A 107 -6.90 -25.01 11.67
N GLY A 108 -6.23 -24.69 12.76
CA GLY A 108 -4.77 -24.60 12.74
C GLY A 108 -4.24 -23.62 11.69
N ARG A 109 -5.00 -22.55 11.44
CA ARG A 109 -4.58 -21.54 10.46
C ARG A 109 -4.39 -20.13 11.05
N LEU A 110 -4.61 -19.97 12.35
CA LEU A 110 -4.53 -18.65 12.96
C LEU A 110 -3.16 -17.97 12.75
N VAL A 111 -2.09 -18.70 13.02
CA VAL A 111 -0.74 -18.16 12.87
C VAL A 111 -0.48 -17.81 11.40
N ARG A 112 -0.81 -18.72 10.51
CA ARG A 112 -0.66 -18.50 9.08
C ARG A 112 -1.43 -17.25 8.64
N PHE A 113 -2.70 -17.18 9.02
CA PHE A 113 -3.55 -16.04 8.68
C PHE A 113 -2.93 -14.74 9.19
N ALA A 114 -2.48 -14.76 10.44
CA ALA A 114 -1.87 -13.57 11.02
C ALA A 114 -0.63 -13.12 10.24
N ASN A 115 0.17 -14.07 9.77
CA ASN A 115 1.38 -13.76 8.99
C ASN A 115 1.07 -13.04 7.69
N ASN A 116 -0.13 -13.29 7.15
CA ASN A 116 -0.56 -12.66 5.92
C ASN A 116 -0.86 -11.16 6.09
N HIS A 117 -1.20 -10.74 7.31
CA HIS A 117 -1.55 -9.34 7.60
C HIS A 117 -2.62 -8.74 6.67
N ASP A 118 -3.66 -9.53 6.40
CA ASP A 118 -4.77 -9.07 5.59
C ASP A 118 -6.06 -9.25 6.40
N PHE A 119 -6.84 -8.19 6.55
CA PHE A 119 -8.11 -8.26 7.29
C PHE A 119 -9.21 -8.96 6.53
N PHE A 120 -9.02 -9.15 5.22
CA PHE A 120 -10.08 -9.70 4.39
C PHE A 120 -9.77 -11.12 3.98
N PRO A 121 -10.52 -12.08 4.55
CA PRO A 121 -10.37 -13.49 4.17
C PRO A 121 -10.94 -13.68 2.76
N THR A 122 -10.74 -14.85 2.17
CA THR A 122 -11.39 -15.18 0.91
C THR A 122 -12.85 -15.53 1.18
N ARG A 123 -13.70 -15.37 0.18
CA ARG A 123 -15.08 -15.78 0.32
C ARG A 123 -15.17 -17.29 0.57
N ARG A 124 -14.27 -18.03 -0.05
CA ARG A 124 -14.18 -19.47 0.13
C ARG A 124 -13.94 -19.83 1.59
N GLU A 125 -12.98 -19.15 2.24
CA GLU A 125 -12.69 -19.43 3.63
C GLU A 125 -13.86 -19.03 4.54
N PHE A 126 -14.51 -17.93 4.21
CA PHE A 126 -15.63 -17.47 5.03
C PHE A 126 -16.77 -18.45 4.94
N HIS A 127 -16.95 -19.04 3.76
CA HIS A 127 -17.98 -20.08 3.60
C HIS A 127 -17.69 -21.24 4.54
N ASP A 128 -16.46 -21.60 4.61
CA ASP A 128 -16.01 -22.62 5.46
C ASP A 128 -16.26 -22.30 6.95
N TYR A 129 -16.07 -21.06 7.31
CA TYR A 129 -16.37 -20.51 8.62
C TYR A 129 -17.85 -20.67 8.94
N LEU A 130 -18.71 -20.34 7.99
CA LEU A 130 -20.14 -20.47 8.20
C LEU A 130 -20.53 -21.93 8.51
N GLU A 131 -20.01 -22.84 7.72
CA GLU A 131 -20.31 -24.27 7.89
C GLU A 131 -19.78 -24.76 9.24
N TRP A 132 -18.55 -24.35 9.55
CA TRP A 132 -17.93 -24.68 10.83
C TRP A 132 -18.79 -24.22 12.02
N ALA A 133 -19.30 -22.99 11.94
CA ALA A 133 -20.08 -22.42 13.04
C ALA A 133 -21.39 -23.17 13.18
N GLU A 134 -22.00 -23.47 12.03
CA GLU A 134 -23.27 -24.17 12.01
C GLU A 134 -23.12 -25.55 12.66
N SER A 135 -22.04 -26.27 12.37
CA SER A 135 -21.73 -27.55 13.01
C SER A 135 -21.56 -27.45 14.53
N LYS A 136 -20.79 -26.45 14.96
CA LYS A 136 -20.48 -26.26 16.38
C LYS A 136 -21.75 -25.91 17.16
N LEU A 137 -22.68 -25.30 16.45
CA LEU A 137 -23.96 -24.93 17.03
C LEU A 137 -24.67 -26.15 17.65
N ALA A 138 -25.13 -26.00 18.88
CA ALA A 138 -25.89 -27.06 19.54
C ALA A 138 -27.20 -27.39 18.78
N HIS A 139 -27.99 -26.36 18.50
CA HIS A 139 -29.25 -26.50 17.76
C HIS A 139 -29.08 -27.17 16.40
N GLU A 140 -30.07 -27.96 16.00
CA GLU A 140 -30.05 -28.63 14.71
C GLU A 140 -30.97 -27.93 13.72
N VAL A 141 -30.39 -27.42 12.64
CA VAL A 141 -31.16 -26.69 11.62
C VAL A 141 -31.94 -27.66 10.76
N SER A 142 -33.15 -27.28 10.37
CA SER A 142 -33.94 -28.11 9.45
C SER A 142 -33.71 -27.70 7.99
N TYR A 143 -32.98 -28.53 7.25
CA TYR A 143 -32.70 -28.25 5.84
C TYR A 143 -33.74 -28.87 4.90
N ASP A 144 -33.64 -28.56 3.61
CA ASP A 144 -34.62 -29.01 2.61
C ASP A 144 -36.04 -28.72 3.09
N SER A 145 -36.19 -27.56 3.74
CA SER A 145 -37.45 -27.16 4.36
C SER A 145 -37.82 -25.77 3.90
N GLU A 146 -38.70 -25.66 2.92
CA GLU A 146 -39.12 -24.35 2.44
C GLU A 146 -40.33 -23.85 3.22
N VAL A 147 -40.21 -22.64 3.76
CA VAL A 147 -41.34 -21.98 4.41
C VAL A 147 -42.20 -21.40 3.30
N THR A 148 -43.39 -21.97 3.14
CA THR A 148 -44.28 -21.58 2.03
C THR A 148 -45.25 -20.49 2.42
N ALA A 149 -45.54 -20.42 3.71
CA ALA A 149 -46.46 -19.38 4.21
C ALA A 149 -46.37 -19.18 5.71
N ILE A 150 -46.73 -17.97 6.13
CA ILE A 150 -46.93 -17.68 7.54
C ILE A 150 -48.39 -17.25 7.73
N ARG A 151 -49.10 -17.94 8.60
CA ARG A 151 -50.51 -17.69 8.85
C ARG A 151 -50.71 -17.34 10.32
N PRO A 152 -51.79 -16.60 10.62
CA PRO A 152 -52.12 -16.24 12.01
C PRO A 152 -52.49 -17.48 12.81
N GLY A 153 -52.08 -17.52 14.07
CA GLY A 153 -52.48 -18.59 14.96
C GLY A 153 -53.87 -18.30 15.49
N PRO A 154 -54.42 -19.22 16.29
CA PRO A 154 -55.80 -19.08 16.78
C PRO A 154 -55.92 -17.91 17.75
N GLY A 155 -57.14 -17.41 17.92
CA GLY A 155 -57.40 -16.38 18.90
C GLY A 155 -57.34 -14.96 18.38
N ARG A 156 -57.90 -14.04 19.15
CA ARG A 156 -57.84 -12.62 18.84
C ARG A 156 -57.74 -11.87 20.15
N PRO A 157 -56.66 -11.11 20.33
CA PRO A 157 -55.64 -10.86 19.30
C PRO A 157 -54.78 -12.08 19.01
N VAL A 158 -54.09 -12.05 17.87
CA VAL A 158 -53.21 -13.15 17.47
C VAL A 158 -51.94 -13.15 18.32
N ASP A 159 -51.70 -14.25 19.03
CA ASP A 159 -50.55 -14.33 19.94
C ASP A 159 -49.44 -15.23 19.40
N SER A 160 -49.72 -15.88 18.27
CA SER A 160 -48.78 -16.82 17.69
C SER A 160 -49.00 -16.84 16.19
N VAL A 161 -47.98 -17.30 15.45
CA VAL A 161 -48.13 -17.53 14.02
C VAL A 161 -47.96 -19.00 13.68
N LEU A 162 -48.52 -19.39 12.55
CA LEU A 162 -48.39 -20.76 12.08
C LEU A 162 -47.51 -20.75 10.85
N VAL A 163 -46.48 -21.60 10.87
CA VAL A 163 -45.47 -21.57 9.84
C VAL A 163 -45.58 -22.86 9.02
N ASP A 164 -45.88 -22.71 7.74
CA ASP A 164 -46.05 -23.85 6.86
C ASP A 164 -44.71 -24.21 6.21
N VAL A 165 -44.28 -25.42 6.49
CA VAL A 165 -42.99 -25.89 6.01
C VAL A 165 -43.17 -27.07 5.05
N SER A 166 -42.60 -26.92 3.87
CA SER A 166 -42.69 -27.96 2.86
C SER A 166 -41.35 -28.67 2.75
N THR A 167 -41.29 -29.94 3.13
CA THR A 167 -40.12 -30.77 2.87
C THR A 167 -40.31 -31.58 1.59
N PRO A 168 -39.29 -32.37 1.20
CA PRO A 168 -39.41 -33.18 -0.03
C PRO A 168 -40.46 -34.26 0.15
N GLU A 169 -40.47 -34.87 1.33
CA GLU A 169 -41.46 -35.88 1.68
C GLU A 169 -42.84 -35.25 1.94
N ALA A 170 -43.00 -34.64 3.12
CA ALA A 170 -44.29 -34.14 3.57
C ALA A 170 -44.38 -32.61 3.65
N THR A 171 -45.49 -32.15 4.22
CA THR A 171 -45.65 -30.76 4.63
C THR A 171 -46.09 -30.76 6.09
N ARG A 172 -45.69 -29.73 6.82
CA ARG A 172 -46.04 -29.62 8.23
C ARG A 172 -46.23 -28.17 8.62
N THR A 173 -46.66 -27.96 9.86
CA THR A 173 -46.88 -26.61 10.36
C THR A 173 -46.35 -26.52 11.78
N VAL A 174 -45.59 -25.46 12.06
CA VAL A 174 -45.11 -25.25 13.41
C VAL A 174 -45.65 -23.93 13.94
N GLU A 175 -45.69 -23.81 15.25
CA GLU A 175 -46.26 -22.63 15.87
C GLU A 175 -45.19 -21.88 16.64
N ALA A 176 -45.27 -20.54 16.61
CA ALA A 176 -44.24 -19.69 17.20
C ALA A 176 -44.81 -18.38 17.67
N ARG A 177 -44.22 -17.83 18.69
CA ARG A 177 -44.63 -16.56 19.22
C ARG A 177 -43.95 -15.47 18.49
N ASN A 178 -42.79 -15.76 18.00
CA ASN A 178 -42.07 -14.79 17.21
C ASN A 178 -41.49 -15.45 15.98
N ILE A 179 -41.31 -14.65 14.94
CA ILE A 179 -40.72 -15.15 13.71
C ILE A 179 -39.66 -14.15 13.21
N VAL A 180 -38.51 -14.68 12.79
CA VAL A 180 -37.47 -13.83 12.19
C VAL A 180 -37.29 -14.21 10.71
N ILE A 181 -37.59 -13.25 9.84
CA ILE A 181 -37.50 -13.51 8.41
C ILE A 181 -36.17 -13.00 7.87
N SER A 182 -35.36 -13.92 7.34
CA SER A 182 -34.04 -13.56 6.81
C SER A 182 -33.78 -14.35 5.53
N THR A 183 -34.58 -14.07 4.50
CA THR A 183 -34.62 -14.91 3.30
C THR A 183 -33.71 -14.40 2.18
N GLY A 184 -32.95 -13.34 2.46
CA GLY A 184 -31.99 -12.83 1.49
C GLY A 184 -32.54 -11.98 0.36
N LEU A 185 -31.60 -11.47 -0.45
CA LEU A 185 -31.90 -10.57 -1.56
C LEU A 185 -32.51 -11.35 -2.72
N VAL A 186 -33.12 -10.63 -3.66
CA VAL A 186 -33.66 -11.29 -4.85
C VAL A 186 -33.06 -10.66 -6.10
N PRO A 187 -32.46 -11.50 -6.97
CA PRO A 187 -31.76 -11.08 -8.18
C PRO A 187 -32.60 -10.14 -9.03
N ARG A 188 -31.97 -9.07 -9.51
CA ARG A 188 -32.62 -8.09 -10.35
C ARG A 188 -32.00 -8.17 -11.75
N MET A 189 -32.84 -8.37 -12.76
CA MET A 189 -32.42 -8.36 -14.16
C MET A 189 -32.73 -7.00 -14.77
N PRO A 190 -32.05 -6.67 -15.88
CA PRO A 190 -32.35 -5.41 -16.58
C PRO A 190 -33.77 -5.47 -17.10
N ALA A 191 -34.43 -4.31 -17.16
CA ALA A 191 -35.80 -4.25 -17.68
C ALA A 191 -35.82 -4.79 -19.09
N GLY A 192 -36.66 -5.79 -19.33
CA GLY A 192 -36.84 -6.32 -20.68
C GLY A 192 -35.85 -7.39 -21.04
N VAL A 193 -35.20 -7.96 -20.02
CA VAL A 193 -34.27 -9.07 -20.23
C VAL A 193 -34.59 -10.19 -19.24
N GLN A 194 -34.74 -11.39 -19.74
CA GLN A 194 -35.06 -12.49 -18.88
C GLN A 194 -34.02 -13.52 -18.82
N SER A 195 -33.88 -14.15 -17.67
CA SER A 195 -32.92 -15.23 -17.52
C SER A 195 -33.28 -16.31 -18.54
N ASP A 196 -32.27 -17.06 -18.98
CA ASP A 196 -32.47 -18.03 -20.04
C ASP A 196 -31.24 -18.91 -20.13
N GLU A 197 -31.21 -19.79 -21.13
CA GLU A 197 -30.10 -20.72 -21.26
C GLU A 197 -28.82 -19.98 -21.55
N PHE A 198 -28.94 -18.80 -22.17
CA PHE A 198 -27.78 -18.03 -22.57
C PHE A 198 -27.75 -16.60 -21.99
N VAL A 199 -28.68 -16.33 -21.08
CA VAL A 199 -28.73 -15.08 -20.35
C VAL A 199 -28.80 -15.40 -18.85
N TRP A 200 -27.69 -15.19 -18.14
CA TRP A 200 -27.60 -15.55 -16.73
C TRP A 200 -27.49 -14.33 -15.84
N HIS A 201 -28.16 -14.36 -14.69
CA HIS A 201 -27.89 -13.38 -13.65
C HIS A 201 -26.58 -13.80 -12.98
N SER A 202 -25.80 -12.82 -12.52
CA SER A 202 -24.49 -13.11 -11.93
C SER A 202 -24.60 -14.10 -10.77
N SER A 203 -25.71 -14.03 -10.04
CA SER A 203 -25.93 -14.91 -8.89
C SER A 203 -25.86 -16.40 -9.26
N ARG A 204 -26.06 -16.71 -10.53
CA ARG A 204 -26.03 -18.08 -11.00
C ARG A 204 -24.94 -18.28 -12.04
N PHE A 205 -23.87 -17.50 -11.93
CA PHE A 205 -22.75 -17.60 -12.86
C PHE A 205 -22.04 -18.95 -12.87
N LEU A 206 -21.55 -19.40 -11.71
CA LEU A 206 -20.82 -20.66 -11.66
C LEU A 206 -21.74 -21.86 -11.93
N ASP A 207 -23.00 -21.76 -11.50
CA ASP A 207 -23.98 -22.82 -11.79
C ASP A 207 -23.99 -23.15 -13.29
N HIS A 208 -24.13 -22.11 -14.12
CA HIS A 208 -24.18 -22.32 -15.56
C HIS A 208 -22.81 -22.60 -16.17
N PHE A 209 -21.81 -21.88 -15.69
CA PHE A 209 -20.48 -21.91 -16.28
C PHE A 209 -19.84 -23.30 -16.22
N ARG A 210 -19.97 -23.98 -15.08
CA ARG A 210 -19.38 -25.29 -14.90
C ARG A 210 -20.01 -26.33 -15.81
N ASP A 211 -21.18 -26.00 -16.29
CA ASP A 211 -21.98 -26.86 -17.04
C ASP A 211 -21.93 -26.65 -18.57
N ARG A 212 -20.96 -25.90 -19.03
CA ARG A 212 -20.86 -25.59 -20.42
C ARG A 212 -19.56 -26.18 -20.77
N ASP A 213 -19.26 -26.21 -22.05
CA ASP A 213 -18.01 -26.73 -22.59
C ASP A 213 -17.10 -25.55 -22.90
N PRO A 214 -15.95 -25.52 -22.25
CA PRO A 214 -15.01 -24.39 -22.33
C PRO A 214 -14.87 -23.74 -23.70
N ARG A 215 -14.91 -24.53 -24.77
CA ARG A 215 -14.76 -24.01 -26.13
C ARG A 215 -16.05 -23.35 -26.64
N SER A 216 -17.08 -23.35 -25.82
CA SER A 216 -18.38 -22.83 -26.24
C SER A 216 -18.67 -21.45 -25.67
N LEU A 217 -17.73 -20.91 -24.87
CA LEU A 217 -17.90 -19.57 -24.29
C LEU A 217 -16.74 -18.67 -24.67
N ARG A 218 -16.51 -18.52 -25.97
CA ARG A 218 -15.38 -17.73 -26.45
C ARG A 218 -15.73 -16.23 -26.47
N ARG A 219 -17.02 -15.91 -26.54
CA ARG A 219 -17.46 -14.52 -26.52
C ARG A 219 -18.50 -14.31 -25.42
N VAL A 220 -18.14 -13.52 -24.42
CA VAL A 220 -19.05 -13.27 -23.28
C VAL A 220 -19.27 -11.79 -23.09
N ALA A 221 -20.53 -11.40 -22.92
CA ALA A 221 -20.87 -10.03 -22.54
C ALA A 221 -21.30 -10.01 -21.06
N VAL A 222 -20.73 -9.07 -20.31
CA VAL A 222 -21.08 -8.87 -18.90
C VAL A 222 -21.63 -7.48 -18.69
N ALA A 223 -22.88 -7.39 -18.26
CA ALA A 223 -23.52 -6.10 -18.01
C ALA A 223 -23.40 -5.73 -16.53
N GLY A 224 -23.00 -4.49 -16.26
CA GLY A 224 -22.88 -4.02 -14.90
C GLY A 224 -21.53 -3.39 -14.60
N GLY A 225 -21.50 -2.50 -13.62
CA GLY A 225 -20.27 -1.82 -13.24
C GLY A 225 -19.90 -2.05 -11.78
N GLY A 226 -20.53 -3.02 -11.13
CA GLY A 226 -20.27 -3.28 -9.72
C GLY A 226 -19.28 -4.40 -9.45
N GLN A 227 -19.13 -4.77 -8.17
CA GLN A 227 -18.20 -5.82 -7.76
C GLN A 227 -18.42 -7.13 -8.53
N SER A 228 -19.68 -7.54 -8.66
CA SER A 228 -20.00 -8.78 -9.35
C SER A 228 -19.49 -8.76 -10.80
N ALA A 229 -19.86 -7.72 -11.55
CA ALA A 229 -19.40 -7.57 -12.93
C ALA A 229 -17.88 -7.63 -13.01
N ALA A 230 -17.22 -6.85 -12.15
CA ALA A 230 -15.76 -6.80 -12.17
C ALA A 230 -15.16 -8.17 -11.91
N GLU A 231 -15.66 -8.85 -10.87
CA GLU A 231 -15.13 -10.16 -10.50
C GLU A 231 -15.32 -11.19 -11.62
N ILE A 232 -16.47 -11.17 -12.29
CA ILE A 232 -16.74 -12.11 -13.37
C ILE A 232 -15.82 -11.84 -14.57
N VAL A 233 -15.68 -10.58 -14.94
CA VAL A 233 -14.76 -10.22 -16.03
C VAL A 233 -13.33 -10.65 -15.72
N ARG A 234 -12.86 -10.37 -14.52
CA ARG A 234 -11.52 -10.80 -14.10
C ARG A 234 -11.37 -12.31 -14.25
N PHE A 235 -12.32 -13.04 -13.68
CA PHE A 235 -12.32 -14.50 -13.76
C PHE A 235 -12.28 -15.00 -15.20
N LEU A 236 -13.17 -14.47 -16.04
CA LEU A 236 -13.19 -14.84 -17.47
C LEU A 236 -11.82 -14.60 -18.15
N HIS A 237 -11.21 -13.46 -17.85
CA HIS A 237 -9.92 -13.14 -18.45
C HIS A 237 -8.84 -14.13 -18.05
N ASP A 238 -8.89 -14.54 -16.78
CA ASP A 238 -7.85 -15.37 -16.18
C ASP A 238 -8.08 -16.84 -16.48
N ASN A 239 -9.33 -17.23 -16.74
CA ASN A 239 -9.72 -18.63 -16.88
C ASN A 239 -9.28 -19.24 -18.21
N ARG A 240 -9.43 -18.48 -19.28
CA ARG A 240 -8.97 -18.85 -20.61
C ARG A 240 -8.28 -17.67 -21.28
N PRO A 241 -7.24 -17.95 -22.06
CA PRO A 241 -6.44 -16.91 -22.73
C PRO A 241 -7.08 -16.37 -24.02
N ASP A 242 -8.11 -17.02 -24.51
CA ASP A 242 -8.70 -16.66 -25.81
C ASP A 242 -10.09 -16.03 -25.71
N THR A 243 -10.70 -16.13 -24.53
CA THR A 243 -12.02 -15.58 -24.32
C THR A 243 -12.02 -14.07 -24.59
N VAL A 244 -13.01 -13.61 -25.34
CA VAL A 244 -13.22 -12.20 -25.58
C VAL A 244 -14.39 -11.74 -24.72
N VAL A 245 -14.18 -10.65 -23.98
CA VAL A 245 -15.18 -10.16 -23.05
C VAL A 245 -15.61 -8.73 -23.35
N HIS A 246 -16.92 -8.50 -23.41
CA HIS A 246 -17.45 -7.14 -23.49
C HIS A 246 -18.05 -6.75 -22.14
N ALA A 247 -17.44 -5.76 -21.47
CA ALA A 247 -17.95 -5.23 -20.21
C ALA A 247 -18.82 -4.01 -20.49
N ILE A 248 -20.12 -4.17 -20.35
CA ILE A 248 -21.07 -3.11 -20.66
C ILE A 248 -21.59 -2.48 -19.36
N MET A 249 -21.35 -1.18 -19.21
CA MET A 249 -21.69 -0.47 -17.98
C MET A 249 -21.98 1.02 -18.28
N PRO A 250 -22.88 1.63 -17.48
CA PRO A 250 -23.32 3.03 -17.66
C PRO A 250 -22.25 4.07 -17.33
N SER A 251 -21.35 3.77 -16.42
CA SER A 251 -20.31 4.74 -16.06
C SER A 251 -19.19 4.78 -17.11
N TYR A 252 -18.25 5.71 -16.98
CA TYR A 252 -17.17 5.83 -17.95
C TYR A 252 -16.06 4.84 -17.60
N GLY A 253 -16.11 4.35 -16.37
CA GLY A 253 -15.16 3.34 -15.91
C GLY A 253 -15.64 2.84 -14.56
N TYR A 254 -15.09 1.74 -14.07
CA TYR A 254 -15.44 1.26 -12.73
C TYR A 254 -15.19 2.39 -11.73
N VAL A 255 -16.12 2.53 -10.78
CA VAL A 255 -15.98 3.47 -9.68
C VAL A 255 -15.49 2.71 -8.45
N VAL A 256 -14.53 3.29 -7.73
CA VAL A 256 -13.95 2.61 -6.58
C VAL A 256 -14.90 2.55 -5.38
N ALA A 257 -14.88 1.42 -4.68
CA ALA A 257 -15.67 1.28 -3.46
C ALA A 257 -14.97 2.03 -2.30
N ASP A 258 -15.72 2.89 -1.60
CA ASP A 258 -15.13 3.61 -0.48
C ASP A 258 -15.24 2.80 0.81
N ASN A 259 -14.10 2.38 1.35
CA ASN A 259 -14.08 1.90 2.74
C ASN A 259 -13.03 2.59 3.61
N THR A 260 -12.66 3.81 3.23
CA THR A 260 -11.82 4.62 4.09
C THR A 260 -12.54 4.84 5.44
N PRO A 261 -11.77 5.04 6.52
CA PRO A 261 -12.31 4.85 7.87
C PRO A 261 -13.47 5.78 8.29
N PHE A 262 -13.51 7.03 7.86
CA PHE A 262 -14.61 7.92 8.27
C PHE A 262 -15.91 7.54 7.57
N ALA A 263 -15.83 7.31 6.25
CA ALA A 263 -17.02 6.92 5.51
C ALA A 263 -17.46 5.56 5.98
N ASN A 264 -16.48 4.71 6.29
CA ASN A 264 -16.79 3.36 6.75
C ASN A 264 -17.57 3.30 8.06
N GLN A 265 -17.60 4.40 8.79
CA GLN A 265 -18.35 4.47 10.03
C GLN A 265 -19.86 4.35 9.84
N ILE A 266 -20.37 4.49 8.61
CA ILE A 266 -21.80 4.28 8.36
C ILE A 266 -22.19 2.83 8.64
N PHE A 267 -21.19 1.94 8.70
CA PHE A 267 -21.45 0.54 8.98
C PHE A 267 -21.36 0.20 10.46
N ASP A 268 -20.96 1.18 11.26
CA ASP A 268 -20.85 1.01 12.71
C ASP A 268 -22.21 0.63 13.29
N PRO A 269 -22.19 -0.15 14.40
CA PRO A 269 -23.41 -0.38 15.19
C PRO A 269 -24.09 0.94 15.55
N ALA A 270 -23.32 1.91 16.03
CA ALA A 270 -23.88 3.19 16.46
C ALA A 270 -24.51 3.95 15.29
N ALA A 271 -24.01 3.72 14.08
CA ALA A 271 -24.52 4.43 12.90
C ALA A 271 -25.96 4.03 12.62
N VAL A 272 -26.33 2.83 13.05
CA VAL A 272 -27.70 2.36 12.90
C VAL A 272 -28.64 3.32 13.64
N ASP A 273 -28.28 3.67 14.88
CA ASP A 273 -29.08 4.64 15.65
C ASP A 273 -29.13 6.02 14.98
N ASP A 274 -27.98 6.49 14.50
CA ASP A 274 -27.93 7.78 13.81
C ASP A 274 -28.89 7.77 12.62
N TYR A 275 -28.82 6.72 11.82
CA TYR A 275 -29.72 6.59 10.67
C TYR A 275 -31.17 6.47 11.12
N PHE A 276 -31.44 5.55 12.04
CA PHE A 276 -32.80 5.29 12.50
C PHE A 276 -33.46 6.55 13.09
N ASP A 277 -32.77 7.22 14.00
CA ASP A 277 -33.34 8.36 14.71
C ASP A 277 -33.32 9.62 13.84
N GLY A 278 -32.49 9.61 12.79
CA GLY A 278 -32.35 10.78 11.96
C GLY A 278 -33.58 11.05 11.11
N SER A 279 -33.75 12.31 10.72
CA SER A 279 -34.88 12.69 9.86
C SER A 279 -34.72 12.06 8.47
N LYS A 280 -35.81 12.06 7.69
CA LYS A 280 -35.75 11.57 6.32
C LYS A 280 -34.65 12.32 5.56
N GLN A 281 -34.52 13.62 5.86
CA GLN A 281 -33.49 14.44 5.25
C GLN A 281 -32.10 13.85 5.51
N ALA A 282 -31.84 13.48 6.76
CA ALA A 282 -30.57 12.89 7.13
C ALA A 282 -30.39 11.53 6.45
N LYS A 283 -31.45 10.71 6.47
CA LYS A 283 -31.39 9.39 5.85
C LYS A 283 -30.99 9.52 4.37
N ASP A 284 -31.60 10.47 3.68
CA ASP A 284 -31.28 10.76 2.29
C ASP A 284 -29.80 11.12 2.13
N ALA A 285 -29.28 11.90 3.07
CA ALA A 285 -27.87 12.28 3.01
C ALA A 285 -26.95 11.06 3.06
N PHE A 286 -27.30 10.07 3.88
CA PHE A 286 -26.49 8.85 3.95
C PHE A 286 -26.34 8.27 2.56
N TRP A 287 -27.48 8.12 1.87
CA TRP A 287 -27.49 7.55 0.53
C TRP A 287 -26.82 8.45 -0.51
N ARG A 288 -27.08 9.75 -0.41
CA ARG A 288 -26.52 10.72 -1.35
C ARG A 288 -24.99 10.78 -1.31
N TYR A 289 -24.41 10.67 -0.11
CA TYR A 289 -22.97 10.81 0.05
C TYR A 289 -22.23 9.48 0.12
N HIS A 290 -22.92 8.42 0.49
CA HIS A 290 -22.20 7.19 0.80
C HIS A 290 -22.71 5.94 0.10
N ARG A 291 -23.48 6.09 -0.94
CA ARG A 291 -23.90 4.94 -1.71
C ARG A 291 -22.70 4.23 -2.29
N ASN A 292 -21.67 4.98 -2.60
CA ASN A 292 -20.43 4.47 -3.13
C ASN A 292 -19.61 3.61 -2.18
N THR A 293 -20.13 3.34 -1.01
CA THR A 293 -19.52 2.41 -0.09
C THR A 293 -19.96 0.98 -0.39
N ASN A 294 -21.05 0.83 -1.11
CA ASN A 294 -21.73 -0.46 -1.18
C ASN A 294 -22.30 -0.83 -2.55
N TYR A 295 -22.93 0.15 -3.23
CA TYR A 295 -23.59 -0.15 -4.51
C TYR A 295 -22.90 0.41 -5.74
N SER A 296 -22.79 -0.41 -6.79
CA SER A 296 -22.27 0.04 -8.08
C SER A 296 -20.81 0.46 -7.98
N VAL A 297 -20.05 -0.21 -7.13
CA VAL A 297 -18.64 0.16 -6.93
C VAL A 297 -17.80 -1.08 -6.80
N VAL A 298 -16.51 -0.92 -7.07
CA VAL A 298 -15.62 -2.05 -7.13
C VAL A 298 -14.42 -1.86 -6.21
N ASP A 299 -13.98 -2.95 -5.60
CA ASP A 299 -12.81 -2.92 -4.76
C ASP A 299 -11.56 -2.47 -5.55
N ASP A 300 -10.77 -1.60 -4.91
CA ASP A 300 -9.55 -1.06 -5.47
C ASP A 300 -8.66 -2.10 -6.15
N GLU A 301 -8.37 -3.20 -5.44
CA GLU A 301 -7.48 -4.23 -5.97
C GLU A 301 -8.02 -4.88 -7.24
N VAL A 302 -9.34 -5.09 -7.28
CA VAL A 302 -9.94 -5.72 -8.46
C VAL A 302 -9.83 -4.78 -9.65
N ILE A 303 -10.13 -3.50 -9.44
CA ILE A 303 -10.00 -2.51 -10.50
C ILE A 303 -8.59 -2.48 -11.06
N ARG A 304 -7.61 -2.40 -10.17
CA ARG A 304 -6.22 -2.31 -10.59
C ARG A 304 -5.76 -3.58 -11.31
N ASP A 305 -6.24 -4.73 -10.85
CA ASP A 305 -5.87 -5.97 -11.51
C ASP A 305 -6.44 -6.01 -12.93
N LEU A 306 -7.67 -5.51 -13.09
CA LEU A 306 -8.29 -5.49 -14.42
C LEU A 306 -7.54 -4.56 -15.33
N TYR A 307 -7.10 -3.42 -14.79
CA TYR A 307 -6.40 -2.42 -15.59
C TYR A 307 -5.02 -2.93 -16.05
N ARG A 308 -4.30 -3.63 -15.18
CA ARG A 308 -3.02 -4.25 -15.57
C ARG A 308 -3.22 -5.31 -16.66
N ARG A 309 -4.27 -6.11 -16.53
CA ARG A 309 -4.59 -7.13 -17.54
C ARG A 309 -4.82 -6.51 -18.91
N GLY A 310 -5.59 -5.43 -18.92
CA GLY A 310 -5.90 -4.76 -20.17
C GLY A 310 -4.66 -4.14 -20.76
N TYR A 311 -3.84 -3.54 -19.91
CA TYR A 311 -2.60 -2.91 -20.35
C TYR A 311 -1.65 -3.94 -20.97
N ASP A 312 -1.44 -5.05 -20.28
CA ASP A 312 -0.50 -6.07 -20.77
C ASP A 312 -0.98 -6.67 -22.08
N ASP A 313 -2.29 -6.83 -22.24
CA ASP A 313 -2.82 -7.35 -23.49
C ASP A 313 -2.50 -6.40 -24.63
N GLU A 314 -2.60 -5.10 -24.37
CA GLU A 314 -2.30 -4.11 -25.41
C GLU A 314 -0.82 -4.18 -25.81
N VAL A 315 0.06 -4.22 -24.82
CA VAL A 315 1.47 -4.41 -25.08
C VAL A 315 1.73 -5.63 -25.96
N ALA A 316 1.01 -6.72 -25.68
CA ALA A 316 1.17 -7.98 -26.40
C ALA A 316 0.47 -7.97 -27.76
N GLY A 317 -0.27 -6.90 -28.04
CA GLY A 317 -1.02 -6.80 -29.28
C GLY A 317 -2.22 -7.74 -29.40
N ALA A 318 -2.75 -8.18 -28.27
CA ALA A 318 -3.86 -9.13 -28.25
C ALA A 318 -4.96 -8.70 -27.27
N PRO A 319 -5.64 -7.60 -27.59
CA PRO A 319 -6.72 -7.10 -26.73
C PRO A 319 -7.90 -8.08 -26.67
N ARG A 320 -8.44 -8.32 -25.48
CA ARG A 320 -9.56 -9.23 -25.31
C ARG A 320 -10.68 -8.58 -24.51
N LEU A 321 -10.31 -7.68 -23.61
CA LEU A 321 -11.29 -6.97 -22.78
C LEU A 321 -11.78 -5.72 -23.47
N ASN A 322 -13.06 -5.70 -23.83
CA ASN A 322 -13.67 -4.53 -24.43
C ASN A 322 -14.59 -3.82 -23.46
N PHE A 323 -14.20 -2.63 -23.03
CA PHE A 323 -14.98 -1.87 -22.08
C PHE A 323 -15.95 -0.97 -22.83
N VAL A 324 -17.21 -1.33 -22.72
CA VAL A 324 -18.27 -0.60 -23.39
C VAL A 324 -18.92 0.30 -22.36
N ASN A 325 -18.43 1.53 -22.28
CA ASN A 325 -18.84 2.46 -21.24
C ASN A 325 -19.95 3.40 -21.69
N LEU A 326 -20.57 4.07 -20.72
CA LEU A 326 -21.71 4.94 -20.99
C LEU A 326 -22.77 4.17 -21.79
N ALA A 327 -23.14 2.99 -21.32
CA ALA A 327 -24.00 2.09 -22.09
C ALA A 327 -24.85 1.18 -21.19
N HIS A 328 -26.04 0.80 -21.66
CA HIS A 328 -26.90 -0.17 -20.95
C HIS A 328 -27.26 -1.33 -21.87
N VAL A 329 -27.39 -2.52 -21.30
CA VAL A 329 -28.00 -3.63 -22.02
C VAL A 329 -29.51 -3.44 -21.93
N VAL A 330 -30.21 -3.45 -23.06
CA VAL A 330 -31.67 -3.22 -23.06
C VAL A 330 -32.47 -4.40 -23.61
N GLY A 331 -31.80 -5.32 -24.30
CA GLY A 331 -32.46 -6.53 -24.76
C GLY A 331 -31.50 -7.66 -25.07
N ALA A 332 -32.03 -8.88 -25.08
CA ALA A 332 -31.26 -10.05 -25.50
C ALA A 332 -32.18 -11.03 -26.22
N LYS A 333 -31.71 -11.60 -27.32
CA LYS A 333 -32.48 -12.60 -28.07
C LYS A 333 -31.52 -13.65 -28.61
N ARG A 334 -32.01 -14.88 -28.72
CA ARG A 334 -31.20 -15.95 -29.28
C ARG A 334 -31.49 -16.03 -30.78
N ILE A 335 -30.44 -16.02 -31.59
CA ILE A 335 -30.58 -16.04 -33.05
C ILE A 335 -29.56 -17.01 -33.64
N ALA A 336 -30.01 -18.23 -33.91
CA ALA A 336 -29.11 -19.28 -34.36
C ALA A 336 -28.14 -19.62 -33.24
N ASP A 337 -26.88 -19.48 -33.48
CA ASP A 337 -25.96 -19.85 -32.46
C ASP A 337 -25.38 -18.68 -31.72
N ASP A 338 -25.99 -17.52 -31.89
CA ASP A 338 -25.54 -16.29 -31.25
C ASP A 338 -26.57 -15.78 -30.26
N THR A 339 -26.08 -15.24 -29.15
CA THR A 339 -26.92 -14.48 -28.25
C THR A 339 -26.77 -13.04 -28.69
N ARG A 340 -27.86 -12.45 -29.18
CA ARG A 340 -27.81 -11.09 -29.69
C ARG A 340 -28.24 -10.07 -28.64
N VAL A 341 -27.26 -9.29 -28.18
CA VAL A 341 -27.48 -8.35 -27.09
C VAL A 341 -27.68 -6.96 -27.66
N THR A 342 -28.79 -6.33 -27.29
CA THR A 342 -29.04 -4.96 -27.70
C THR A 342 -28.51 -3.97 -26.66
N VAL A 343 -27.56 -3.13 -27.11
CA VAL A 343 -26.88 -2.18 -26.26
C VAL A 343 -27.30 -0.76 -26.61
N TYR A 344 -27.71 0.01 -25.61
CA TYR A 344 -27.99 1.42 -25.81
C TYR A 344 -26.78 2.26 -25.42
N SER A 345 -26.28 3.05 -26.38
CA SER A 345 -25.16 3.96 -26.12
C SER A 345 -25.68 5.35 -25.77
N MET A 346 -25.38 5.80 -24.55
CA MET A 346 -25.79 7.14 -24.13
C MET A 346 -25.09 8.24 -24.92
N ALA A 347 -23.83 8.01 -25.28
CA ALA A 347 -23.05 9.00 -26.03
C ALA A 347 -23.72 9.33 -27.37
N ARG A 348 -24.02 8.29 -28.15
CA ARG A 348 -24.61 8.42 -29.47
C ARG A 348 -26.14 8.45 -29.40
N GLU A 349 -26.69 8.06 -28.24
CA GLU A 349 -28.14 7.99 -28.07
C GLU A 349 -28.81 7.08 -29.09
N GLU A 350 -28.23 5.91 -29.30
CA GLU A 350 -28.76 4.93 -30.23
C GLU A 350 -28.41 3.49 -29.80
N SER A 351 -29.22 2.55 -30.23
CA SER A 351 -29.01 1.14 -29.91
C SER A 351 -28.28 0.44 -31.03
N TYR A 352 -27.63 -0.66 -30.69
CA TYR A 352 -27.00 -1.50 -31.69
C TYR A 352 -26.88 -2.89 -31.11
N ASP A 353 -26.56 -3.85 -31.97
CA ASP A 353 -26.51 -5.24 -31.57
C ASP A 353 -25.10 -5.76 -31.39
N LEU A 354 -24.95 -6.66 -30.41
CA LEU A 354 -23.67 -7.22 -30.07
C LEU A 354 -23.90 -8.73 -30.01
N ASP A 355 -23.20 -9.49 -30.85
CA ASP A 355 -23.32 -10.93 -30.86
C ASP A 355 -22.26 -11.61 -29.99
N VAL A 356 -22.74 -12.42 -29.05
CA VAL A 356 -21.87 -13.16 -28.15
C VAL A 356 -22.44 -14.55 -27.96
N ASP A 357 -21.72 -15.40 -27.21
CA ASP A 357 -22.23 -16.72 -26.85
C ASP A 357 -23.17 -16.63 -25.64
N VAL A 358 -22.75 -15.87 -24.63
CA VAL A 358 -23.49 -15.75 -23.38
C VAL A 358 -23.54 -14.29 -22.91
N LEU A 359 -24.70 -13.91 -22.36
CA LEU A 359 -24.87 -12.63 -21.68
C LEU A 359 -24.96 -12.88 -20.18
N VAL A 360 -24.04 -12.32 -19.40
CA VAL A 360 -24.14 -12.39 -17.94
C VAL A 360 -24.61 -11.03 -17.42
N CYS A 361 -25.73 -11.02 -16.70
CA CYS A 361 -26.24 -9.80 -16.10
C CYS A 361 -25.82 -9.70 -14.63
N ALA A 362 -24.85 -8.84 -14.37
CA ALA A 362 -24.38 -8.61 -13.00
C ALA A 362 -25.03 -7.31 -12.58
N THR A 363 -26.35 -7.30 -12.64
CA THR A 363 -27.12 -6.07 -12.49
C THR A 363 -27.76 -5.92 -11.12
N GLY A 364 -27.23 -6.66 -10.14
CA GLY A 364 -27.59 -6.46 -8.75
C GLY A 364 -28.82 -7.18 -8.23
N TYR A 365 -29.30 -6.74 -7.07
CA TYR A 365 -30.35 -7.44 -6.35
C TYR A 365 -31.35 -6.43 -5.81
N ASP A 366 -32.58 -6.90 -5.58
CA ASP A 366 -33.57 -6.12 -4.87
C ASP A 366 -33.59 -6.62 -3.43
N PRO A 367 -33.96 -5.73 -2.49
CA PRO A 367 -33.92 -6.09 -1.07
C PRO A 367 -34.91 -7.18 -0.72
N MET A 368 -34.68 -7.81 0.43
CA MET A 368 -35.62 -8.76 1.01
C MET A 368 -36.97 -8.06 1.24
N ASP A 369 -38.05 -8.72 0.89
CA ASP A 369 -39.36 -8.21 1.23
C ASP A 369 -40.23 -9.27 1.89
N PRO A 370 -40.60 -9.04 3.14
CA PRO A 370 -41.35 -10.01 3.94
C PRO A 370 -42.80 -10.17 3.48
N GLY A 371 -43.28 -9.23 2.65
CA GLY A 371 -44.67 -9.20 2.20
C GLY A 371 -45.22 -10.51 1.68
N ASP A 372 -44.50 -11.13 0.77
CA ASP A 372 -44.99 -12.33 0.16
C ASP A 372 -45.25 -13.46 1.17
N LEU A 373 -44.29 -13.71 2.05
CA LEU A 373 -44.45 -14.77 3.06
C LEU A 373 -45.45 -14.44 4.16
N LEU A 374 -45.79 -13.16 4.33
CA LEU A 374 -46.70 -12.75 5.39
C LEU A 374 -48.16 -13.00 5.06
N GLY A 375 -48.51 -12.85 3.78
CA GLY A 375 -49.87 -13.09 3.33
C GLY A 375 -50.92 -12.37 4.16
N GLU A 376 -51.73 -13.15 4.86
CA GLU A 376 -52.82 -12.60 5.66
C GLU A 376 -52.35 -11.64 6.75
N LEU A 377 -51.20 -11.92 7.34
CA LEU A 377 -50.69 -11.11 8.44
C LEU A 377 -50.36 -9.68 7.99
N ALA A 378 -50.11 -9.50 6.71
CA ALA A 378 -49.73 -8.24 6.14
C ALA A 378 -50.70 -7.12 6.26
N GLU A 379 -51.96 -7.44 6.47
CA GLU A 379 -52.98 -6.45 6.69
C GLU A 379 -52.81 -5.69 7.98
N HIS A 380 -52.35 -6.37 9.00
CA HIS A 380 -52.06 -5.80 10.29
C HIS A 380 -50.71 -5.19 10.44
N CYS A 381 -49.92 -5.30 9.44
CA CYS A 381 -48.61 -4.64 9.40
C CYS A 381 -48.74 -3.22 8.87
N VAL A 382 -48.15 -2.28 9.60
CA VAL A 382 -48.31 -0.87 9.28
C VAL A 382 -47.27 -0.37 8.27
N GLN A 383 -47.74 0.31 7.23
CA GLN A 383 -46.85 0.91 6.26
C GLN A 383 -46.62 2.39 6.52
N ASP A 384 -45.58 2.93 5.88
CA ASP A 384 -45.28 4.36 5.99
C ASP A 384 -45.85 5.10 4.78
N ALA A 385 -45.56 6.40 4.71
CA ALA A 385 -46.05 7.26 3.62
C ALA A 385 -45.68 6.69 2.24
N GLU A 386 -44.44 6.25 2.12
CA GLU A 386 -43.90 5.74 0.86
C GLU A 386 -44.37 4.30 0.54
N GLY A 387 -45.19 3.72 1.43
CA GLY A 387 -45.72 2.37 1.23
C GLY A 387 -44.80 1.23 1.66
N ARG A 388 -43.77 1.51 2.46
CA ARG A 388 -42.83 0.51 2.90
C ARG A 388 -43.16 0.12 4.32
N TRP A 389 -42.69 -1.01 4.78
CA TRP A 389 -43.00 -1.50 6.12
C TRP A 389 -42.38 -0.62 7.20
N GLN A 390 -43.17 -0.25 8.20
CA GLN A 390 -42.63 0.39 9.37
C GLN A 390 -41.96 -0.66 10.25
N VAL A 391 -40.78 -0.33 10.76
CA VAL A 391 -40.03 -1.24 11.61
C VAL A 391 -39.48 -0.50 12.83
N ASP A 392 -39.57 -1.14 14.00
CA ASP A 392 -39.03 -0.57 15.22
C ASP A 392 -37.50 -0.69 15.27
N ARG A 393 -36.88 0.05 16.17
CA ARG A 393 -35.43 0.01 16.31
C ARG A 393 -34.92 -1.42 16.51
N ASP A 394 -35.69 -2.26 17.19
CA ASP A 394 -35.28 -3.64 17.48
C ASP A 394 -35.64 -4.63 16.36
N TYR A 395 -35.90 -4.10 15.15
CA TYR A 395 -36.06 -4.91 13.94
C TYR A 395 -37.40 -5.62 13.88
N ARG A 396 -38.31 -5.21 14.76
CA ARG A 396 -39.64 -5.80 14.83
C ARG A 396 -40.64 -4.96 14.05
N MET A 397 -41.32 -5.59 13.10
CA MET A 397 -42.31 -4.90 12.27
C MET A 397 -43.37 -4.29 13.16
N VAL A 398 -43.77 -3.07 12.83
CA VAL A 398 -44.86 -2.39 13.53
C VAL A 398 -46.20 -2.96 13.08
N THR A 399 -47.00 -3.44 14.03
CA THR A 399 -48.33 -3.97 13.73
C THR A 399 -49.44 -3.26 14.51
N THR A 400 -50.68 -3.49 14.07
CA THR A 400 -51.85 -3.09 14.84
C THR A 400 -52.02 -3.98 16.05
N PRO A 401 -52.90 -3.57 16.92
CA PRO A 401 -53.18 -4.31 18.12
C PRO A 401 -53.71 -5.70 17.82
N ASP A 402 -54.11 -5.92 16.59
CA ASP A 402 -54.59 -7.19 16.12
C ASP A 402 -53.56 -8.29 16.11
N LEU A 403 -52.30 -7.95 16.03
CA LEU A 403 -51.16 -8.83 16.09
C LEU A 403 -50.31 -8.56 17.29
N ARG A 404 -50.14 -9.56 18.14
CA ARG A 404 -49.32 -9.41 19.35
C ARG A 404 -48.00 -10.17 19.23
N CYS A 405 -47.90 -11.04 18.24
CA CYS A 405 -46.70 -11.84 18.04
C CYS A 405 -45.64 -11.02 17.29
N GLY A 406 -44.37 -11.32 17.55
CA GLY A 406 -43.26 -10.58 16.98
C GLY A 406 -42.81 -11.04 15.59
N ILE A 407 -42.79 -10.11 14.65
CA ILE A 407 -42.23 -10.35 13.32
C ILE A 407 -40.97 -9.50 13.12
N TYR A 408 -39.81 -10.18 13.10
CA TYR A 408 -38.52 -9.50 13.00
C TYR A 408 -37.89 -9.69 11.63
N LEU A 409 -37.27 -8.62 11.14
CA LEU A 409 -36.65 -8.62 9.82
C LEU A 409 -35.11 -8.54 9.91
N GLN A 410 -34.43 -9.52 9.36
CA GLN A 410 -32.98 -9.40 9.11
C GLN A 410 -32.81 -9.35 7.59
N GLY A 411 -32.64 -8.13 7.09
CA GLY A 411 -32.82 -7.83 5.68
C GLY A 411 -34.07 -6.98 5.51
N GLY A 412 -34.17 -6.28 4.37
CA GLY A 412 -35.36 -5.50 4.08
C GLY A 412 -35.58 -4.27 4.97
N THR A 413 -34.52 -3.84 5.65
CA THR A 413 -34.60 -2.69 6.54
C THR A 413 -33.69 -1.55 6.12
N GLU A 414 -33.39 -1.48 4.83
CA GLU A 414 -32.53 -0.42 4.31
C GLU A 414 -33.14 0.98 4.46
N HIS A 415 -34.46 1.05 4.54
CA HIS A 415 -35.15 2.33 4.64
C HIS A 415 -35.30 2.80 6.08
N THR A 416 -35.18 1.88 7.03
CA THR A 416 -35.36 2.22 8.45
C THR A 416 -34.05 2.18 9.24
N HIS A 417 -33.17 1.27 8.87
CA HIS A 417 -31.96 1.03 9.65
C HIS A 417 -30.65 1.32 8.90
N GLY A 418 -30.73 1.50 7.58
CA GLY A 418 -29.57 1.94 6.82
C GLY A 418 -28.84 0.86 6.02
N LEU A 419 -27.70 1.26 5.45
CA LEU A 419 -26.97 0.45 4.47
C LEU A 419 -26.41 -0.87 4.98
N SER A 420 -26.31 -1.03 6.29
CA SER A 420 -25.75 -2.26 6.84
C SER A 420 -26.76 -3.39 6.91
N SER A 421 -28.02 -3.08 6.63
CA SER A 421 -29.12 -4.01 6.88
C SER A 421 -29.04 -5.36 6.15
N SER A 422 -28.37 -5.37 5.00
CA SER A 422 -28.32 -6.58 4.20
C SER A 422 -26.90 -7.09 4.12
N LEU A 423 -26.02 -6.51 4.93
CA LEU A 423 -24.59 -6.84 4.91
C LEU A 423 -24.19 -7.70 6.10
N LEU A 424 -22.93 -8.15 6.08
CA LEU A 424 -22.35 -8.88 7.19
C LEU A 424 -21.84 -7.94 8.28
N SER A 425 -21.86 -6.63 7.99
CA SER A 425 -21.25 -5.62 8.86
C SER A 425 -21.72 -5.65 10.32
N ASN A 426 -22.97 -6.00 10.54
CA ASN A 426 -23.57 -5.80 11.85
C ASN A 426 -24.36 -7.00 12.34
N LEU A 427 -24.01 -8.19 11.86
CA LEU A 427 -24.70 -9.41 12.26
C LEU A 427 -24.70 -9.58 13.79
N ALA A 428 -23.53 -9.36 14.40
CA ALA A 428 -23.37 -9.66 15.83
C ALA A 428 -24.32 -8.80 16.68
N THR A 429 -24.39 -7.51 16.37
CA THR A 429 -25.18 -6.59 17.16
C THR A 429 -26.68 -6.73 16.91
N ARG A 430 -27.08 -6.85 15.65
CA ARG A 430 -28.49 -7.01 15.33
C ARG A 430 -29.07 -8.28 15.95
N SER A 431 -28.38 -9.40 15.74
CA SER A 431 -28.86 -10.67 16.26
C SER A 431 -29.04 -10.59 17.79
N GLY A 432 -28.08 -9.95 18.48
CA GLY A 432 -28.18 -9.79 19.91
C GLY A 432 -29.37 -8.95 20.32
N GLU A 433 -29.63 -7.89 19.55
CA GLU A 433 -30.73 -6.99 19.88
C GLU A 433 -32.08 -7.68 19.71
N ILE A 434 -32.15 -8.60 18.75
CA ILE A 434 -33.39 -9.30 18.47
C ILE A 434 -33.69 -10.31 19.56
N VAL A 435 -32.66 -11.05 19.97
CA VAL A 435 -32.78 -11.99 21.07
C VAL A 435 -33.21 -11.29 22.34
N SER A 436 -32.56 -10.16 22.64
CA SER A 436 -32.93 -9.34 23.79
C SER A 436 -34.38 -8.88 23.72
N SER A 437 -34.79 -8.39 22.56
CA SER A 437 -36.16 -7.95 22.34
C SER A 437 -37.13 -9.09 22.64
N ILE A 438 -36.86 -10.26 22.09
CA ILE A 438 -37.72 -11.41 22.32
C ILE A 438 -37.79 -11.80 23.80
N GLU A 439 -36.64 -11.82 24.47
CA GLU A 439 -36.58 -12.16 25.90
C GLU A 439 -37.38 -11.14 26.72
N ARG A 440 -37.30 -9.89 26.33
CA ARG A 440 -37.92 -8.78 27.03
C ARG A 440 -39.45 -8.79 26.92
N ARG A 441 -39.94 -9.23 25.76
CA ARG A 441 -41.37 -9.29 25.52
C ARG A 441 -41.98 -10.50 26.21
N LYS A 442 -41.28 -11.60 26.15
CA LYS A 442 -41.67 -12.79 26.82
C LYS A 442 -41.90 -12.46 28.27
N SER A 443 -41.20 -11.45 28.74
CA SER A 443 -41.14 -11.07 30.12
C SER A 443 -42.15 -10.00 30.57
N PRO B 29 4.92 -20.99 53.99
CA PRO B 29 4.02 -21.06 52.83
C PRO B 29 4.81 -21.14 51.52
N THR B 30 4.95 -22.33 50.97
CA THR B 30 5.77 -22.52 49.78
C THR B 30 4.95 -22.45 48.49
N HIS B 31 5.32 -21.49 47.62
CA HIS B 31 4.65 -21.31 46.33
C HIS B 31 5.08 -22.32 45.28
N ASP B 32 4.12 -22.75 44.46
CA ASP B 32 4.44 -23.56 43.29
C ASP B 32 5.40 -22.82 42.37
N VAL B 33 5.14 -21.53 42.17
CA VAL B 33 5.99 -20.74 41.27
C VAL B 33 6.07 -19.28 41.71
N VAL B 34 7.29 -18.73 41.66
CA VAL B 34 7.49 -17.30 41.84
C VAL B 34 8.01 -16.68 40.55
N GLY B 35 7.43 -15.54 40.16
CA GLY B 35 7.86 -14.84 38.96
C GLY B 35 8.71 -13.63 39.30
N VAL B 36 9.91 -13.57 38.75
CA VAL B 36 10.78 -12.41 38.94
C VAL B 36 10.62 -11.46 37.75
N GLY B 37 10.18 -10.24 38.04
CA GLY B 37 9.90 -9.23 37.02
C GLY B 37 8.44 -9.31 36.57
N PHE B 38 7.84 -8.17 36.30
CA PHE B 38 6.48 -8.18 35.76
C PHE B 38 6.32 -7.34 34.47
N GLY B 39 6.97 -7.81 33.41
CA GLY B 39 6.77 -7.31 32.07
C GLY B 39 5.71 -8.16 31.37
N PRO B 40 5.54 -7.95 30.06
CA PRO B 40 4.55 -8.71 29.27
C PRO B 40 4.75 -10.22 29.41
N ALA B 41 6.01 -10.68 29.49
CA ALA B 41 6.28 -12.11 29.64
C ALA B 41 5.64 -12.72 30.91
N ASN B 42 6.02 -12.21 32.08
CA ASN B 42 5.39 -12.72 33.31
C ASN B 42 3.90 -12.38 33.45
N LEU B 43 3.47 -11.26 32.87
CA LEU B 43 2.04 -10.98 32.80
C LEU B 43 1.32 -12.11 32.02
N SER B 44 1.86 -12.53 30.89
CA SER B 44 1.24 -13.61 30.12
C SER B 44 1.31 -14.91 30.90
N LEU B 45 2.37 -15.07 31.71
CA LEU B 45 2.45 -16.21 32.62
C LEU B 45 1.31 -16.17 33.66
N ALA B 46 1.10 -15.00 34.27
CA ALA B 46 0.01 -14.84 35.21
C ALA B 46 -1.34 -15.19 34.55
N VAL B 47 -1.55 -14.72 33.32
CA VAL B 47 -2.77 -15.03 32.58
C VAL B 47 -2.90 -16.54 32.34
N ALA B 48 -1.81 -17.16 31.91
CA ALA B 48 -1.81 -18.61 31.72
C ALA B 48 -2.13 -19.37 33.01
N LEU B 49 -1.58 -18.88 34.13
CA LEU B 49 -1.86 -19.51 35.43
C LEU B 49 -3.35 -19.43 35.76
N GLU B 50 -3.93 -18.24 35.63
CA GLU B 50 -5.35 -18.03 35.92
C GLU B 50 -6.25 -18.88 35.02
N GLU B 51 -5.90 -18.98 33.74
CA GLU B 51 -6.74 -19.69 32.77
C GLU B 51 -6.59 -21.20 32.90
N SER B 52 -5.48 -21.64 33.48
CA SER B 52 -5.26 -23.06 33.65
C SER B 52 -6.20 -23.62 34.71
N PRO B 53 -6.76 -24.82 34.47
CA PRO B 53 -7.55 -25.54 35.48
C PRO B 53 -6.69 -25.94 36.70
N ALA B 54 -5.40 -26.16 36.49
CA ALA B 54 -4.47 -26.47 37.57
C ALA B 54 -4.48 -25.43 38.69
N ALA B 55 -4.51 -25.92 39.92
CA ALA B 55 -4.44 -25.06 41.08
C ALA B 55 -2.97 -24.89 41.47
N LEU B 56 -2.41 -23.77 41.05
CA LEU B 56 -1.03 -23.48 41.31
C LEU B 56 -0.97 -22.19 42.08
N THR B 57 -0.13 -22.15 43.10
CA THR B 57 0.06 -20.94 43.87
C THR B 57 1.23 -20.16 43.28
N SER B 58 1.13 -18.84 43.27
CA SER B 58 2.17 -18.04 42.66
C SER B 58 2.35 -16.71 43.38
N ALA B 59 3.50 -16.08 43.18
CA ALA B 59 3.73 -14.70 43.56
C ALA B 59 4.62 -14.06 42.52
N PHE B 60 4.34 -12.80 42.19
CA PHE B 60 5.15 -12.08 41.20
C PHE B 60 5.75 -10.84 41.84
N PHE B 61 6.99 -10.55 41.48
CA PHE B 61 7.70 -9.39 42.03
C PHE B 61 8.26 -8.48 40.97
N GLU B 62 7.84 -7.21 41.02
CA GLU B 62 8.30 -6.19 40.07
C GLU B 62 8.95 -5.07 40.87
N ARG B 63 10.12 -4.63 40.43
CA ARG B 63 10.84 -3.61 41.19
C ARG B 63 10.28 -2.19 40.97
N ARG B 64 9.70 -1.93 39.82
CA ARG B 64 9.07 -0.70 39.49
C ARG B 64 7.76 -0.52 40.27
N ALA B 65 7.24 0.71 40.35
CA ALA B 65 5.99 0.95 41.08
C ALA B 65 4.78 0.29 40.40
N SER B 66 4.85 0.17 39.07
CA SER B 66 3.78 -0.42 38.27
C SER B 66 4.39 -1.00 37.01
N ILE B 67 3.58 -1.63 36.16
CA ILE B 67 4.06 -2.08 34.87
C ILE B 67 4.67 -0.88 34.14
N SER B 68 5.84 -1.09 33.57
CA SER B 68 6.55 -0.01 32.90
C SER B 68 7.24 -0.60 31.67
N TRP B 69 6.59 -0.48 30.51
CA TRP B 69 7.04 -1.20 29.33
C TRP B 69 7.77 -0.27 28.36
N HIS B 70 9.09 -0.17 28.53
CA HIS B 70 9.94 0.73 27.75
C HIS B 70 9.35 2.14 27.64
N GLN B 71 9.08 2.75 28.78
CA GLN B 71 8.44 4.06 28.77
C GLN B 71 9.36 5.15 28.26
N GLY B 72 10.67 4.95 28.45
CA GLY B 72 11.65 5.89 27.93
C GLY B 72 11.58 6.04 26.42
N MET B 73 10.93 5.07 25.75
CA MET B 73 10.79 5.10 24.30
C MET B 73 9.34 5.20 23.83
N LEU B 74 8.44 5.55 24.74
CA LEU B 74 7.04 5.75 24.37
C LEU B 74 6.86 7.06 23.62
N LEU B 75 7.44 7.14 22.43
CA LEU B 75 7.31 8.33 21.59
C LEU B 75 5.91 8.42 21.00
N PRO B 76 5.46 9.66 20.74
CA PRO B 76 4.14 10.01 20.21
C PRO B 76 3.71 9.11 19.04
N ALA B 77 4.59 8.87 18.09
CA ALA B 77 4.16 8.15 16.90
C ALA B 77 4.38 6.63 16.97
N ALA B 78 5.06 6.17 18.02
CA ALA B 78 5.57 4.79 18.03
C ALA B 78 4.48 3.70 17.88
N LYS B 79 4.73 2.79 16.94
CA LYS B 79 3.82 1.70 16.63
C LYS B 79 4.36 0.36 17.14
N MET B 80 3.45 -0.55 17.48
CA MET B 80 3.82 -1.93 17.76
C MET B 80 4.50 -2.54 16.53
N GLN B 81 5.44 -3.45 16.78
CA GLN B 81 6.11 -4.16 15.70
C GLN B 81 5.55 -5.57 15.61
N VAL B 82 4.42 -5.79 16.27
CA VAL B 82 3.79 -7.09 16.29
C VAL B 82 2.29 -6.94 16.11
N SER B 83 1.68 -7.83 15.33
CA SER B 83 0.23 -7.82 15.08
C SER B 83 -0.57 -7.89 16.41
N PHE B 84 -1.72 -7.23 16.45
CA PHE B 84 -2.57 -7.28 17.66
C PHE B 84 -3.01 -8.69 18.02
N LEU B 85 -3.03 -9.61 17.06
CA LEU B 85 -3.38 -11.02 17.35
C LEU B 85 -2.31 -11.71 18.21
N LYS B 86 -1.12 -11.14 18.23
CA LYS B 86 -0.05 -11.67 19.06
C LYS B 86 -0.06 -10.93 20.40
N ASP B 87 -0.98 -11.32 21.28
CA ASP B 87 -1.18 -10.60 22.52
C ASP B 87 -0.80 -11.51 23.68
N LEU B 88 -1.44 -11.33 24.83
CA LEU B 88 -1.12 -12.15 25.99
C LEU B 88 -1.56 -13.63 25.91
N ALA B 89 -2.54 -13.95 25.07
CA ALA B 89 -3.13 -15.30 25.15
C ALA B 89 -3.68 -15.90 23.86
N THR B 90 -3.99 -15.06 22.88
CA THR B 90 -4.83 -15.45 21.74
C THR B 90 -4.40 -16.69 20.95
N PHE B 91 -3.09 -16.86 20.72
CA PHE B 91 -2.59 -18.02 19.97
C PHE B 91 -2.76 -19.32 20.73
N ARG B 92 -2.85 -19.22 22.07
CA ARG B 92 -3.08 -20.38 22.91
C ARG B 92 -4.58 -20.59 23.11
N ASN B 93 -5.26 -19.49 23.43
CA ASN B 93 -6.68 -19.51 23.76
C ASN B 93 -7.37 -18.43 22.93
N PRO B 94 -8.04 -18.83 21.84
CA PRO B 94 -8.65 -17.87 20.90
C PRO B 94 -9.87 -17.12 21.46
N ALA B 95 -10.32 -17.46 22.68
CA ALA B 95 -11.44 -16.75 23.27
C ALA B 95 -11.12 -16.29 24.69
N SER B 96 -9.96 -15.69 24.88
CA SER B 96 -9.48 -15.30 26.20
C SER B 96 -10.09 -13.97 26.60
N ARG B 97 -10.40 -13.84 27.89
CA ARG B 97 -10.90 -12.60 28.44
C ARG B 97 -9.77 -11.59 28.51
N PHE B 98 -8.53 -12.04 28.29
CA PHE B 98 -7.39 -11.14 28.31
C PHE B 98 -6.85 -10.77 26.93
N SER B 99 -7.61 -11.11 25.88
CA SER B 99 -7.18 -10.82 24.51
C SER B 99 -7.23 -9.32 24.25
N PHE B 100 -6.44 -8.86 23.29
CA PHE B 100 -6.47 -7.48 22.86
C PHE B 100 -7.86 -7.07 22.35
N VAL B 101 -8.53 -8.02 21.69
CA VAL B 101 -9.89 -7.78 21.21
C VAL B 101 -10.86 -7.55 22.39
N SER B 102 -10.73 -8.35 23.46
CA SER B 102 -11.52 -8.13 24.67
C SER B 102 -11.25 -6.75 25.27
N PHE B 103 -9.98 -6.39 25.35
CA PHE B 103 -9.58 -5.05 25.77
C PHE B 103 -10.25 -3.94 24.94
N LEU B 104 -10.10 -4.00 23.62
CA LEU B 104 -10.75 -3.01 22.75
C LEU B 104 -12.25 -2.94 23.03
N HIS B 105 -12.86 -4.11 23.19
CA HIS B 105 -14.30 -4.16 23.42
C HIS B 105 -14.69 -3.44 24.70
N GLU B 106 -13.99 -3.74 25.79
CA GLU B 106 -14.22 -3.09 27.07
C GLU B 106 -14.03 -1.58 26.98
N ARG B 107 -12.99 -1.16 26.27
CA ARG B 107 -12.70 0.26 26.10
C ARG B 107 -13.65 0.93 25.10
N GLY B 108 -14.57 0.18 24.52
CA GLY B 108 -15.44 0.75 23.50
C GLY B 108 -14.70 1.30 22.28
N ARG B 109 -13.63 0.61 21.90
CA ARG B 109 -12.83 1.02 20.76
C ARG B 109 -12.61 -0.10 19.73
N LEU B 110 -13.34 -1.19 19.87
CA LEU B 110 -13.23 -2.32 18.92
C LEU B 110 -13.67 -1.92 17.51
N VAL B 111 -14.84 -1.29 17.40
CA VAL B 111 -15.39 -0.88 16.11
C VAL B 111 -14.49 0.16 15.46
N ARG B 112 -14.05 1.12 16.25
CA ARG B 112 -13.17 2.17 15.77
C ARG B 112 -11.86 1.59 15.25
N PHE B 113 -11.27 0.69 16.04
CA PHE B 113 -10.02 0.05 15.65
C PHE B 113 -10.22 -0.73 14.35
N ALA B 114 -11.30 -1.51 14.26
CA ALA B 114 -11.59 -2.28 13.06
C ALA B 114 -11.69 -1.39 11.81
N ASN B 115 -12.24 -0.19 11.97
CA ASN B 115 -12.43 0.71 10.84
C ASN B 115 -11.09 1.20 10.29
N ASN B 116 -10.09 1.21 11.17
CA ASN B 116 -8.75 1.65 10.80
C ASN B 116 -8.02 0.64 9.90
N HIS B 117 -8.43 -0.63 9.96
CA HIS B 117 -7.80 -1.71 9.18
C HIS B 117 -6.27 -1.78 9.30
N ASP B 118 -5.75 -1.63 10.52
CA ASP B 118 -4.33 -1.69 10.78
C ASP B 118 -4.07 -2.75 11.84
N PHE B 119 -3.19 -3.72 11.56
CA PHE B 119 -2.90 -4.78 12.54
C PHE B 119 -2.02 -4.33 13.70
N PHE B 120 -1.39 -3.18 13.53
CA PHE B 120 -0.40 -2.69 14.48
C PHE B 120 -0.92 -1.54 15.30
N PRO B 121 -1.21 -1.80 16.59
CA PRO B 121 -1.68 -0.75 17.50
C PRO B 121 -0.50 0.17 17.80
N THR B 122 -0.75 1.32 18.42
CA THR B 122 0.35 2.15 18.90
C THR B 122 0.94 1.51 20.15
N ARG B 123 2.19 1.85 20.45
CA ARG B 123 2.84 1.36 21.67
C ARG B 123 2.11 1.88 22.89
N ARG B 124 1.60 3.09 22.80
CA ARG B 124 0.83 3.67 23.86
C ARG B 124 -0.44 2.90 24.16
N GLU B 125 -1.15 2.52 23.14
CA GLU B 125 -2.36 1.72 23.38
C GLU B 125 -2.00 0.36 23.97
N PHE B 126 -0.92 -0.24 23.47
CA PHE B 126 -0.54 -1.55 23.95
C PHE B 126 -0.17 -1.47 25.43
N HIS B 127 0.45 -0.35 25.82
CA HIS B 127 0.78 -0.15 27.22
C HIS B 127 -0.50 -0.14 28.09
N ASP B 128 -1.51 0.58 27.66
CA ASP B 128 -2.80 0.52 28.30
C ASP B 128 -3.35 -0.86 28.35
N TYR B 129 -3.20 -1.61 27.29
CA TYR B 129 -3.61 -3.01 27.26
C TYR B 129 -2.96 -3.81 28.39
N LEU B 130 -1.65 -3.63 28.56
CA LEU B 130 -0.94 -4.34 29.62
C LEU B 130 -1.48 -3.98 31.01
N GLU B 131 -1.69 -2.70 31.25
CA GLU B 131 -2.23 -2.24 32.53
C GLU B 131 -3.63 -2.80 32.75
N TRP B 132 -4.47 -2.71 31.72
CA TRP B 132 -5.83 -3.25 31.76
C TRP B 132 -5.83 -4.73 32.13
N ALA B 133 -4.91 -5.49 31.54
CA ALA B 133 -4.89 -6.94 31.73
C ALA B 133 -4.44 -7.25 33.14
N GLU B 134 -3.45 -6.49 33.60
CA GLU B 134 -2.95 -6.65 34.96
C GLU B 134 -4.07 -6.40 35.99
N SER B 135 -4.88 -5.36 35.76
CA SER B 135 -6.00 -5.04 36.65
C SER B 135 -7.07 -6.12 36.69
N LYS B 136 -7.39 -6.68 35.55
CA LYS B 136 -8.38 -7.71 35.40
C LYS B 136 -7.93 -8.99 36.06
N LEU B 137 -6.64 -9.14 36.16
CA LEU B 137 -6.03 -10.31 36.76
C LEU B 137 -6.46 -10.48 38.22
N ALA B 138 -6.88 -11.67 38.57
CA ALA B 138 -7.28 -11.97 39.95
C ALA B 138 -6.11 -11.77 40.92
N HIS B 139 -4.98 -12.41 40.62
CA HIS B 139 -3.75 -12.30 41.42
C HIS B 139 -3.28 -10.87 41.60
N GLU B 140 -2.68 -10.59 42.71
CA GLU B 140 -2.12 -9.30 42.90
C GLU B 140 -0.63 -9.28 42.91
N VAL B 141 -0.12 -8.47 42.04
CA VAL B 141 1.32 -8.40 41.86
C VAL B 141 1.95 -7.57 42.98
N SER B 142 3.14 -7.97 43.43
CA SER B 142 3.89 -7.18 44.40
C SER B 142 4.84 -6.19 43.70
N TYR B 143 4.51 -4.89 43.75
CA TYR B 143 5.35 -3.85 43.14
C TYR B 143 6.37 -3.26 44.13
N ASP B 144 7.27 -2.42 43.62
CA ASP B 144 8.33 -1.85 44.47
C ASP B 144 9.06 -2.96 45.23
N SER B 145 9.21 -4.10 44.56
CA SER B 145 9.80 -5.29 45.16
C SER B 145 10.93 -5.82 44.27
N GLU B 146 12.16 -5.51 44.62
CA GLU B 146 13.29 -5.97 43.83
C GLU B 146 13.79 -7.32 44.34
N VAL B 147 13.85 -8.31 43.45
CA VAL B 147 14.46 -9.58 43.80
C VAL B 147 15.97 -9.38 43.73
N THR B 148 16.62 -9.51 44.88
CA THR B 148 18.05 -9.23 44.98
C THR B 148 18.87 -10.50 44.86
N ALA B 149 18.24 -11.63 45.17
CA ALA B 149 18.96 -12.89 45.07
C ALA B 149 18.05 -14.10 45.12
N ILE B 150 18.51 -15.17 44.48
CA ILE B 150 17.86 -16.46 44.61
C ILE B 150 18.84 -17.46 45.24
N ARG B 151 18.44 -18.06 46.35
CA ARG B 151 19.29 -18.95 47.10
C ARG B 151 18.64 -20.32 47.21
N PRO B 152 19.46 -21.37 47.39
CA PRO B 152 18.93 -22.73 47.54
C PRO B 152 18.13 -22.89 48.83
N GLY B 153 17.02 -23.61 48.76
CA GLY B 153 16.27 -23.93 49.97
C GLY B 153 16.95 -25.07 50.71
N PRO B 154 16.40 -25.44 51.88
CA PRO B 154 17.01 -26.46 52.73
C PRO B 154 16.97 -27.84 52.10
N GLY B 155 17.87 -28.73 52.52
CA GLY B 155 17.83 -30.10 52.07
C GLY B 155 18.74 -30.40 50.89
N ARG B 156 18.97 -31.67 50.65
CA ARG B 156 19.72 -32.13 49.49
C ARG B 156 19.11 -33.44 49.06
N PRO B 157 18.61 -33.51 47.82
CA PRO B 157 18.74 -32.45 46.82
C PRO B 157 17.85 -31.25 47.15
N VAL B 158 18.15 -30.11 46.51
CA VAL B 158 17.39 -28.89 46.73
C VAL B 158 16.04 -29.01 46.03
N ASP B 159 14.97 -28.87 46.80
CA ASP B 159 13.62 -29.03 46.27
C ASP B 159 12.86 -27.71 46.20
N SER B 160 13.49 -26.65 46.69
CA SER B 160 12.89 -25.32 46.70
C SER B 160 13.97 -24.26 46.64
N VAL B 161 13.59 -23.06 46.21
CA VAL B 161 14.53 -21.93 46.25
C VAL B 161 14.02 -20.87 47.21
N LEU B 162 14.94 -20.04 47.68
CA LEU B 162 14.63 -18.93 48.57
C LEU B 162 14.82 -17.63 47.81
N VAL B 163 13.77 -16.83 47.72
CA VAL B 163 13.80 -15.61 46.93
C VAL B 163 13.85 -14.39 47.85
N ASP B 164 14.94 -13.64 47.75
CA ASP B 164 15.14 -12.46 48.58
C ASP B 164 14.55 -11.23 47.89
N VAL B 165 13.56 -10.64 48.54
CA VAL B 165 12.85 -9.50 48.02
C VAL B 165 13.10 -8.27 48.88
N SER B 166 13.51 -7.19 48.25
CA SER B 166 13.81 -5.96 48.97
C SER B 166 12.84 -4.83 48.63
N THR B 167 11.90 -4.57 49.53
CA THR B 167 10.96 -3.47 49.37
C THR B 167 11.56 -2.16 49.91
N PRO B 168 10.83 -1.04 49.79
CA PRO B 168 11.34 0.23 50.29
C PRO B 168 11.45 0.22 51.82
N GLU B 169 10.44 -0.37 52.46
CA GLU B 169 10.42 -0.53 53.92
C GLU B 169 11.40 -1.62 54.37
N ALA B 170 11.00 -2.88 54.20
CA ALA B 170 11.77 -4.02 54.71
C ALA B 170 12.41 -4.90 53.62
N THR B 171 12.96 -6.03 54.07
CA THR B 171 13.38 -7.10 53.17
C THR B 171 12.75 -8.38 53.68
N ARG B 172 12.48 -9.30 52.76
CA ARG B 172 11.93 -10.58 53.09
C ARG B 172 12.33 -11.71 52.16
N THR B 173 11.87 -12.89 52.47
CA THR B 173 12.28 -14.06 51.71
C THR B 173 11.07 -14.95 51.51
N VAL B 174 10.84 -15.38 50.27
CA VAL B 174 9.73 -16.29 49.99
C VAL B 174 10.29 -17.57 49.41
N GLU B 175 9.53 -18.64 49.58
CA GLU B 175 9.99 -19.94 49.15
C GLU B 175 9.13 -20.46 48.01
N ALA B 176 9.77 -21.11 47.05
CA ALA B 176 9.08 -21.59 45.85
C ALA B 176 9.69 -22.88 45.32
N ARG B 177 8.84 -23.71 44.71
CA ARG B 177 9.28 -24.95 44.08
C ARG B 177 9.82 -24.65 42.69
N ASN B 178 9.29 -23.60 42.07
CA ASN B 178 9.75 -23.19 40.75
C ASN B 178 9.90 -21.67 40.70
N ILE B 179 10.79 -21.20 39.85
CA ILE B 179 10.96 -19.79 39.64
C ILE B 179 11.01 -19.50 38.14
N VAL B 180 10.34 -18.41 37.72
CA VAL B 180 10.41 -17.96 36.34
C VAL B 180 11.07 -16.59 36.26
N ILE B 181 12.23 -16.54 35.62
CA ILE B 181 13.00 -15.30 35.52
C ILE B 181 12.70 -14.58 34.20
N SER B 182 12.15 -13.36 34.28
CA SER B 182 11.78 -12.59 33.10
C SER B 182 12.08 -11.13 33.34
N THR B 183 13.37 -10.83 33.49
CA THR B 183 13.81 -9.52 33.97
C THR B 183 14.21 -8.59 32.84
N GLY B 184 14.01 -9.04 31.60
CA GLY B 184 14.19 -8.17 30.45
C GLY B 184 15.61 -7.95 29.99
N LEU B 185 15.74 -7.18 28.90
CA LEU B 185 17.02 -6.91 28.25
C LEU B 185 17.82 -5.91 29.06
N VAL B 186 19.11 -5.79 28.75
CA VAL B 186 19.95 -4.80 29.42
C VAL B 186 20.64 -3.93 28.38
N PRO B 187 20.47 -2.61 28.52
CA PRO B 187 20.96 -1.62 27.55
C PRO B 187 22.44 -1.82 27.26
N ARG B 188 22.79 -1.70 25.98
CA ARG B 188 24.17 -1.84 25.54
C ARG B 188 24.71 -0.56 24.90
N MET B 189 25.71 0.04 25.53
CA MET B 189 26.35 1.25 25.05
C MET B 189 27.50 0.90 24.11
N PRO B 190 27.91 1.85 23.26
CA PRO B 190 29.08 1.61 22.41
C PRO B 190 30.31 1.44 23.28
N ALA B 191 31.27 0.61 22.83
CA ALA B 191 32.51 0.42 23.57
C ALA B 191 33.20 1.76 23.78
N GLY B 192 33.48 2.07 25.04
CA GLY B 192 34.23 3.27 25.35
C GLY B 192 33.37 4.50 25.47
N VAL B 193 32.06 4.30 25.62
CA VAL B 193 31.14 5.40 25.84
C VAL B 193 30.24 5.10 27.03
N GLN B 194 30.23 6.00 28.01
CA GLN B 194 29.44 5.80 29.23
C GLN B 194 28.23 6.72 29.25
N SER B 195 27.11 6.22 29.82
CA SER B 195 25.94 7.06 30.04
C SER B 195 26.38 8.22 30.92
N ASP B 196 25.71 9.36 30.74
CA ASP B 196 26.09 10.57 31.44
C ASP B 196 24.96 11.59 31.33
N GLU B 197 25.21 12.79 31.83
CA GLU B 197 24.19 13.83 31.80
C GLU B 197 23.87 14.22 30.37
N PHE B 198 24.83 14.01 29.47
CA PHE B 198 24.67 14.42 28.07
C PHE B 198 24.89 13.28 27.08
N VAL B 199 25.01 12.07 27.61
CA VAL B 199 25.11 10.87 26.79
C VAL B 199 24.07 9.87 27.30
N TRP B 200 23.01 9.68 26.53
CA TRP B 200 21.90 8.84 26.97
C TRP B 200 21.78 7.59 26.11
N HIS B 201 21.44 6.48 26.73
CA HIS B 201 21.02 5.32 25.96
C HIS B 201 19.56 5.57 25.54
N SER B 202 19.17 5.07 24.37
CA SER B 202 17.82 5.31 23.86
C SER B 202 16.75 4.87 24.86
N SER B 203 17.03 3.82 25.63
CA SER B 203 16.07 3.31 26.59
C SER B 203 15.64 4.37 27.62
N ARG B 204 16.44 5.41 27.77
CA ARG B 204 16.16 6.47 28.73
C ARG B 204 15.99 7.82 28.04
N PHE B 205 15.63 7.79 26.75
CA PHE B 205 15.45 9.00 25.99
C PHE B 205 14.41 9.98 26.56
N LEU B 206 13.18 9.52 26.76
CA LEU B 206 12.14 10.44 27.24
C LEU B 206 12.38 10.85 28.68
N ASP B 207 12.95 9.96 29.49
CA ASP B 207 13.33 10.30 30.86
C ASP B 207 14.15 11.60 30.89
N HIS B 208 15.21 11.65 30.09
CA HIS B 208 16.07 12.83 30.04
C HIS B 208 15.47 14.00 29.29
N PHE B 209 14.81 13.69 28.17
CA PHE B 209 14.34 14.71 27.26
C PHE B 209 13.29 15.64 27.87
N ARG B 210 12.38 15.07 28.66
CA ARG B 210 11.31 15.86 29.28
C ARG B 210 11.87 16.82 30.34
N ASP B 211 13.00 16.44 30.93
CA ASP B 211 13.66 17.23 31.97
C ASP B 211 14.59 18.32 31.41
N ARG B 212 14.47 18.62 30.12
CA ARG B 212 15.39 19.56 29.49
C ARG B 212 14.68 20.76 28.86
N ASP B 213 15.28 21.94 29.03
CA ASP B 213 14.77 23.13 28.40
C ASP B 213 14.89 22.94 26.88
N PRO B 214 13.76 23.02 26.18
CA PRO B 214 13.66 22.82 24.72
C PRO B 214 14.71 23.59 23.93
N ARG B 215 15.08 24.77 24.40
CA ARG B 215 16.06 25.59 23.69
C ARG B 215 17.49 25.10 23.93
N SER B 216 17.63 24.05 24.76
CA SER B 216 18.95 23.54 25.13
C SER B 216 19.36 22.27 24.36
N LEU B 217 18.47 21.81 23.47
CA LEU B 217 18.78 20.64 22.66
C LEU B 217 18.65 20.96 21.18
N ARG B 218 19.38 21.98 20.73
CA ARG B 218 19.35 22.37 19.33
C ARG B 218 20.14 21.41 18.44
N ARG B 219 21.22 20.87 18.99
CA ARG B 219 22.06 19.94 18.24
C ARG B 219 22.10 18.58 18.91
N VAL B 220 21.56 17.57 18.22
CA VAL B 220 21.53 16.21 18.78
C VAL B 220 22.16 15.20 17.84
N ALA B 221 23.02 14.35 18.39
CA ALA B 221 23.57 13.23 17.63
C ALA B 221 22.89 11.94 18.10
N VAL B 222 22.45 11.13 17.14
CA VAL B 222 21.87 9.82 17.46
C VAL B 222 22.68 8.75 16.76
N ALA B 223 23.23 7.83 17.55
CA ALA B 223 24.05 6.74 17.04
C ALA B 223 23.18 5.51 16.93
N GLY B 224 23.26 4.83 15.79
CA GLY B 224 22.54 3.59 15.56
C GLY B 224 21.75 3.60 14.27
N GLY B 225 21.53 2.42 13.69
CA GLY B 225 20.74 2.31 12.47
C GLY B 225 19.44 1.51 12.62
N GLY B 226 19.02 1.25 13.86
CA GLY B 226 17.85 0.43 14.12
C GLY B 226 16.57 1.20 14.36
N GLN B 227 15.52 0.48 14.75
CA GLN B 227 14.20 1.07 14.98
C GLN B 227 14.28 2.22 15.99
N SER B 228 15.00 2.02 17.09
CA SER B 228 15.12 3.06 18.12
C SER B 228 15.72 4.34 17.55
N ALA B 229 16.86 4.22 16.88
CA ALA B 229 17.53 5.38 16.30
C ALA B 229 16.60 6.11 15.34
N ALA B 230 15.92 5.34 14.49
CA ALA B 230 15.06 5.92 13.47
C ALA B 230 13.93 6.66 14.14
N GLU B 231 13.32 6.04 15.16
CA GLU B 231 12.17 6.64 15.84
C GLU B 231 12.56 7.93 16.55
N ILE B 232 13.72 7.92 17.20
CA ILE B 232 14.18 9.11 17.91
C ILE B 232 14.47 10.26 16.93
N VAL B 233 15.12 9.95 15.81
CA VAL B 233 15.42 10.98 14.83
C VAL B 233 14.12 11.60 14.27
N ARG B 234 13.15 10.74 13.95
CA ARG B 234 11.89 11.25 13.43
C ARG B 234 11.22 12.14 14.48
N PHE B 235 11.15 11.67 15.72
CA PHE B 235 10.62 12.48 16.82
C PHE B 235 11.29 13.84 16.94
N LEU B 236 12.63 13.84 17.00
CA LEU B 236 13.39 15.09 17.08
C LEU B 236 13.04 16.05 15.94
N HIS B 237 12.88 15.50 14.73
CA HIS B 237 12.62 16.34 13.56
C HIS B 237 11.24 16.97 13.67
N ASP B 238 10.31 16.18 14.15
CA ASP B 238 8.92 16.59 14.23
C ASP B 238 8.62 17.46 15.48
N ASN B 239 9.44 17.33 16.51
CA ASN B 239 9.19 18.00 17.78
C ASN B 239 9.51 19.50 17.77
N ARG B 240 10.61 19.86 17.12
CA ARG B 240 11.01 21.24 16.93
C ARG B 240 11.51 21.44 15.50
N PRO B 241 11.19 22.61 14.93
CA PRO B 241 11.56 22.91 13.53
C PRO B 241 13.01 23.34 13.33
N ASP B 242 13.72 23.62 14.42
CA ASP B 242 15.07 24.17 14.32
C ASP B 242 16.17 23.18 14.74
N THR B 243 15.77 22.11 15.42
CA THR B 243 16.72 21.09 15.87
C THR B 243 17.53 20.52 14.70
N VAL B 244 18.84 20.47 14.86
CA VAL B 244 19.71 19.84 13.88
C VAL B 244 20.09 18.48 14.42
N VAL B 245 19.97 17.47 13.57
CA VAL B 245 20.20 16.09 14.00
C VAL B 245 21.28 15.42 13.15
N HIS B 246 22.19 14.72 13.83
CA HIS B 246 23.19 13.91 13.14
C HIS B 246 22.90 12.46 13.43
N ALA B 247 22.53 11.72 12.39
CA ALA B 247 22.24 10.29 12.52
C ALA B 247 23.50 9.52 12.13
N ILE B 248 24.17 8.93 13.11
CA ILE B 248 25.43 8.24 12.86
C ILE B 248 25.20 6.73 12.89
N MET B 249 25.46 6.08 11.76
CA MET B 249 25.23 4.63 11.62
C MET B 249 26.23 3.98 10.68
N PRO B 250 26.56 2.70 10.91
CA PRO B 250 27.55 1.95 10.12
C PRO B 250 27.12 1.62 8.68
N SER B 251 25.82 1.41 8.46
CA SER B 251 25.32 1.08 7.13
C SER B 251 25.31 2.33 6.23
N TYR B 252 25.04 2.14 4.94
CA TYR B 252 24.98 3.29 4.01
C TYR B 252 23.64 4.00 4.11
N GLY B 253 22.67 3.33 4.71
CA GLY B 253 21.36 3.91 4.97
C GLY B 253 20.57 2.91 5.80
N TYR B 254 19.42 3.33 6.32
CA TYR B 254 18.56 2.42 7.06
C TYR B 254 18.25 1.19 6.24
N VAL B 255 18.28 0.02 6.87
CA VAL B 255 17.93 -1.23 6.23
C VAL B 255 16.51 -1.59 6.66
N VAL B 256 15.65 -1.98 5.71
CA VAL B 256 14.26 -2.28 6.04
C VAL B 256 14.11 -3.54 6.89
N ALA B 257 13.14 -3.53 7.81
CA ALA B 257 12.82 -4.70 8.62
C ALA B 257 11.94 -5.64 7.81
N ASP B 258 12.31 -6.93 7.74
CA ASP B 258 11.53 -7.89 6.97
C ASP B 258 10.44 -8.48 7.84
N ASN B 259 9.19 -8.22 7.49
CA ASN B 259 8.09 -9.00 8.05
C ASN B 259 7.16 -9.57 6.99
N THR B 260 7.68 -9.76 5.79
CA THR B 260 6.93 -10.46 4.75
C THR B 260 6.62 -11.88 5.25
N PRO B 261 5.53 -12.47 4.76
CA PRO B 261 4.93 -13.63 5.45
C PRO B 261 5.79 -14.89 5.58
N PHE B 262 6.61 -15.22 4.58
CA PHE B 262 7.43 -16.42 4.71
C PHE B 262 8.56 -16.24 5.73
N ALA B 263 9.22 -15.10 5.68
CA ALA B 263 10.31 -14.86 6.61
C ALA B 263 9.73 -14.71 8.00
N ASN B 264 8.56 -14.09 8.08
CA ASN B 264 7.89 -13.89 9.35
C ASN B 264 7.54 -15.19 10.09
N GLN B 265 7.57 -16.31 9.38
CA GLN B 265 7.27 -17.59 9.98
C GLN B 265 8.30 -18.02 11.01
N ILE B 266 9.47 -17.38 11.03
CA ILE B 266 10.46 -17.70 12.08
C ILE B 266 9.93 -17.34 13.46
N PHE B 267 8.90 -16.50 13.51
CA PHE B 267 8.27 -16.12 14.77
C PHE B 267 7.12 -17.04 15.18
N ASP B 268 6.75 -17.95 14.28
CA ASP B 268 5.68 -18.91 14.57
C ASP B 268 6.01 -19.74 15.81
N PRO B 269 4.97 -20.14 16.56
CA PRO B 269 5.16 -21.13 17.62
C PRO B 269 5.94 -22.35 17.10
N ALA B 270 5.48 -22.92 15.99
CA ALA B 270 6.14 -24.11 15.44
C ALA B 270 7.61 -23.86 15.09
N ALA B 271 7.96 -22.62 14.77
CA ALA B 271 9.35 -22.32 14.39
C ALA B 271 10.29 -22.52 15.57
N VAL B 272 9.73 -22.43 16.78
CA VAL B 272 10.51 -22.62 17.99
C VAL B 272 11.02 -24.06 18.00
N ASP B 273 10.15 -25.01 17.68
CA ASP B 273 10.59 -26.41 17.56
C ASP B 273 11.64 -26.61 16.46
N ASP B 274 11.42 -26.00 15.30
CA ASP B 274 12.37 -26.13 14.20
C ASP B 274 13.73 -25.65 14.65
N TYR B 275 13.76 -24.50 15.31
CA TYR B 275 15.02 -23.93 15.77
C TYR B 275 15.64 -24.80 16.86
N PHE B 276 14.83 -25.12 17.87
CA PHE B 276 15.29 -25.92 19.01
C PHE B 276 15.85 -27.28 18.58
N ASP B 277 15.10 -28.02 17.78
CA ASP B 277 15.50 -29.37 17.38
C ASP B 277 16.57 -29.36 16.30
N GLY B 278 16.71 -28.23 15.59
CA GLY B 278 17.65 -28.14 14.50
C GLY B 278 19.10 -28.15 14.98
N SER B 279 20.01 -28.55 14.09
CA SER B 279 21.43 -28.55 14.38
C SER B 279 21.95 -27.13 14.55
N LYS B 280 23.14 -26.99 15.13
CA LYS B 280 23.80 -25.68 15.24
C LYS B 280 23.87 -25.03 13.86
N GLN B 281 24.12 -25.86 12.85
CA GLN B 281 24.22 -25.36 11.48
C GLN B 281 22.90 -24.70 11.04
N ALA B 282 21.78 -25.36 11.31
CA ALA B 282 20.47 -24.80 11.03
C ALA B 282 20.22 -23.53 11.86
N LYS B 283 20.56 -23.57 13.15
CA LYS B 283 20.38 -22.40 14.02
C LYS B 283 21.12 -21.20 13.43
N ASP B 284 22.36 -21.42 13.02
CA ASP B 284 23.16 -20.38 12.39
C ASP B 284 22.49 -19.80 11.16
N ALA B 285 21.85 -20.68 10.38
CA ALA B 285 21.16 -20.24 9.17
C ALA B 285 20.01 -19.28 9.51
N PHE B 286 19.30 -19.54 10.61
CA PHE B 286 18.21 -18.63 11.02
C PHE B 286 18.76 -17.22 11.14
N TRP B 287 19.89 -17.11 11.84
CA TRP B 287 20.49 -15.80 12.10
C TRP B 287 21.10 -15.20 10.85
N ARG B 288 21.77 -16.03 10.05
CA ARG B 288 22.42 -15.59 8.83
C ARG B 288 21.44 -15.01 7.81
N TYR B 289 20.27 -15.63 7.67
CA TYR B 289 19.31 -15.21 6.67
C TYR B 289 18.25 -14.25 7.20
N HIS B 290 17.97 -14.30 8.50
CA HIS B 290 16.78 -13.62 9.00
C HIS B 290 17.01 -12.65 10.17
N ARG B 291 18.27 -12.28 10.39
CA ARG B 291 18.59 -11.30 11.42
C ARG B 291 17.93 -9.97 11.11
N ASN B 292 17.70 -9.74 9.82
CA ASN B 292 17.04 -8.53 9.33
C ASN B 292 15.52 -8.51 9.55
N THR B 293 15.01 -9.47 10.32
CA THR B 293 13.62 -9.43 10.75
C THR B 293 13.47 -8.65 12.06
N ASN B 294 14.57 -8.50 12.79
CA ASN B 294 14.50 -8.06 14.17
C ASN B 294 15.61 -7.08 14.62
N TYR B 295 16.85 -7.32 14.18
CA TYR B 295 17.98 -6.50 14.64
C TYR B 295 18.55 -5.56 13.59
N SER B 296 18.80 -4.31 13.99
CA SER B 296 19.49 -3.34 13.12
C SER B 296 18.66 -3.02 11.86
N VAL B 297 17.34 -3.02 12.00
CA VAL B 297 16.47 -2.76 10.86
C VAL B 297 15.32 -1.85 11.27
N VAL B 298 14.71 -1.21 10.28
CA VAL B 298 13.73 -0.19 10.58
C VAL B 298 12.47 -0.48 9.81
N ASP B 299 11.32 -0.19 10.42
CA ASP B 299 10.03 -0.37 9.77
C ASP B 299 9.90 0.49 8.51
N ASP B 300 9.38 -0.12 7.46
CA ASP B 300 9.17 0.55 6.18
C ASP B 300 8.62 1.99 6.29
N GLU B 301 7.51 2.14 7.00
CA GLU B 301 6.85 3.45 7.11
C GLU B 301 7.75 4.49 7.77
N VAL B 302 8.51 4.08 8.79
CA VAL B 302 9.38 5.04 9.47
C VAL B 302 10.49 5.51 8.51
N ILE B 303 11.07 4.56 7.77
CA ILE B 303 12.09 4.92 6.79
C ILE B 303 11.54 5.93 5.78
N ARG B 304 10.38 5.64 5.20
CA ARG B 304 9.81 6.51 4.18
C ARG B 304 9.43 7.86 4.73
N ASP B 305 8.94 7.89 5.96
CA ASP B 305 8.62 9.15 6.60
C ASP B 305 9.88 10.03 6.76
N LEU B 306 10.97 9.40 7.19
CA LEU B 306 12.23 10.11 7.35
C LEU B 306 12.73 10.63 6.01
N TYR B 307 12.57 9.83 4.97
CA TYR B 307 13.06 10.21 3.66
C TYR B 307 12.26 11.40 3.11
N ARG B 308 10.94 11.40 3.30
CA ARG B 308 10.12 12.54 2.88
C ARG B 308 10.54 13.81 3.62
N ARG B 309 10.78 13.69 4.92
CA ARG B 309 11.18 14.84 5.76
C ARG B 309 12.47 15.44 5.24
N GLY B 310 13.43 14.60 4.89
CA GLY B 310 14.71 15.07 4.41
C GLY B 310 14.54 15.72 3.06
N TYR B 311 13.71 15.10 2.22
CA TYR B 311 13.46 15.64 0.89
C TYR B 311 12.81 17.03 0.94
N ASP B 312 11.74 17.17 1.73
CA ASP B 312 11.05 18.45 1.82
C ASP B 312 11.95 19.55 2.38
N ASP B 313 12.78 19.21 3.36
CA ASP B 313 13.75 20.17 3.89
C ASP B 313 14.68 20.68 2.80
N GLU B 314 15.11 19.78 1.91
CA GLU B 314 16.01 20.18 0.83
C GLU B 314 15.28 21.14 -0.11
N VAL B 315 14.05 20.80 -0.47
CA VAL B 315 13.23 21.68 -1.31
C VAL B 315 13.12 23.06 -0.67
N ALA B 316 12.93 23.10 0.64
CA ALA B 316 12.78 24.35 1.37
C ALA B 316 14.11 25.09 1.61
N GLY B 317 15.21 24.46 1.22
CA GLY B 317 16.54 25.01 1.44
C GLY B 317 16.97 25.09 2.91
N ALA B 318 16.41 24.22 3.75
CA ALA B 318 16.70 24.22 5.18
C ALA B 318 16.96 22.81 5.70
N PRO B 319 18.08 22.19 5.27
CA PRO B 319 18.43 20.84 5.72
C PRO B 319 18.75 20.80 7.22
N ARG B 320 18.19 19.85 7.94
CA ARG B 320 18.36 19.67 9.36
C ARG B 320 18.83 18.26 9.74
N LEU B 321 18.50 17.28 8.94
CA LEU B 321 18.89 15.90 9.19
C LEU B 321 20.17 15.60 8.46
N ASN B 322 21.24 15.31 9.20
CA ASN B 322 22.49 14.90 8.60
C ASN B 322 22.73 13.42 8.81
N PHE B 323 22.71 12.68 7.72
CA PHE B 323 22.95 11.25 7.79
C PHE B 323 24.44 10.96 7.63
N VAL B 324 25.05 10.53 8.73
CA VAL B 324 26.46 10.21 8.75
C VAL B 324 26.60 8.71 8.65
N ASN B 325 26.71 8.24 7.40
CA ASN B 325 26.73 6.81 7.12
C ASN B 325 28.12 6.20 7.07
N LEU B 326 28.18 4.87 7.11
CA LEU B 326 29.45 4.17 7.15
C LEU B 326 30.30 4.73 8.28
N ALA B 327 29.73 4.82 9.48
CA ALA B 327 30.42 5.47 10.59
C ALA B 327 30.00 4.92 11.95
N HIS B 328 30.90 4.98 12.95
CA HIS B 328 30.60 4.55 14.32
C HIS B 328 30.93 5.68 15.28
N VAL B 329 30.18 5.79 16.37
CA VAL B 329 30.58 6.65 17.46
C VAL B 329 31.57 5.85 18.28
N VAL B 330 32.74 6.45 18.56
CA VAL B 330 33.76 5.73 19.31
C VAL B 330 34.11 6.40 20.65
N GLY B 331 33.70 7.64 20.81
CA GLY B 331 33.90 8.31 22.08
C GLY B 331 33.04 9.54 22.26
N ALA B 332 32.85 9.92 23.52
CA ALA B 332 32.17 11.16 23.84
C ALA B 332 32.81 11.81 25.06
N LYS B 333 32.97 13.13 25.03
CA LYS B 333 33.52 13.87 26.15
C LYS B 333 32.90 15.25 26.26
N ARG B 334 32.65 15.70 27.48
CA ARG B 334 32.04 17.01 27.69
C ARG B 334 33.14 18.07 27.74
N ILE B 335 32.99 19.08 26.93
CA ILE B 335 33.90 20.17 26.84
C ILE B 335 33.15 21.48 26.74
N ALA B 336 32.97 22.09 27.90
CA ALA B 336 32.32 23.36 28.04
C ALA B 336 30.90 23.05 27.73
N ASP B 337 30.28 23.77 26.81
CA ASP B 337 28.89 23.54 26.52
C ASP B 337 28.66 22.63 25.35
N ASP B 338 29.65 21.86 25.03
CA ASP B 338 29.61 20.97 23.91
C ASP B 338 29.83 19.57 24.35
N THR B 339 28.98 18.70 23.90
CA THR B 339 29.26 17.27 24.00
C THR B 339 30.07 16.94 22.76
N ARG B 340 31.32 16.54 22.97
CA ARG B 340 32.22 16.24 21.86
C ARG B 340 32.14 14.76 21.51
N VAL B 341 31.61 14.47 20.32
CA VAL B 341 31.45 13.09 19.89
C VAL B 341 32.54 12.73 18.91
N THR B 342 33.27 11.65 19.19
CA THR B 342 34.28 11.19 18.25
C THR B 342 33.68 10.12 17.32
N VAL B 343 33.76 10.41 16.03
CA VAL B 343 33.15 9.56 15.02
C VAL B 343 34.23 8.93 14.15
N TYR B 344 34.17 7.62 13.99
CA TYR B 344 35.08 6.95 13.09
C TYR B 344 34.42 6.74 11.73
N SER B 345 35.05 7.26 10.68
CA SER B 345 34.53 7.08 9.33
C SER B 345 35.20 5.90 8.65
N MET B 346 34.43 4.88 8.29
CA MET B 346 34.98 3.70 7.63
C MET B 346 35.53 4.03 6.25
N ALA B 347 34.86 4.96 5.56
CA ALA B 347 35.24 5.34 4.20
C ALA B 347 36.66 5.90 4.17
N ARG B 348 36.85 6.99 4.93
CA ARG B 348 38.09 7.74 4.91
C ARG B 348 39.03 7.06 5.88
N GLU B 349 38.46 6.39 6.87
CA GLU B 349 39.27 5.63 7.76
C GLU B 349 39.96 6.55 8.74
N GLU B 350 39.27 7.60 9.16
CA GLU B 350 39.84 8.54 10.14
C GLU B 350 38.79 9.03 11.12
N SER B 351 39.18 9.24 12.38
CA SER B 351 38.24 9.74 13.37
C SER B 351 38.18 11.27 13.42
N TYR B 352 36.98 11.82 13.56
CA TYR B 352 36.81 13.25 13.66
C TYR B 352 35.83 13.61 14.74
N ASP B 353 35.83 14.85 15.15
CA ASP B 353 35.00 15.28 16.26
C ASP B 353 33.75 16.00 15.78
N LEU B 354 32.66 15.76 16.50
CA LEU B 354 31.37 16.35 16.17
C LEU B 354 30.83 16.97 17.45
N ASP B 355 30.56 18.27 17.40
CA ASP B 355 30.08 18.98 18.57
C ASP B 355 28.55 19.10 18.60
N VAL B 356 27.94 18.58 19.65
CA VAL B 356 26.49 18.65 19.80
C VAL B 356 26.13 18.96 21.25
N ASP B 357 24.84 19.13 21.54
CA ASP B 357 24.39 19.31 22.90
C ASP B 357 24.23 17.98 23.62
N VAL B 358 23.66 17.00 22.92
CA VAL B 358 23.40 15.68 23.49
C VAL B 358 23.74 14.57 22.50
N LEU B 359 24.28 13.47 23.03
CA LEU B 359 24.49 12.25 22.26
C LEU B 359 23.50 11.22 22.75
N VAL B 360 22.65 10.72 21.84
CA VAL B 360 21.76 9.60 22.19
C VAL B 360 22.32 8.33 21.54
N CYS B 361 22.58 7.31 22.35
CA CYS B 361 23.03 6.02 21.85
C CYS B 361 21.89 5.04 21.70
N ALA B 362 21.44 4.85 20.48
CA ALA B 362 20.36 3.89 20.23
C ALA B 362 21.05 2.63 19.74
N THR B 363 21.92 2.08 20.60
CA THR B 363 22.86 1.06 20.18
C THR B 363 22.46 -0.34 20.66
N GLY B 364 21.19 -0.49 21.03
CA GLY B 364 20.62 -1.80 21.30
C GLY B 364 20.77 -2.31 22.72
N TYR B 365 20.50 -3.60 22.88
CA TYR B 365 20.42 -4.24 24.19
C TYR B 365 21.14 -5.57 24.17
N ASP B 366 21.63 -6.00 25.32
CA ASP B 366 22.10 -7.37 25.49
C ASP B 366 20.99 -8.21 26.10
N PRO B 367 20.98 -9.52 25.79
CA PRO B 367 19.90 -10.39 26.25
C PRO B 367 19.85 -10.51 27.78
N MET B 368 18.69 -10.96 28.27
CA MET B 368 18.53 -11.30 29.68
C MET B 368 19.53 -12.39 30.04
N ASP B 369 20.18 -12.29 31.18
CA ASP B 369 21.00 -13.36 31.72
C ASP B 369 20.68 -13.70 33.16
N PRO B 370 20.25 -14.91 33.38
CA PRO B 370 19.81 -15.33 34.71
C PRO B 370 20.97 -15.52 35.68
N GLY B 371 22.20 -15.55 35.17
CA GLY B 371 23.38 -15.81 35.97
C GLY B 371 23.53 -14.97 37.23
N ASP B 372 23.38 -13.64 37.09
CA ASP B 372 23.56 -12.73 38.22
C ASP B 372 22.65 -13.09 39.39
N LEU B 373 21.37 -13.25 39.11
CA LEU B 373 20.37 -13.54 40.13
C LEU B 373 20.54 -14.93 40.76
N LEU B 374 21.10 -15.86 40.00
CA LEU B 374 21.16 -17.25 40.43
C LEU B 374 22.22 -17.48 41.50
N GLY B 375 23.34 -16.77 41.39
CA GLY B 375 24.38 -16.86 42.41
C GLY B 375 24.84 -18.28 42.67
N GLU B 376 24.54 -18.77 43.88
CA GLU B 376 24.99 -20.09 44.31
C GLU B 376 24.39 -21.22 43.47
N LEU B 377 23.15 -21.05 43.03
CA LEU B 377 22.47 -22.07 42.24
C LEU B 377 23.13 -22.33 40.91
N ALA B 378 23.91 -21.41 40.41
CA ALA B 378 24.49 -21.67 39.14
C ALA B 378 25.35 -22.91 39.15
N GLU B 379 25.84 -23.30 40.31
CA GLU B 379 26.65 -24.47 40.41
C GLU B 379 25.92 -25.74 39.96
N HIS B 380 24.60 -25.78 40.10
CA HIS B 380 23.83 -26.93 39.67
C HIS B 380 23.22 -26.77 38.28
N CYS B 381 23.55 -25.68 37.61
CA CYS B 381 23.06 -25.44 36.27
C CYS B 381 24.13 -25.76 35.25
N VAL B 382 23.75 -26.41 34.19
CA VAL B 382 24.67 -26.87 33.17
C VAL B 382 24.91 -25.95 31.98
N GLN B 383 26.17 -25.73 31.60
CA GLN B 383 26.48 -24.90 30.43
C GLN B 383 26.86 -25.72 29.18
N ASP B 384 26.72 -25.12 28.01
CA ASP B 384 27.08 -25.79 26.75
C ASP B 384 28.54 -25.50 26.37
N ALA B 385 28.95 -26.00 25.21
CA ALA B 385 30.31 -25.80 24.72
C ALA B 385 30.72 -24.32 24.74
N GLU B 386 29.83 -23.47 24.25
CA GLU B 386 30.13 -22.04 24.12
C GLU B 386 30.06 -21.30 25.45
N GLY B 387 29.68 -22.01 26.51
CA GLY B 387 29.57 -21.40 27.83
C GLY B 387 28.21 -20.78 28.15
N ARG B 388 27.20 -21.09 27.35
CA ARG B 388 25.86 -20.55 27.57
C ARG B 388 25.01 -21.55 28.35
N TRP B 389 23.93 -21.08 28.98
CA TRP B 389 23.07 -21.97 29.74
C TRP B 389 22.33 -22.96 28.85
N GLN B 390 22.34 -24.22 29.25
CA GLN B 390 21.53 -25.23 28.58
C GLN B 390 20.09 -25.11 29.05
N VAL B 391 19.16 -25.14 28.09
CA VAL B 391 17.74 -25.01 28.42
C VAL B 391 16.92 -26.07 27.69
N ASP B 392 15.98 -26.68 28.39
CA ASP B 392 15.07 -27.65 27.79
C ASP B 392 14.00 -26.97 26.95
N ARG B 393 13.30 -27.77 26.15
CA ARG B 393 12.31 -27.24 25.24
C ARG B 393 11.25 -26.44 25.99
N ASP B 394 10.97 -26.85 27.22
CA ASP B 394 9.93 -26.20 28.03
C ASP B 394 10.47 -25.00 28.85
N TYR B 395 11.62 -24.47 28.44
CA TYR B 395 12.16 -23.21 28.96
C TYR B 395 12.75 -23.36 30.35
N ARG B 396 12.93 -24.62 30.73
CA ARG B 396 13.49 -24.98 32.02
C ARG B 396 15.01 -25.18 31.91
N MET B 397 15.78 -24.45 32.73
CA MET B 397 17.24 -24.59 32.74
C MET B 397 17.60 -26.03 33.08
N VAL B 398 18.60 -26.56 32.38
CA VAL B 398 19.10 -27.89 32.67
C VAL B 398 20.02 -27.83 33.90
N THR B 399 19.70 -28.70 34.86
CA THR B 399 20.42 -28.87 36.12
C THR B 399 20.85 -30.28 36.42
N THR B 400 21.78 -30.38 37.35
CA THR B 400 22.17 -31.61 37.94
C THR B 400 21.11 -32.13 38.88
N PRO B 401 21.25 -33.49 39.20
CA PRO B 401 20.24 -33.98 40.14
C PRO B 401 20.34 -33.44 41.56
N ASP B 402 21.32 -32.61 41.85
CA ASP B 402 21.35 -31.94 43.12
C ASP B 402 20.30 -30.89 43.28
N LEU B 403 19.83 -30.39 42.17
CA LEU B 403 18.77 -29.42 42.11
C LEU B 403 17.59 -29.99 41.44
N ARG B 404 16.48 -29.98 42.15
CA ARG B 404 15.24 -30.58 41.67
C ARG B 404 14.17 -29.53 41.35
N CYS B 405 14.37 -28.31 41.87
CA CYS B 405 13.42 -27.23 41.63
C CYS B 405 13.55 -26.69 40.20
N GLY B 406 12.44 -26.21 39.64
CA GLY B 406 12.46 -25.69 38.29
C GLY B 406 12.84 -24.22 38.16
N ILE B 407 13.82 -23.93 37.30
CA ILE B 407 14.19 -22.56 36.95
C ILE B 407 13.87 -22.34 35.47
N TYR B 408 12.86 -21.51 35.21
CA TYR B 408 12.39 -21.23 33.85
C TYR B 408 12.81 -19.85 33.39
N LEU B 409 13.17 -19.74 32.11
CA LEU B 409 13.61 -18.48 31.52
C LEU B 409 12.60 -17.96 30.49
N GLN B 410 12.14 -16.74 30.68
CA GLN B 410 11.39 -16.02 29.63
C GLN B 410 12.27 -14.85 29.25
N GLY B 411 13.01 -15.04 28.16
CA GLY B 411 14.14 -14.19 27.83
C GLY B 411 15.43 -14.99 28.00
N GLY B 412 16.51 -14.53 27.37
CA GLY B 412 17.80 -15.19 27.49
C GLY B 412 17.86 -16.57 26.86
N THR B 413 16.94 -16.86 25.94
CA THR B 413 16.91 -18.16 25.27
C THR B 413 17.10 -18.05 23.76
N GLU B 414 17.75 -16.97 23.33
CA GLU B 414 17.97 -16.74 21.91
C GLU B 414 18.85 -17.81 21.27
N HIS B 415 19.66 -18.47 22.09
CA HIS B 415 20.57 -19.50 21.58
C HIS B 415 19.95 -20.90 21.55
N THR B 416 18.89 -21.13 22.31
CA THR B 416 18.24 -22.44 22.35
C THR B 416 16.87 -22.45 21.67
N HIS B 417 16.15 -21.33 21.77
CA HIS B 417 14.78 -21.25 21.25
C HIS B 417 14.56 -20.29 20.08
N GLY B 418 15.52 -19.40 19.82
CA GLY B 418 15.45 -18.59 18.61
C GLY B 418 15.01 -17.13 18.80
N LEU B 419 14.81 -16.44 17.68
CA LEU B 419 14.66 -14.99 17.69
C LEU B 419 13.42 -14.46 18.43
N SER B 420 12.45 -15.33 18.66
CA SER B 420 11.22 -14.88 19.31
C SER B 420 11.35 -14.76 20.83
N SER B 421 12.49 -15.14 21.37
CA SER B 421 12.65 -15.35 22.79
C SER B 421 12.48 -14.13 23.63
N SER B 422 12.76 -13.01 23.04
CA SER B 422 12.73 -11.78 23.80
C SER B 422 11.64 -10.85 23.27
N LEU B 423 10.82 -11.37 22.37
CA LEU B 423 9.77 -10.61 21.70
C LEU B 423 8.40 -10.91 22.27
N LEU B 424 7.39 -10.17 21.81
CA LEU B 424 5.99 -10.40 22.17
C LEU B 424 5.37 -11.47 21.28
N SER B 425 6.10 -11.90 20.27
CA SER B 425 5.57 -12.81 19.25
C SER B 425 4.94 -14.09 19.80
N ASN B 426 5.50 -14.61 20.87
CA ASN B 426 5.11 -15.95 21.29
C ASN B 426 4.79 -16.05 22.79
N LEU B 427 4.37 -14.94 23.39
CA LEU B 427 4.03 -14.90 24.83
C LEU B 427 3.00 -15.96 25.18
N ALA B 428 1.96 -16.05 24.37
CA ALA B 428 0.82 -16.91 24.69
C ALA B 428 1.24 -18.37 24.77
N THR B 429 2.02 -18.81 23.80
CA THR B 429 2.39 -20.22 23.73
C THR B 429 3.45 -20.59 24.77
N ARG B 430 4.46 -19.74 24.92
CA ARG B 430 5.53 -20.02 25.89
C ARG B 430 4.97 -20.09 27.31
N SER B 431 4.19 -19.08 27.69
CA SER B 431 3.63 -19.02 29.03
C SER B 431 2.80 -20.28 29.31
N GLY B 432 2.01 -20.72 28.33
CA GLY B 432 1.21 -21.93 28.49
C GLY B 432 2.07 -23.17 28.65
N GLU B 433 3.19 -23.23 27.94
CA GLU B 433 4.06 -24.39 28.02
C GLU B 433 4.74 -24.48 29.39
N ILE B 434 5.07 -23.33 29.94
CA ILE B 434 5.72 -23.28 31.24
C ILE B 434 4.77 -23.72 32.34
N VAL B 435 3.56 -23.19 32.33
CA VAL B 435 2.52 -23.60 33.27
C VAL B 435 2.27 -25.11 33.19
N SER B 436 2.10 -25.63 31.98
CA SER B 436 1.97 -27.08 31.78
C SER B 436 3.14 -27.86 32.36
N SER B 437 4.35 -27.41 32.05
CA SER B 437 5.55 -28.06 32.56
C SER B 437 5.50 -28.14 34.09
N ILE B 438 5.18 -27.01 34.73
CA ILE B 438 5.12 -26.94 36.18
C ILE B 438 4.04 -27.88 36.73
N GLU B 439 2.84 -27.87 36.13
CA GLU B 439 1.76 -28.76 36.54
C GLU B 439 2.18 -30.23 36.41
N ARG B 440 2.96 -30.52 35.37
CA ARG B 440 3.32 -31.89 35.03
C ARG B 440 4.37 -32.43 36.00
N ARG B 441 5.24 -31.58 36.47
CA ARG B 441 6.27 -31.92 37.40
C ARG B 441 5.81 -31.93 38.86
N LYS B 442 4.70 -31.31 39.14
CA LYS B 442 4.22 -31.38 40.48
C LYS B 442 3.49 -32.71 40.60
N SER B 443 2.84 -33.11 39.52
CA SER B 443 2.25 -34.40 39.41
C SER B 443 3.27 -35.49 39.70
N PRO C 29 40.20 0.81 -41.99
CA PRO C 29 39.24 1.70 -41.31
C PRO C 29 39.21 1.44 -39.80
N THR C 30 39.89 2.28 -39.03
CA THR C 30 39.99 2.08 -37.58
C THR C 30 38.93 2.84 -36.80
N HIS C 31 38.13 2.11 -36.02
CA HIS C 31 37.07 2.68 -35.20
C HIS C 31 37.56 3.26 -33.92
N ASP C 32 36.97 4.36 -33.50
CA ASP C 32 37.23 4.93 -32.18
C ASP C 32 36.88 3.93 -31.08
N VAL C 33 35.76 3.25 -31.24
CA VAL C 33 35.30 2.29 -30.24
C VAL C 33 34.51 1.15 -30.86
N VAL C 34 34.82 -0.07 -30.44
CA VAL C 34 34.01 -1.24 -30.76
C VAL C 34 33.32 -1.79 -29.50
N GLY C 35 32.03 -2.07 -29.62
CA GLY C 35 31.25 -2.63 -28.51
C GLY C 35 31.01 -4.12 -28.68
N VAL C 36 31.45 -4.90 -27.69
CA VAL C 36 31.23 -6.34 -27.68
C VAL C 36 29.98 -6.68 -26.86
N GLY C 37 29.00 -7.26 -27.53
CA GLY C 37 27.71 -7.56 -26.95
C GLY C 37 26.75 -6.39 -27.17
N PHE C 38 25.49 -6.71 -27.43
CA PHE C 38 24.48 -5.64 -27.50
C PHE C 38 23.26 -5.89 -26.57
N GLY C 39 23.51 -5.78 -25.26
CA GLY C 39 22.44 -5.76 -24.28
C GLY C 39 22.16 -4.32 -23.91
N PRO C 40 21.35 -4.11 -22.88
CA PRO C 40 21.00 -2.74 -22.46
C PRO C 40 22.24 -1.86 -22.24
N ALA C 41 23.32 -2.43 -21.69
CA ALA C 41 24.52 -1.65 -21.40
C ALA C 41 25.13 -1.04 -22.69
N ASN C 42 25.47 -1.87 -23.67
CA ASN C 42 25.99 -1.31 -24.93
C ASN C 42 24.97 -0.52 -25.74
N LEU C 43 23.68 -0.85 -25.58
CA LEU C 43 22.63 -0.05 -26.21
C LEU C 43 22.66 1.37 -25.64
N SER C 44 22.82 1.50 -24.32
CA SER C 44 22.90 2.82 -23.71
C SER C 44 24.18 3.53 -24.12
N LEU C 45 25.25 2.75 -24.34
CA LEU C 45 26.48 3.31 -24.92
C LEU C 45 26.20 3.89 -26.32
N ALA C 46 25.51 3.11 -27.15
CA ALA C 46 25.17 3.55 -28.50
C ALA C 46 24.37 4.87 -28.44
N VAL C 47 23.40 4.91 -27.55
CA VAL C 47 22.60 6.12 -27.33
C VAL C 47 23.49 7.31 -26.89
N ALA C 48 24.39 7.06 -25.94
CA ALA C 48 25.30 8.10 -25.48
C ALA C 48 26.18 8.61 -26.63
N LEU C 49 26.63 7.70 -27.49
CA LEU C 49 27.46 8.06 -28.63
C LEU C 49 26.68 8.98 -29.58
N GLU C 50 25.46 8.57 -29.91
CA GLU C 50 24.62 9.36 -30.81
C GLU C 50 24.29 10.73 -30.24
N GLU C 51 24.04 10.82 -28.94
CA GLU C 51 23.66 12.08 -28.31
C GLU C 51 24.86 12.98 -28.08
N SER C 52 26.05 12.40 -28.04
CA SER C 52 27.25 13.20 -27.85
C SER C 52 27.55 14.05 -29.09
N PRO C 53 27.97 15.31 -28.88
CA PRO C 53 28.43 16.16 -29.98
C PRO C 53 29.69 15.58 -30.62
N ALA C 54 30.51 14.88 -29.83
CA ALA C 54 31.73 14.26 -30.34
C ALA C 54 31.47 13.34 -31.53
N ALA C 55 32.32 13.47 -32.54
CA ALA C 55 32.26 12.60 -33.72
C ALA C 55 33.13 11.39 -33.47
N LEU C 56 32.48 10.31 -33.04
CA LEU C 56 33.19 9.08 -32.77
C LEU C 56 32.65 7.99 -33.68
N THR C 57 33.54 7.19 -34.23
CA THR C 57 33.13 6.07 -35.06
C THR C 57 33.01 4.83 -34.18
N SER C 58 32.03 3.99 -34.45
CA SER C 58 31.80 2.83 -33.61
C SER C 58 31.27 1.66 -34.40
N ALA C 59 31.44 0.47 -33.84
CA ALA C 59 30.76 -0.72 -34.35
C ALA C 59 30.36 -1.61 -33.16
N PHE C 60 29.22 -2.25 -33.26
CA PHE C 60 28.71 -3.06 -32.17
C PHE C 60 28.42 -4.48 -32.63
N PHE C 61 28.85 -5.48 -31.87
CA PHE C 61 28.67 -6.87 -32.25
C PHE C 61 27.87 -7.72 -31.29
N GLU C 62 26.78 -8.28 -31.75
CA GLU C 62 25.93 -9.11 -30.91
C GLU C 62 25.83 -10.49 -31.55
N ARG C 63 26.06 -11.53 -30.76
CA ARG C 63 26.03 -12.90 -31.27
C ARG C 63 24.63 -13.32 -31.69
N ARG C 64 23.65 -13.03 -30.82
CA ARG C 64 22.26 -13.39 -31.10
C ARG C 64 21.77 -12.73 -32.38
N ALA C 65 20.60 -13.16 -32.85
CA ALA C 65 20.02 -12.60 -34.07
C ALA C 65 19.48 -11.20 -33.86
N SER C 66 19.05 -10.90 -32.64
CA SER C 66 18.50 -9.61 -32.27
C SER C 66 18.72 -9.38 -30.79
N ILE C 67 18.28 -8.24 -30.28
CA ILE C 67 18.38 -8.00 -28.85
C ILE C 67 17.59 -9.10 -28.15
N SER C 68 18.18 -9.71 -27.13
CA SER C 68 17.54 -10.79 -26.41
C SER C 68 17.86 -10.63 -24.93
N TRP C 69 16.92 -10.05 -24.20
CA TRP C 69 17.20 -9.64 -22.83
C TRP C 69 16.56 -10.59 -21.83
N HIS C 70 17.33 -11.61 -21.43
CA HIS C 70 16.86 -12.68 -20.54
C HIS C 70 15.49 -13.24 -20.94
N GLN C 71 15.34 -13.64 -22.16
CA GLN C 71 14.08 -14.13 -22.66
C GLN C 71 13.65 -15.45 -22.08
N GLY C 72 14.61 -16.22 -21.63
CA GLY C 72 14.32 -17.47 -20.93
C GLY C 72 13.51 -17.24 -19.65
N MET C 73 13.52 -16.00 -19.17
CA MET C 73 12.85 -15.63 -17.93
C MET C 73 11.74 -14.61 -18.13
N LEU C 74 11.35 -14.39 -19.38
CA LEU C 74 10.26 -13.47 -19.68
C LEU C 74 8.91 -14.11 -19.35
N LEU C 75 8.69 -14.33 -18.06
CA LEU C 75 7.44 -14.90 -17.58
C LEU C 75 6.31 -13.88 -17.66
N PRO C 76 5.08 -14.38 -17.85
CA PRO C 76 3.85 -13.60 -18.00
C PRO C 76 3.74 -12.45 -16.99
N ALA C 77 4.04 -12.71 -15.73
CA ALA C 77 3.77 -11.70 -14.73
C ALA C 77 4.98 -10.82 -14.43
N ALA C 78 6.14 -11.15 -15.00
CA ALA C 78 7.42 -10.58 -14.54
C ALA C 78 7.50 -9.04 -14.64
N LYS C 79 7.95 -8.41 -13.58
CA LYS C 79 8.05 -6.98 -13.48
C LYS C 79 9.46 -6.49 -13.43
N MET C 80 9.71 -5.30 -13.96
CA MET C 80 11.01 -4.66 -13.80
C MET C 80 11.32 -4.46 -12.30
N GLN C 81 12.60 -4.56 -11.94
CA GLN C 81 13.03 -4.36 -10.57
C GLN C 81 13.65 -2.98 -10.44
N VAL C 82 13.43 -2.14 -11.45
CA VAL C 82 13.99 -0.81 -11.49
C VAL C 82 12.92 0.15 -12.01
N SER C 83 12.87 1.34 -11.42
CA SER C 83 11.94 2.39 -11.82
C SER C 83 12.09 2.77 -13.30
N PHE C 84 10.98 3.16 -13.95
CA PHE C 84 11.03 3.49 -15.36
C PHE C 84 11.91 4.72 -15.63
N LEU C 85 12.16 5.53 -14.61
CA LEU C 85 13.05 6.69 -14.78
C LEU C 85 14.51 6.26 -14.97
N LYS C 86 14.80 5.03 -14.57
CA LYS C 86 16.13 4.46 -14.76
C LYS C 86 16.19 3.72 -16.09
N ASP C 87 16.24 4.48 -17.18
CA ASP C 87 16.18 3.91 -18.52
C ASP C 87 17.53 4.05 -19.22
N LEU C 88 17.51 4.19 -20.54
CA LEU C 88 18.76 4.28 -21.30
C LEU C 88 19.52 5.60 -21.13
N ALA C 89 18.82 6.68 -20.77
CA ALA C 89 19.46 8.00 -20.82
C ALA C 89 19.01 9.05 -19.80
N THR C 90 17.84 8.86 -19.22
CA THR C 90 17.14 9.93 -18.48
C THR C 90 17.97 10.62 -17.37
N PHE C 91 18.74 9.86 -16.59
CA PHE C 91 19.50 10.48 -15.49
C PHE C 91 20.64 11.37 -15.99
N ARG C 92 21.06 11.13 -17.23
CA ARG C 92 22.12 11.94 -17.83
C ARG C 92 21.52 13.06 -18.68
N ASN C 93 20.49 12.72 -19.45
CA ASN C 93 19.79 13.66 -20.30
C ASN C 93 18.27 13.55 -20.08
N PRO C 94 17.71 14.50 -19.32
CA PRO C 94 16.31 14.44 -18.90
C PRO C 94 15.33 14.69 -20.04
N ALA C 95 15.83 14.95 -21.24
CA ALA C 95 14.95 15.15 -22.39
C ALA C 95 15.42 14.36 -23.60
N SER C 96 15.75 13.09 -23.36
CA SER C 96 16.27 12.22 -24.41
C SER C 96 15.16 11.65 -25.27
N ARG C 97 15.44 11.55 -26.58
CA ARG C 97 14.51 10.96 -27.51
C ARG C 97 14.46 9.45 -27.30
N PHE C 98 15.38 8.95 -26.47
CA PHE C 98 15.43 7.53 -26.17
C PHE C 98 14.93 7.18 -24.77
N SER C 99 14.31 8.14 -24.09
CA SER C 99 13.76 7.88 -22.76
C SER C 99 12.56 6.92 -22.82
N PHE C 100 12.27 6.29 -21.69
CA PHE C 100 11.11 5.40 -21.60
C PHE C 100 9.81 6.18 -21.84
N VAL C 101 9.76 7.39 -21.31
CA VAL C 101 8.61 8.27 -21.54
C VAL C 101 8.42 8.58 -23.05
N SER C 102 9.51 8.81 -23.77
CA SER C 102 9.41 9.02 -25.22
C SER C 102 8.81 7.78 -25.89
N PHE C 103 9.35 6.62 -25.52
CA PHE C 103 8.83 5.32 -25.98
C PHE C 103 7.33 5.19 -25.75
N LEU C 104 6.90 5.36 -24.50
CA LEU C 104 5.46 5.30 -24.16
C LEU C 104 4.67 6.25 -25.03
N HIS C 105 5.20 7.46 -25.23
CA HIS C 105 4.49 8.47 -26.01
C HIS C 105 4.31 8.00 -27.46
N GLU C 106 5.37 7.51 -28.08
CA GLU C 106 5.26 7.00 -29.45
C GLU C 106 4.32 5.81 -29.56
N ARG C 107 4.32 4.96 -28.54
CA ARG C 107 3.44 3.79 -28.51
C ARG C 107 2.03 4.15 -28.06
N GLY C 108 1.74 5.44 -27.91
CA GLY C 108 0.43 5.88 -27.49
C GLY C 108 -0.03 5.21 -26.19
N ARG C 109 0.91 5.01 -25.28
CA ARG C 109 0.60 4.37 -24.00
C ARG C 109 1.07 5.17 -22.80
N LEU C 110 1.47 6.43 -23.02
CA LEU C 110 1.91 7.29 -21.93
C LEU C 110 0.79 7.60 -20.92
N VAL C 111 -0.36 8.00 -21.44
CA VAL C 111 -1.51 8.34 -20.61
C VAL C 111 -1.99 7.11 -19.84
N ARG C 112 -2.09 5.98 -20.54
CA ARG C 112 -2.51 4.73 -19.92
C ARG C 112 -1.55 4.33 -18.80
N PHE C 113 -0.26 4.38 -19.10
CA PHE C 113 0.77 4.06 -18.12
C PHE C 113 0.66 4.97 -16.89
N ALA C 114 0.52 6.26 -17.15
CA ALA C 114 0.38 7.25 -16.07
C ALA C 114 -0.81 6.95 -15.16
N ASN C 115 -1.91 6.48 -15.74
CA ASN C 115 -3.13 6.18 -14.97
C ASN C 115 -2.92 5.01 -14.02
N ASN C 116 -1.98 4.15 -14.37
CA ASN C 116 -1.66 2.97 -13.57
C ASN C 116 -0.90 3.34 -12.27
N HIS C 117 -0.23 4.48 -12.27
CA HIS C 117 0.58 4.93 -11.12
C HIS C 117 1.53 3.87 -10.54
N ASP C 118 2.23 3.17 -11.43
CA ASP C 118 3.21 2.17 -11.02
C ASP C 118 4.54 2.51 -11.68
N PHE C 119 5.61 2.62 -10.90
CA PHE C 119 6.93 2.98 -11.43
C PHE C 119 7.59 1.83 -12.18
N PHE C 120 7.09 0.62 -11.97
CA PHE C 120 7.73 -0.58 -12.50
C PHE C 120 6.97 -1.19 -13.68
N PRO C 121 7.51 -1.02 -14.89
CA PRO C 121 6.89 -1.61 -16.09
C PRO C 121 7.06 -3.12 -16.02
N THR C 122 6.34 -3.86 -16.87
CA THR C 122 6.59 -5.29 -17.01
C THR C 122 7.92 -5.51 -17.73
N ARG C 123 8.52 -6.68 -17.54
CA ARG C 123 9.76 -7.02 -18.24
C ARG C 123 9.49 -7.10 -19.74
N ARG C 124 8.28 -7.55 -20.08
CA ARG C 124 7.84 -7.65 -21.46
C ARG C 124 7.83 -6.28 -22.11
N GLU C 125 7.26 -5.27 -21.44
CA GLU C 125 7.23 -3.93 -22.02
C GLU C 125 8.63 -3.33 -22.12
N PHE C 126 9.49 -3.62 -21.15
CA PHE C 126 10.82 -3.06 -21.19
C PHE C 126 11.58 -3.66 -22.36
N HIS C 127 11.28 -4.91 -22.68
CA HIS C 127 11.96 -5.56 -23.80
C HIS C 127 11.59 -4.85 -25.10
N ASP C 128 10.31 -4.53 -25.27
CA ASP C 128 9.85 -3.75 -26.35
C ASP C 128 10.50 -2.37 -26.40
N TYR C 129 10.74 -1.78 -25.27
CA TYR C 129 11.46 -0.52 -25.14
C TYR C 129 12.87 -0.66 -25.72
N LEU C 130 13.58 -1.73 -25.36
CA LEU C 130 14.93 -1.93 -25.86
C LEU C 130 14.95 -2.05 -27.39
N GLU C 131 14.02 -2.84 -27.93
CA GLU C 131 13.93 -3.03 -29.38
C GLU C 131 13.60 -1.72 -30.07
N TRP C 132 12.62 -1.00 -29.52
CA TRP C 132 12.24 0.32 -30.04
C TRP C 132 13.42 1.30 -30.08
N ALA C 133 14.21 1.34 -29.01
CA ALA C 133 15.34 2.25 -28.94
C ALA C 133 16.40 1.85 -29.97
N GLU C 134 16.66 0.56 -30.08
CA GLU C 134 17.62 0.04 -31.03
C GLU C 134 17.23 0.43 -32.48
N SER C 135 15.95 0.34 -32.80
CA SER C 135 15.46 0.73 -34.12
C SER C 135 15.64 2.23 -34.39
N LYS C 136 15.31 3.05 -33.41
CA LYS C 136 15.40 4.50 -33.56
C LYS C 136 16.85 4.91 -33.73
N LEU C 137 17.74 4.14 -33.14
CA LEU C 137 19.17 4.37 -33.21
C LEU C 137 19.63 4.51 -34.67
N ALA C 138 20.41 5.56 -34.95
CA ALA C 138 20.94 5.78 -36.30
C ALA C 138 21.89 4.64 -36.69
N HIS C 139 22.87 4.36 -35.84
CA HIS C 139 23.83 3.30 -36.10
C HIS C 139 23.16 1.95 -36.33
N GLU C 140 23.79 1.11 -37.13
CA GLU C 140 23.28 -0.23 -37.43
C GLU C 140 24.12 -1.29 -36.70
N VAL C 141 23.48 -2.03 -35.81
CA VAL C 141 24.17 -3.07 -35.03
C VAL C 141 24.43 -4.30 -35.89
N SER C 142 25.59 -4.94 -35.69
CA SER C 142 25.91 -6.18 -36.39
C SER C 142 25.47 -7.39 -35.57
N TYR C 143 24.40 -8.05 -36.00
CA TYR C 143 23.90 -9.25 -35.32
C TYR C 143 24.49 -10.55 -35.87
N ASP C 144 24.21 -11.67 -35.21
CA ASP C 144 24.76 -12.96 -35.59
C ASP C 144 26.28 -12.86 -35.75
N SER C 145 26.88 -12.05 -34.88
CA SER C 145 28.30 -11.77 -34.94
C SER C 145 28.93 -12.01 -33.59
N GLU C 146 29.59 -13.16 -33.42
CA GLU C 146 30.21 -13.49 -32.14
C GLU C 146 31.68 -13.10 -32.08
N VAL C 147 32.03 -12.19 -31.16
CA VAL C 147 33.42 -11.80 -30.96
C VAL C 147 34.13 -13.00 -30.33
N THR C 148 35.07 -13.58 -31.06
CA THR C 148 35.75 -14.78 -30.60
C THR C 148 37.06 -14.46 -29.91
N ALA C 149 37.62 -13.30 -30.23
CA ALA C 149 38.87 -12.91 -29.60
C ALA C 149 39.19 -11.44 -29.78
N ILE C 150 40.00 -10.92 -28.85
CA ILE C 150 40.56 -9.59 -29.00
C ILE C 150 42.08 -9.73 -28.98
N ARG C 151 42.73 -9.26 -30.03
CA ARG C 151 44.18 -9.35 -30.14
C ARG C 151 44.82 -7.98 -30.29
N PRO C 152 46.07 -7.86 -29.88
CA PRO C 152 46.78 -6.58 -29.99
C PRO C 152 46.96 -6.16 -31.45
N GLY C 153 46.82 -4.87 -31.72
CA GLY C 153 47.12 -4.35 -33.05
C GLY C 153 48.61 -4.21 -33.23
N PRO C 154 49.04 -3.79 -34.43
CA PRO C 154 50.47 -3.67 -34.73
C PRO C 154 51.14 -2.57 -33.91
N GLY C 155 52.41 -2.74 -33.61
CA GLY C 155 53.10 -1.70 -32.92
C GLY C 155 53.59 -2.14 -31.58
N ARG C 156 54.37 -1.24 -31.01
CA ARG C 156 54.69 -1.25 -29.63
C ARG C 156 54.96 0.22 -29.41
N PRO C 157 54.30 0.88 -28.47
CA PRO C 157 53.24 0.25 -27.68
C PRO C 157 52.02 0.04 -28.55
N VAL C 158 51.11 -0.79 -28.06
CA VAL C 158 49.90 -1.14 -28.78
C VAL C 158 48.89 0.02 -28.72
N ASP C 159 48.51 0.55 -29.89
CA ASP C 159 47.62 1.71 -29.96
C ASP C 159 46.22 1.33 -30.42
N SER C 160 46.05 0.07 -30.81
CA SER C 160 44.77 -0.41 -31.31
C SER C 160 44.63 -1.89 -30.98
N VAL C 161 43.41 -2.39 -31.02
CA VAL C 161 43.19 -3.82 -30.89
C VAL C 161 42.50 -4.40 -32.09
N LEU C 162 42.73 -5.68 -32.31
CA LEU C 162 42.09 -6.40 -33.42
C LEU C 162 40.95 -7.26 -32.87
N VAL C 163 39.75 -7.07 -33.44
CA VAL C 163 38.59 -7.77 -32.93
C VAL C 163 38.15 -8.83 -33.95
N ASP C 164 38.23 -10.09 -33.54
CA ASP C 164 37.84 -11.20 -34.41
C ASP C 164 36.35 -11.51 -34.28
N VAL C 165 35.64 -11.33 -35.37
CA VAL C 165 34.21 -11.53 -35.41
C VAL C 165 33.84 -12.70 -36.31
N SER C 166 33.09 -13.63 -35.75
CA SER C 166 32.65 -14.82 -36.47
C SER C 166 31.16 -14.70 -36.81
N THR C 167 30.84 -14.58 -38.09
CA THR C 167 29.46 -14.63 -38.53
C THR C 167 29.12 -16.04 -39.00
N PRO C 168 27.87 -16.28 -39.42
CA PRO C 168 27.47 -17.62 -39.89
C PRO C 168 28.19 -17.96 -41.19
N GLU C 169 28.31 -16.97 -42.07
CA GLU C 169 29.01 -17.14 -43.33
C GLU C 169 30.54 -17.15 -43.13
N ALA C 170 31.11 -15.97 -42.90
CA ALA C 170 32.56 -15.81 -42.82
C ALA C 170 33.10 -15.45 -41.44
N THR C 171 34.39 -15.14 -41.39
CA THR C 171 35.01 -14.53 -40.23
C THR C 171 35.74 -13.29 -40.71
N ARG C 172 35.81 -12.28 -39.85
CA ARG C 172 36.52 -11.05 -40.20
C ARG C 172 37.19 -10.45 -38.97
N THR C 173 37.91 -9.36 -39.19
CA THR C 173 38.61 -8.69 -38.11
C THR C 173 38.45 -7.18 -38.29
N VAL C 174 38.09 -6.50 -37.22
CA VAL C 174 37.99 -5.04 -37.23
C VAL C 174 38.99 -4.45 -36.25
N GLU C 175 39.37 -3.21 -36.50
CA GLU C 175 40.38 -2.56 -35.69
C GLU C 175 39.75 -1.40 -34.96
N ALA C 176 40.17 -1.20 -33.71
CA ALA C 176 39.59 -0.16 -32.87
C ALA C 176 40.61 0.40 -31.89
N ARG C 177 40.48 1.69 -31.57
CA ARG C 177 41.36 2.33 -30.60
C ARG C 177 40.86 2.07 -29.17
N ASN C 178 39.55 1.84 -29.05
CA ASN C 178 38.97 1.46 -27.78
C ASN C 178 37.97 0.31 -27.94
N ILE C 179 37.90 -0.55 -26.94
CA ILE C 179 36.84 -1.54 -26.84
C ILE C 179 35.98 -1.40 -25.57
N VAL C 180 34.70 -1.68 -25.70
CA VAL C 180 33.84 -1.77 -24.52
C VAL C 180 33.24 -3.17 -24.44
N ILE C 181 33.59 -3.90 -23.38
CA ILE C 181 33.13 -5.27 -23.21
C ILE C 181 31.91 -5.30 -22.30
N SER C 182 30.77 -5.75 -22.84
CA SER C 182 29.50 -5.82 -22.09
C SER C 182 28.77 -7.11 -22.45
N THR C 183 29.36 -8.23 -22.08
CA THR C 183 28.90 -9.53 -22.55
C THR C 183 27.98 -10.23 -21.56
N GLY C 184 27.64 -9.55 -20.46
CA GLY C 184 26.65 -10.06 -19.52
C GLY C 184 27.14 -11.09 -18.53
N LEU C 185 26.24 -11.51 -17.66
CA LEU C 185 26.55 -12.47 -16.60
C LEU C 185 26.63 -13.90 -17.16
N VAL C 186 27.19 -14.80 -16.37
CA VAL C 186 27.24 -16.20 -16.79
C VAL C 186 26.59 -17.09 -15.74
N PRO C 187 25.60 -17.89 -16.17
CA PRO C 187 24.80 -18.75 -15.30
C PRO C 187 25.66 -19.58 -14.38
N ARG C 188 25.24 -19.69 -13.12
CA ARG C 188 25.96 -20.47 -12.12
C ARG C 188 25.10 -21.59 -11.56
N MET C 189 25.56 -22.83 -11.76
CA MET C 189 24.84 -24.01 -11.30
C MET C 189 25.38 -24.41 -9.94
N PRO C 190 24.62 -25.13 -9.16
CA PRO C 190 25.11 -25.63 -7.89
C PRO C 190 26.28 -26.58 -8.08
N ALA C 191 27.21 -26.60 -7.15
CA ALA C 191 28.47 -27.31 -7.30
C ALA C 191 28.54 -28.66 -7.98
N GLY C 192 27.62 -29.56 -7.70
CA GLY C 192 27.72 -30.88 -8.28
C GLY C 192 26.64 -31.21 -9.26
N VAL C 193 26.25 -30.24 -10.06
CA VAL C 193 25.06 -30.35 -10.85
C VAL C 193 25.26 -29.76 -12.20
N GLN C 194 25.00 -30.55 -13.24
CA GLN C 194 25.23 -30.11 -14.61
C GLN C 194 23.93 -29.96 -15.40
N SER C 195 23.83 -28.87 -16.17
CA SER C 195 22.68 -28.68 -17.03
C SER C 195 22.43 -29.97 -17.80
N ASP C 196 21.23 -30.19 -18.31
CA ASP C 196 20.79 -31.51 -18.73
C ASP C 196 19.51 -31.29 -19.43
N GLU C 197 18.92 -32.36 -19.96
CA GLU C 197 17.59 -32.27 -20.57
C GLU C 197 16.52 -32.24 -19.50
N PHE C 198 16.95 -32.48 -18.25
CA PHE C 198 16.07 -32.46 -17.11
C PHE C 198 16.57 -31.65 -15.92
N VAL C 199 17.75 -31.10 -16.02
CA VAL C 199 18.24 -30.10 -15.12
C VAL C 199 18.50 -28.76 -15.79
N TRP C 200 17.62 -27.78 -15.63
CA TRP C 200 17.73 -26.50 -16.32
C TRP C 200 18.17 -25.37 -15.38
N HIS C 201 19.06 -24.50 -15.85
CA HIS C 201 19.29 -23.25 -15.14
C HIS C 201 18.10 -22.35 -15.43
N SER C 202 17.76 -21.48 -14.48
CA SER C 202 16.60 -20.61 -14.61
C SER C 202 16.69 -19.74 -15.85
N SER C 203 17.92 -19.35 -16.21
CA SER C 203 18.13 -18.53 -17.42
C SER C 203 17.55 -19.15 -18.69
N ARG C 204 17.39 -20.47 -18.68
CA ARG C 204 16.85 -21.19 -19.84
C ARG C 204 15.55 -21.91 -19.50
N PHE C 205 14.77 -21.33 -18.58
CA PHE C 205 13.49 -21.92 -18.18
C PHE C 205 12.46 -21.98 -19.31
N LEU C 206 12.15 -20.84 -19.93
CA LEU C 206 11.11 -20.82 -20.95
C LEU C 206 11.56 -21.55 -22.22
N ASP C 207 12.86 -21.51 -22.52
CA ASP C 207 13.41 -22.26 -23.64
C ASP C 207 13.00 -23.73 -23.56
N HIS C 208 13.24 -24.35 -22.41
CA HIS C 208 12.90 -25.76 -22.22
C HIS C 208 11.40 -25.97 -22.01
N PHE C 209 10.77 -25.07 -21.27
CA PHE C 209 9.40 -25.28 -20.82
C PHE C 209 8.40 -25.33 -21.96
N ARG C 210 8.54 -24.44 -22.93
CA ARG C 210 7.67 -24.32 -24.06
C ARG C 210 7.67 -25.52 -24.97
N ASP C 211 8.81 -26.18 -25.00
CA ASP C 211 9.06 -27.31 -25.81
C ASP C 211 8.54 -28.59 -25.19
N ARG C 212 7.80 -28.50 -24.11
CA ARG C 212 7.54 -29.65 -23.32
C ARG C 212 6.08 -29.92 -23.30
N ASP C 213 5.72 -31.19 -23.24
CA ASP C 213 4.32 -31.58 -23.10
C ASP C 213 3.81 -31.14 -21.73
N PRO C 214 2.52 -30.58 -21.72
CA PRO C 214 2.10 -30.14 -20.36
C PRO C 214 2.19 -31.26 -19.34
N ARG C 215 1.74 -32.41 -19.69
CA ARG C 215 1.71 -33.46 -18.75
C ARG C 215 3.01 -34.21 -18.71
N SER C 216 4.11 -33.48 -18.62
CA SER C 216 5.47 -34.05 -18.62
C SER C 216 6.33 -33.22 -17.68
N LEU C 217 5.64 -32.54 -16.78
CA LEU C 217 6.17 -31.65 -15.82
C LEU C 217 5.13 -31.46 -14.72
N ARG C 218 4.59 -32.55 -14.21
CA ARG C 218 3.65 -32.50 -13.11
C ARG C 218 4.36 -32.37 -11.80
N ARG C 219 5.60 -32.77 -11.74
CA ARG C 219 6.42 -32.60 -10.56
C ARG C 219 7.70 -31.83 -10.88
N VAL C 220 7.82 -30.63 -10.31
CA VAL C 220 8.98 -29.79 -10.56
C VAL C 220 9.65 -29.35 -9.27
N ALA C 221 10.98 -29.45 -9.23
CA ALA C 221 11.74 -28.91 -8.10
C ALA C 221 12.48 -27.65 -8.56
N VAL C 222 12.38 -26.60 -7.77
CA VAL C 222 13.08 -25.36 -8.07
C VAL C 222 14.01 -25.04 -6.91
N ALA C 223 15.30 -24.99 -7.20
CA ALA C 223 16.30 -24.69 -6.18
C ALA C 223 16.65 -23.19 -6.20
N GLY C 224 16.75 -22.60 -5.00
CA GLY C 224 17.07 -21.18 -4.88
C GLY C 224 16.02 -20.40 -4.10
N GLY C 225 16.46 -19.28 -3.50
CA GLY C 225 15.56 -18.43 -2.74
C GLY C 225 15.47 -16.99 -3.24
N GLY C 226 15.92 -16.75 -4.48
CA GLY C 226 15.95 -15.40 -5.03
C GLY C 226 14.75 -15.10 -5.91
N GLN C 227 14.79 -13.94 -6.57
CA GLN C 227 13.71 -13.50 -7.45
C GLN C 227 13.38 -14.54 -8.53
N SER C 228 14.42 -15.09 -9.17
CA SER C 228 14.20 -16.09 -10.22
C SER C 228 13.40 -17.29 -9.72
N ALA C 229 13.86 -17.89 -8.61
CA ALA C 229 13.18 -19.05 -8.02
C ALA C 229 11.73 -18.70 -7.70
N ALA C 230 11.53 -17.55 -7.05
CA ALA C 230 10.18 -17.14 -6.66
C ALA C 230 9.30 -16.96 -7.89
N GLU C 231 9.84 -16.32 -8.94
CA GLU C 231 9.01 -16.06 -10.13
C GLU C 231 8.66 -17.34 -10.84
N ILE C 232 9.59 -18.29 -10.89
CA ILE C 232 9.33 -19.56 -11.55
C ILE C 232 8.28 -20.38 -10.78
N VAL C 233 8.42 -20.42 -9.46
CA VAL C 233 7.43 -21.14 -8.64
C VAL C 233 6.03 -20.55 -8.81
N ARG C 234 5.94 -19.22 -8.77
CA ARG C 234 4.66 -18.53 -8.98
C ARG C 234 4.08 -18.92 -10.33
N PHE C 235 4.87 -18.79 -11.38
CA PHE C 235 4.45 -19.16 -12.73
C PHE C 235 3.95 -20.63 -12.81
N LEU C 236 4.73 -21.57 -12.27
CA LEU C 236 4.32 -22.97 -12.24
C LEU C 236 2.98 -23.18 -11.57
N HIS C 237 2.77 -22.48 -10.45
CA HIS C 237 1.52 -22.63 -9.68
C HIS C 237 0.34 -22.12 -10.47
N ASP C 238 0.56 -21.01 -11.17
CA ASP C 238 -0.49 -20.33 -11.90
C ASP C 238 -0.76 -20.97 -13.28
N ASN C 239 0.25 -21.64 -13.84
CA ASN C 239 0.16 -22.19 -15.19
C ASN C 239 -0.74 -23.43 -15.32
N ARG C 240 -0.61 -24.33 -14.34
CA ARG C 240 -1.46 -25.51 -14.25
C ARG C 240 -1.90 -25.72 -12.81
N PRO C 241 -3.13 -26.20 -12.64
CA PRO C 241 -3.72 -26.42 -11.30
C PRO C 241 -3.25 -27.67 -10.59
N ASP C 242 -2.60 -28.59 -11.31
CA ASP C 242 -2.21 -29.87 -10.73
C ASP C 242 -0.73 -29.99 -10.42
N THR C 243 0.08 -29.15 -11.07
CA THR C 243 1.52 -29.21 -10.88
C THR C 243 1.89 -29.16 -9.39
N VAL C 244 2.77 -30.05 -8.96
CA VAL C 244 3.30 -30.05 -7.61
C VAL C 244 4.72 -29.51 -7.69
N VAL C 245 5.02 -28.57 -6.80
CA VAL C 245 6.29 -27.86 -6.84
C VAL C 245 7.02 -27.98 -5.51
N HIS C 246 8.32 -28.24 -5.56
CA HIS C 246 9.16 -28.29 -4.37
C HIS C 246 10.21 -27.18 -4.41
N ALA C 247 10.01 -26.15 -3.60
CA ALA C 247 10.91 -25.01 -3.59
C ALA C 247 11.97 -25.26 -2.54
N ILE C 248 13.19 -25.54 -3.01
CA ILE C 248 14.30 -25.88 -2.14
C ILE C 248 15.24 -24.69 -2.00
N MET C 249 15.43 -24.21 -0.78
CA MET C 249 16.23 -23.02 -0.50
C MET C 249 16.86 -23.09 0.90
N PRO C 250 18.03 -22.46 1.08
CA PRO C 250 18.78 -22.52 2.34
C PRO C 250 18.16 -21.69 3.49
N SER C 251 17.44 -20.63 3.16
CA SER C 251 16.83 -19.81 4.20
C SER C 251 15.56 -20.47 4.76
N TYR C 252 15.01 -19.93 5.84
CA TYR C 252 13.79 -20.49 6.42
C TYR C 252 12.56 -20.05 5.63
N GLY C 253 12.74 -19.00 4.81
CA GLY C 253 11.67 -18.50 3.96
C GLY C 253 12.25 -17.43 3.06
N TYR C 254 11.53 -17.05 2.01
CA TYR C 254 12.02 -15.97 1.14
C TYR C 254 12.35 -14.73 1.98
N VAL C 255 13.46 -14.09 1.65
CA VAL C 255 13.86 -12.84 2.26
C VAL C 255 13.47 -11.67 1.34
N VAL C 256 12.90 -10.61 1.91
CA VAL C 256 12.40 -9.52 1.10
C VAL C 256 13.55 -8.69 0.52
N ALA C 257 13.36 -8.23 -0.71
CA ALA C 257 14.32 -7.33 -1.35
C ALA C 257 14.13 -5.89 -0.84
N ASP C 258 15.21 -5.29 -0.35
CA ASP C 258 15.12 -3.93 0.16
C ASP C 258 15.28 -2.90 -0.96
N ASN C 259 14.22 -2.16 -1.24
CA ASN C 259 14.39 -0.96 -2.07
C ASN C 259 13.76 0.28 -1.41
N THR C 260 13.72 0.29 -0.08
CA THR C 260 13.33 1.49 0.65
C THR C 260 14.35 2.59 0.35
N PRO C 261 13.92 3.85 0.41
CA PRO C 261 14.68 4.95 -0.24
C PRO C 261 16.11 5.20 0.25
N PHE C 262 16.41 5.05 1.54
CA PHE C 262 17.78 5.27 1.99
C PHE C 262 18.73 4.16 1.53
N ALA C 263 18.30 2.91 1.67
CA ALA C 263 19.13 1.80 1.27
C ALA C 263 19.28 1.84 -0.23
N ASN C 264 18.21 2.26 -0.91
CA ASN C 264 18.21 2.31 -2.37
C ASN C 264 19.19 3.33 -2.94
N GLN C 265 19.70 4.21 -2.09
CA GLN C 265 20.70 5.18 -2.52
C GLN C 265 22.04 4.55 -2.93
N ILE C 266 22.26 3.27 -2.60
CA ILE C 266 23.49 2.61 -3.03
C ILE C 266 23.50 2.46 -4.55
N PHE C 267 22.34 2.62 -5.17
CA PHE C 267 22.24 2.54 -6.62
C PHE C 267 22.38 3.90 -7.30
N ASP C 268 22.46 4.96 -6.50
CA ASP C 268 22.66 6.32 -7.02
C ASP C 268 23.95 6.44 -7.83
N PRO C 269 23.94 7.30 -8.86
CA PRO C 269 25.18 7.65 -9.55
C PRO C 269 26.27 8.04 -8.55
N ALA C 270 25.94 8.94 -7.63
CA ALA C 270 26.93 9.41 -6.66
C ALA C 270 27.47 8.30 -5.76
N ALA C 271 26.66 7.26 -5.55
CA ALA C 271 27.08 6.14 -4.69
C ALA C 271 28.25 5.36 -5.32
N VAL C 272 28.33 5.42 -6.65
CA VAL C 272 29.46 4.84 -7.36
C VAL C 272 30.76 5.48 -6.85
N ASP C 273 30.78 6.81 -6.75
CA ASP C 273 31.97 7.48 -6.24
C ASP C 273 32.27 7.13 -4.79
N ASP C 274 31.23 7.06 -3.96
CA ASP C 274 31.40 6.68 -2.56
C ASP C 274 32.02 5.29 -2.45
N TYR C 275 31.50 4.36 -3.25
CA TYR C 275 32.05 3.00 -3.25
C TYR C 275 33.47 2.97 -3.80
N PHE C 276 33.67 3.57 -4.97
CA PHE C 276 34.96 3.59 -5.63
C PHE C 276 36.05 4.22 -4.76
N ASP C 277 35.78 5.40 -4.22
CA ASP C 277 36.76 6.15 -3.45
C ASP C 277 36.92 5.66 -2.02
N GLY C 278 35.98 4.83 -1.56
CA GLY C 278 36.01 4.34 -0.19
C GLY C 278 37.04 3.25 -0.02
N SER C 279 37.47 3.05 1.23
CA SER C 279 38.42 2.00 1.57
C SER C 279 37.79 0.62 1.39
N LYS C 280 38.62 -0.42 1.35
CA LYS C 280 38.12 -1.80 1.26
C LYS C 280 37.13 -2.05 2.40
N GLN C 281 37.41 -1.48 3.54
CA GLN C 281 36.57 -1.62 4.69
C GLN C 281 35.17 -1.02 4.45
N ALA C 282 35.10 0.11 3.80
CA ALA C 282 33.82 0.70 3.42
C ALA C 282 33.13 -0.14 2.35
N LYS C 283 33.88 -0.57 1.34
CA LYS C 283 33.33 -1.43 0.30
C LYS C 283 32.68 -2.67 0.92
N ASP C 284 33.37 -3.29 1.87
CA ASP C 284 32.84 -4.48 2.56
C ASP C 284 31.53 -4.16 3.26
N ALA C 285 31.45 -2.97 3.86
CA ALA C 285 30.24 -2.54 4.55
C ALA C 285 29.04 -2.46 3.60
N PHE C 286 29.27 -1.99 2.37
CA PHE C 286 28.19 -1.95 1.37
C PHE C 286 27.57 -3.32 1.23
N TRP C 287 28.43 -4.33 1.04
CA TRP C 287 28.00 -5.71 0.84
C TRP C 287 27.38 -6.31 2.09
N ARG C 288 28.01 -6.07 3.23
CA ARG C 288 27.53 -6.59 4.51
C ARG C 288 26.13 -6.11 4.88
N TYR C 289 25.86 -4.83 4.65
CA TYR C 289 24.58 -4.26 5.05
C TYR C 289 23.54 -4.25 3.94
N HIS C 290 23.97 -4.26 2.69
CA HIS C 290 23.02 -4.02 1.61
C HIS C 290 22.98 -5.07 0.51
N ARG C 291 23.53 -6.24 0.76
CA ARG C 291 23.44 -7.36 -0.14
C ARG C 291 22.00 -7.70 -0.42
N ASN C 292 21.15 -7.52 0.58
CA ASN C 292 19.75 -7.75 0.47
C ASN C 292 18.96 -6.77 -0.35
N THR C 293 19.61 -5.91 -1.07
CA THR C 293 18.96 -5.04 -2.05
C THR C 293 18.89 -5.72 -3.41
N ASN C 294 19.73 -6.74 -3.60
CA ASN C 294 19.98 -7.26 -4.95
C ASN C 294 20.11 -8.77 -5.05
N TYR C 295 20.81 -9.39 -4.10
CA TYR C 295 21.07 -10.83 -4.17
C TYR C 295 20.29 -11.68 -3.16
N SER C 296 19.74 -12.80 -3.64
CA SER C 296 19.11 -13.78 -2.76
C SER C 296 17.88 -13.20 -2.06
N VAL C 297 17.16 -12.33 -2.76
CA VAL C 297 16.00 -11.67 -2.17
C VAL C 297 14.88 -11.58 -3.18
N VAL C 298 13.66 -11.41 -2.68
CA VAL C 298 12.49 -11.45 -3.53
C VAL C 298 11.66 -10.19 -3.33
N ASP C 299 11.06 -9.71 -4.41
CA ASP C 299 10.16 -8.59 -4.35
C ASP C 299 8.94 -8.87 -3.43
N ASP C 300 8.61 -7.87 -2.61
CA ASP C 300 7.50 -7.94 -1.68
C ASP C 300 6.23 -8.56 -2.29
N GLU C 301 5.80 -8.03 -3.43
CA GLU C 301 4.55 -8.48 -4.06
C GLU C 301 4.60 -9.96 -4.45
N VAL C 302 5.77 -10.42 -4.90
CA VAL C 302 5.88 -11.82 -5.33
C VAL C 302 5.79 -12.72 -4.10
N ILE C 303 6.46 -12.33 -3.03
CA ILE C 303 6.39 -13.09 -1.79
C ILE C 303 4.93 -13.23 -1.30
N ARG C 304 4.22 -12.13 -1.24
CA ARG C 304 2.88 -12.11 -0.80
C ARG C 304 1.90 -12.84 -1.69
N ASP C 305 2.15 -12.78 -2.97
CA ASP C 305 1.33 -13.56 -3.90
C ASP C 305 1.53 -15.07 -3.70
N LEU C 306 2.77 -15.47 -3.44
CA LEU C 306 3.06 -16.87 -3.21
C LEU C 306 2.39 -17.33 -1.92
N TYR C 307 2.44 -16.47 -0.91
CA TYR C 307 1.93 -16.84 0.40
C TYR C 307 0.41 -17.00 0.34
N ARG C 308 -0.28 -16.13 -0.40
CA ARG C 308 -1.72 -16.23 -0.57
C ARG C 308 -2.09 -17.53 -1.32
N ARG C 309 -1.29 -17.87 -2.33
CA ARG C 309 -1.53 -19.09 -3.10
C ARG C 309 -1.43 -20.31 -2.23
N GLY C 310 -0.41 -20.35 -1.37
CA GLY C 310 -0.23 -21.47 -0.47
C GLY C 310 -1.37 -21.55 0.51
N TYR C 311 -1.77 -20.39 1.03
CA TYR C 311 -2.83 -20.33 2.03
C TYR C 311 -4.14 -20.84 1.46
N ASP C 312 -4.51 -20.35 0.27
CA ASP C 312 -5.77 -20.76 -0.33
C ASP C 312 -5.80 -22.26 -0.66
N ASP C 313 -4.66 -22.80 -1.09
CA ASP C 313 -4.57 -24.23 -1.36
C ASP C 313 -4.85 -25.03 -0.09
N GLU C 314 -4.32 -24.57 1.04
CA GLU C 314 -4.55 -25.23 2.32
C GLU C 314 -6.03 -25.22 2.65
N VAL C 315 -6.65 -24.06 2.54
CA VAL C 315 -8.09 -23.93 2.78
C VAL C 315 -8.87 -24.93 1.91
N ALA C 316 -8.43 -25.09 0.67
CA ALA C 316 -9.10 -25.96 -0.29
C ALA C 316 -8.75 -27.43 -0.09
N GLY C 317 -7.82 -27.71 0.82
CA GLY C 317 -7.40 -29.07 1.10
C GLY C 317 -6.57 -29.69 -0.02
N ALA C 318 -5.93 -28.85 -0.83
CA ALA C 318 -5.16 -29.33 -1.98
C ALA C 318 -3.80 -28.63 -2.07
N PRO C 319 -2.92 -28.92 -1.11
CA PRO C 319 -1.57 -28.32 -1.11
C PRO C 319 -0.76 -28.80 -2.32
N ARG C 320 -0.02 -27.90 -2.94
CA ARG C 320 0.80 -28.24 -4.09
C ARG C 320 2.22 -27.68 -3.94
N LEU C 321 2.32 -26.51 -3.29
CA LEU C 321 3.62 -25.89 -3.08
C LEU C 321 4.27 -26.43 -1.83
N ASN C 322 5.43 -27.07 -1.99
CA ASN C 322 6.17 -27.60 -0.87
C ASN C 322 7.44 -26.80 -0.65
N PHE C 323 7.48 -26.06 0.45
CA PHE C 323 8.64 -25.25 0.75
C PHE C 323 9.64 -26.05 1.58
N VAL C 324 10.76 -26.38 0.94
CA VAL C 324 11.79 -27.17 1.57
C VAL C 324 12.89 -26.22 1.99
N ASN C 325 12.78 -25.77 3.24
CA ASN C 325 13.65 -24.70 3.71
C ASN C 325 14.85 -25.24 4.45
N LEU C 326 15.84 -24.38 4.69
CA LEU C 326 17.08 -24.79 5.35
C LEU C 326 17.70 -26.00 4.62
N ALA C 327 17.79 -25.89 3.30
CA ALA C 327 18.19 -27.04 2.48
C ALA C 327 18.94 -26.61 1.19
N HIS C 328 19.82 -27.47 0.68
CA HIS C 328 20.51 -27.23 -0.60
C HIS C 328 20.31 -28.41 -1.52
N VAL C 329 20.22 -28.15 -2.82
CA VAL C 329 20.32 -29.22 -3.81
C VAL C 329 21.81 -29.52 -3.96
N VAL C 330 22.18 -30.79 -3.84
CA VAL C 330 23.60 -31.16 -3.94
C VAL C 330 23.91 -32.10 -5.11
N GLY C 331 22.89 -32.71 -5.68
CA GLY C 331 23.07 -33.59 -6.82
C GLY C 331 21.77 -33.83 -7.58
N ALA C 332 21.90 -34.24 -8.84
CA ALA C 332 20.76 -34.66 -9.63
C ALA C 332 21.21 -35.78 -10.56
N LYS C 333 20.36 -36.80 -10.72
CA LYS C 333 20.63 -37.93 -11.61
C LYS C 333 19.32 -38.36 -12.26
N ARG C 334 19.41 -38.88 -13.48
CA ARG C 334 18.24 -39.39 -14.19
C ARG C 334 18.12 -40.90 -13.97
N ILE C 335 16.98 -41.34 -13.44
CA ILE C 335 16.78 -42.75 -13.13
C ILE C 335 15.44 -43.21 -13.64
N ALA C 336 15.43 -43.85 -14.81
CA ALA C 336 14.19 -44.20 -15.49
C ALA C 336 13.43 -42.94 -15.89
N ASP C 337 12.21 -42.81 -15.47
CA ASP C 337 11.47 -41.62 -15.82
C ASP C 337 11.39 -40.62 -14.71
N ASP C 338 12.42 -40.57 -13.89
CA ASP C 338 12.48 -39.58 -12.86
C ASP C 338 13.77 -38.89 -12.80
N THR C 339 13.71 -37.65 -12.36
CA THR C 339 14.89 -36.90 -12.09
C THR C 339 15.07 -36.98 -10.61
N ARG C 340 16.15 -37.64 -10.19
CA ARG C 340 16.41 -37.84 -8.76
C ARG C 340 17.25 -36.70 -8.21
N VAL C 341 16.66 -35.88 -7.35
CA VAL C 341 17.38 -34.75 -6.79
C VAL C 341 17.84 -35.08 -5.38
N THR C 342 19.12 -34.90 -5.13
CA THR C 342 19.64 -35.10 -3.80
C THR C 342 19.63 -33.78 -3.04
N VAL C 343 18.90 -33.77 -1.92
CA VAL C 343 18.74 -32.60 -1.09
C VAL C 343 19.47 -32.77 0.23
N TYR C 344 20.27 -31.78 0.59
CA TYR C 344 20.89 -31.77 1.91
C TYR C 344 20.07 -30.92 2.90
N SER C 345 19.64 -31.53 4.00
CA SER C 345 18.92 -30.79 5.04
C SER C 345 19.88 -30.32 6.11
N MET C 346 19.99 -29.01 6.27
CA MET C 346 20.83 -28.44 7.34
C MET C 346 20.30 -28.78 8.74
N ALA C 347 18.98 -28.84 8.88
CA ALA C 347 18.38 -29.10 10.19
C ALA C 347 18.78 -30.48 10.71
N ARG C 348 18.60 -31.50 9.88
CA ARG C 348 18.94 -32.87 10.27
C ARG C 348 20.38 -33.24 9.90
N GLU C 349 21.02 -32.40 9.09
CA GLU C 349 22.40 -32.66 8.66
C GLU C 349 22.54 -33.98 7.92
N GLU C 350 21.62 -34.25 7.01
CA GLU C 350 21.73 -35.43 6.17
C GLU C 350 21.07 -35.20 4.82
N SER C 351 21.41 -36.07 3.86
CA SER C 351 20.86 -35.95 2.52
C SER C 351 19.74 -36.94 2.33
N TYR C 352 18.85 -36.64 1.38
CA TYR C 352 17.84 -37.58 0.97
C TYR C 352 17.48 -37.31 -0.47
N ASP C 353 16.72 -38.20 -1.08
CA ASP C 353 16.38 -38.07 -2.47
C ASP C 353 14.94 -37.59 -2.69
N LEU C 354 14.76 -36.80 -3.74
CA LEU C 354 13.48 -36.25 -4.10
C LEU C 354 13.26 -36.55 -5.59
N ASP C 355 12.21 -37.31 -5.91
CA ASP C 355 11.93 -37.63 -7.30
C ASP C 355 10.94 -36.67 -7.95
N VAL C 356 11.37 -36.06 -9.05
CA VAL C 356 10.55 -35.10 -9.79
C VAL C 356 10.76 -35.33 -11.28
N ASP C 357 10.01 -34.62 -12.11
CA ASP C 357 10.18 -34.69 -13.56
C ASP C 357 11.34 -33.81 -14.00
N VAL C 358 11.39 -32.60 -13.44
CA VAL C 358 12.40 -31.62 -13.82
C VAL C 358 12.95 -30.88 -12.59
N LEU C 359 14.25 -30.62 -12.62
CA LEU C 359 14.92 -29.78 -11.64
C LEU C 359 15.28 -28.44 -12.28
N VAL C 360 14.75 -27.34 -11.75
CA VAL C 360 15.15 -26.00 -12.22
C VAL C 360 16.08 -25.39 -11.20
N CYS C 361 17.28 -25.03 -11.63
CA CYS C 361 18.25 -24.39 -10.74
C CYS C 361 18.22 -22.88 -10.94
N ALA C 362 17.57 -22.18 -10.02
CA ALA C 362 17.51 -20.73 -10.05
C ALA C 362 18.58 -20.25 -9.10
N THR C 363 19.81 -20.67 -9.36
CA THR C 363 20.90 -20.52 -8.41
C THR C 363 21.85 -19.36 -8.76
N GLY C 364 21.36 -18.45 -9.61
CA GLY C 364 22.06 -17.19 -9.88
C GLY C 364 23.14 -17.21 -10.95
N TYR C 365 23.96 -16.17 -10.96
CA TYR C 365 24.90 -15.92 -12.02
C TYR C 365 26.26 -15.50 -11.46
N ASP C 366 27.33 -15.78 -12.20
CA ASP C 366 28.61 -15.17 -11.90
C ASP C 366 28.80 -13.94 -12.77
N PRO C 367 29.59 -12.97 -12.26
CA PRO C 367 29.78 -11.70 -12.97
C PRO C 367 30.49 -11.87 -14.30
N MET C 368 30.32 -10.86 -15.16
CA MET C 368 31.08 -10.77 -16.41
C MET C 368 32.59 -10.77 -16.11
N ASP C 369 33.35 -11.51 -16.91
CA ASP C 369 34.79 -11.56 -16.80
C ASP C 369 35.43 -11.33 -18.17
N PRO C 370 36.12 -10.22 -18.33
CA PRO C 370 36.72 -9.85 -19.62
C PRO C 370 37.94 -10.73 -19.96
N GLY C 371 38.46 -11.45 -18.98
CA GLY C 371 39.66 -12.25 -19.14
C GLY C 371 39.70 -13.17 -20.34
N ASP C 372 38.64 -13.96 -20.51
CA ASP C 372 38.57 -14.93 -21.61
C ASP C 372 38.79 -14.27 -22.98
N LEU C 373 38.03 -13.22 -23.24
CA LEU C 373 38.05 -12.51 -24.51
C LEU C 373 39.38 -11.78 -24.74
N LEU C 374 39.98 -11.29 -23.66
CA LEU C 374 41.18 -10.47 -23.75
C LEU C 374 42.37 -11.32 -24.13
N GLY C 375 42.21 -12.63 -23.98
CA GLY C 375 43.24 -13.58 -24.32
C GLY C 375 44.63 -13.14 -23.86
N GLU C 376 45.43 -12.68 -24.82
CA GLU C 376 46.77 -12.27 -24.54
C GLU C 376 46.93 -10.84 -24.18
N LEU C 377 45.92 -10.01 -24.36
CA LEU C 377 46.01 -8.66 -23.90
C LEU C 377 46.08 -8.67 -22.42
N ALA C 378 45.59 -9.74 -21.84
CA ALA C 378 45.34 -9.78 -20.44
C ALA C 378 46.61 -9.65 -19.71
N GLU C 379 47.70 -10.04 -20.33
CA GLU C 379 48.95 -10.09 -19.63
C GLU C 379 49.30 -8.71 -19.15
N HIS C 380 48.77 -7.72 -19.83
CA HIS C 380 49.11 -6.35 -19.59
C HIS C 380 48.09 -5.65 -18.75
N CYS C 381 47.05 -6.36 -18.37
CA CYS C 381 46.04 -5.78 -17.50
C CYS C 381 46.46 -6.01 -16.10
N VAL C 382 46.52 -4.94 -15.37
CA VAL C 382 47.01 -5.02 -14.00
C VAL C 382 45.96 -5.57 -13.03
N GLN C 383 46.37 -6.51 -12.20
CA GLN C 383 45.48 -7.08 -11.21
C GLN C 383 45.72 -6.49 -9.83
N ASP C 384 44.77 -6.68 -8.91
CA ASP C 384 44.92 -6.22 -7.54
C ASP C 384 45.39 -7.36 -6.65
N ALA C 385 45.42 -7.12 -5.34
CA ALA C 385 45.79 -8.14 -4.39
C ALA C 385 44.89 -9.36 -4.46
N GLU C 386 43.62 -9.16 -4.74
CA GLU C 386 42.69 -10.26 -4.75
C GLU C 386 42.73 -11.10 -6.00
N GLY C 387 43.33 -10.60 -7.05
CA GLY C 387 43.35 -11.32 -8.30
C GLY C 387 42.34 -10.78 -9.28
N ARG C 388 41.79 -9.63 -8.97
CA ARG C 388 40.79 -9.05 -9.81
C ARG C 388 41.36 -7.94 -10.66
N TRP C 389 40.70 -7.62 -11.75
CA TRP C 389 41.13 -6.56 -12.61
C TRP C 389 41.03 -5.17 -12.01
N GLN C 390 42.13 -4.44 -12.03
CA GLN C 390 42.12 -3.04 -11.60
C GLN C 390 41.43 -2.17 -12.64
N VAL C 391 40.43 -1.40 -12.21
CA VAL C 391 39.66 -0.57 -13.13
C VAL C 391 39.64 0.87 -12.63
N ASP C 392 39.81 1.82 -13.56
CA ASP C 392 39.73 3.24 -13.22
C ASP C 392 38.28 3.69 -13.02
N ARG C 393 38.12 4.87 -12.44
CA ARG C 393 36.79 5.39 -12.16
C ARG C 393 35.94 5.44 -13.43
N ASP C 394 36.57 5.68 -14.58
CA ASP C 394 35.84 5.82 -15.85
C ASP C 394 35.62 4.46 -16.56
N TYR C 395 35.77 3.37 -15.81
CA TYR C 395 35.44 2.02 -16.28
C TYR C 395 36.47 1.44 -17.22
N ARG C 396 37.62 2.09 -17.29
CA ARG C 396 38.71 1.66 -18.15
C ARG C 396 39.72 0.81 -17.38
N MET C 397 39.97 -0.40 -17.87
CA MET C 397 40.91 -1.32 -17.23
C MET C 397 42.29 -0.65 -17.13
N VAL C 398 42.92 -0.85 -15.98
CA VAL C 398 44.28 -0.35 -15.77
C VAL C 398 45.27 -1.27 -16.49
N THR C 399 46.09 -0.69 -17.37
CA THR C 399 47.10 -1.46 -18.09
C THR C 399 48.50 -0.90 -17.88
N THR C 400 49.50 -1.69 -18.25
CA THR C 400 50.88 -1.22 -18.32
C THR C 400 51.05 -0.29 -19.51
N PRO C 401 52.13 0.44 -19.50
CA PRO C 401 52.45 1.33 -20.59
C PRO C 401 52.52 0.54 -21.88
N ASP C 402 52.86 -0.72 -21.80
CA ASP C 402 52.99 -1.54 -22.99
C ASP C 402 51.70 -1.64 -23.77
N LEU C 403 50.64 -1.05 -23.23
CA LEU C 403 49.33 -1.13 -23.85
C LEU C 403 48.67 0.22 -23.66
N ARG C 404 48.07 0.75 -24.72
CA ARG C 404 47.62 2.13 -24.64
C ARG C 404 46.26 2.37 -25.23
N CYS C 405 45.67 1.35 -25.79
CA CYS C 405 44.31 1.44 -26.24
C CYS C 405 43.39 1.29 -25.03
N GLY C 406 42.18 1.80 -25.11
CA GLY C 406 41.23 1.72 -24.01
C GLY C 406 40.38 0.45 -23.99
N ILE C 407 40.41 -0.25 -22.85
CA ILE C 407 39.52 -1.38 -22.60
C ILE C 407 38.54 -1.04 -21.47
N TYR C 408 37.28 -0.82 -21.85
CA TYR C 408 36.23 -0.43 -20.90
C TYR C 408 35.30 -1.59 -20.58
N LEU C 409 34.90 -1.67 -19.30
CA LEU C 409 34.02 -2.73 -18.82
C LEU C 409 32.63 -2.22 -18.42
N GLN C 410 31.60 -2.77 -19.04
CA GLN C 410 30.24 -2.56 -18.59
C GLN C 410 29.75 -3.91 -18.07
N GLY C 411 29.86 -4.08 -16.76
CA GLY C 411 29.77 -5.39 -16.14
C GLY C 411 31.13 -5.75 -15.57
N GLY C 412 31.17 -6.71 -14.65
CA GLY C 412 32.43 -7.17 -14.09
C GLY C 412 33.16 -6.14 -13.25
N THR C 413 32.45 -5.11 -12.79
CA THR C 413 33.05 -4.07 -11.95
C THR C 413 32.43 -3.98 -10.55
N GLU C 414 31.90 -5.10 -10.07
CA GLU C 414 31.28 -5.14 -8.74
C GLU C 414 32.28 -4.87 -7.62
N HIS C 415 33.55 -5.20 -7.85
CA HIS C 415 34.59 -5.02 -6.85
C HIS C 415 35.20 -3.63 -6.82
N THR C 416 35.04 -2.87 -7.91
CA THR C 416 35.59 -1.52 -7.99
C THR C 416 34.53 -0.43 -7.94
N HIS C 417 33.37 -0.71 -8.53
CA HIS C 417 32.34 0.31 -8.68
C HIS C 417 31.04 0.04 -7.90
N GLY C 418 30.87 -1.20 -7.43
CA GLY C 418 29.75 -1.51 -6.56
C GLY C 418 28.56 -2.23 -7.18
N LEU C 419 27.48 -2.35 -6.40
CA LEU C 419 26.37 -3.24 -6.72
C LEU C 419 25.60 -2.87 -7.99
N SER C 420 25.75 -1.64 -8.47
CA SER C 420 24.97 -1.22 -9.63
C SER C 420 25.63 -1.67 -10.94
N SER C 421 26.83 -2.22 -10.85
CA SER C 421 27.65 -2.48 -12.04
C SER C 421 27.04 -3.42 -13.08
N SER C 422 26.16 -4.31 -12.64
CA SER C 422 25.58 -5.27 -13.57
C SER C 422 24.08 -5.05 -13.76
N LEU C 423 23.59 -3.94 -13.19
CA LEU C 423 22.17 -3.62 -13.17
C LEU C 423 21.83 -2.55 -14.19
N LEU C 424 20.53 -2.29 -14.36
CA LEU C 424 20.04 -1.21 -15.21
C LEU C 424 20.06 0.14 -14.49
N SER C 425 20.36 0.11 -13.20
CA SER C 425 20.27 1.31 -12.35
C SER C 425 21.03 2.52 -12.87
N ASN C 426 22.18 2.29 -13.50
CA ASN C 426 23.08 3.39 -13.81
C ASN C 426 23.59 3.39 -15.25
N LEU C 427 22.81 2.80 -16.15
CA LEU C 427 23.17 2.76 -17.57
C LEU C 427 23.48 4.15 -18.11
N ALA C 428 22.58 5.10 -17.81
CA ALA C 428 22.68 6.43 -18.42
C ALA C 428 23.98 7.14 -18.07
N THR C 429 24.33 7.07 -16.78
CA THR C 429 25.51 7.79 -16.30
C THR C 429 26.82 7.11 -16.72
N ARG C 430 26.86 5.78 -16.63
CA ARG C 430 28.08 5.05 -16.97
C ARG C 430 28.40 5.22 -18.45
N SER C 431 27.39 5.01 -19.29
CA SER C 431 27.59 5.10 -20.73
C SER C 431 28.13 6.50 -21.10
N GLY C 432 27.53 7.54 -20.51
CA GLY C 432 28.01 8.89 -20.73
C GLY C 432 29.45 9.09 -20.28
N GLU C 433 29.84 8.51 -19.15
CA GLU C 433 31.19 8.70 -18.65
C GLU C 433 32.21 8.01 -19.55
N ILE C 434 31.82 6.90 -20.15
CA ILE C 434 32.71 6.16 -21.01
C ILE C 434 32.95 6.92 -22.33
N VAL C 435 31.87 7.39 -22.94
CA VAL C 435 31.96 8.22 -24.12
C VAL C 435 32.85 9.45 -23.87
N SER C 436 32.62 10.15 -22.76
CA SER C 436 33.45 11.30 -22.38
C SER C 436 34.91 10.91 -22.25
N SER C 437 35.16 9.78 -21.58
CA SER C 437 36.52 9.29 -21.39
C SER C 437 37.20 9.07 -22.74
N ILE C 438 36.49 8.41 -23.65
CA ILE C 438 37.01 8.14 -24.99
C ILE C 438 37.28 9.43 -25.78
N GLU C 439 36.34 10.37 -25.74
CA GLU C 439 36.52 11.67 -26.39
C GLU C 439 37.72 12.42 -25.81
N ARG C 440 37.93 12.29 -24.51
CA ARG C 440 38.98 13.03 -23.81
C ARG C 440 40.37 12.48 -24.14
N ARG C 441 40.46 11.20 -24.39
CA ARG C 441 41.72 10.58 -24.61
C ARG C 441 42.05 10.52 -26.07
N LYS C 442 41.08 10.84 -26.89
CA LYS C 442 41.32 11.06 -28.28
C LYS C 442 41.59 12.52 -28.39
N SER C 443 40.83 13.30 -27.64
CA SER C 443 41.02 14.73 -27.51
C SER C 443 42.44 14.98 -27.09
N PRO D 29 1.38 48.09 -32.66
CA PRO D 29 1.94 46.73 -32.62
C PRO D 29 0.88 45.70 -32.17
N THR D 30 0.30 44.98 -33.14
CA THR D 30 -0.78 44.05 -32.82
C THR D 30 -0.29 42.62 -32.61
N HIS D 31 -0.56 42.09 -31.41
CA HIS D 31 -0.17 40.74 -31.03
C HIS D 31 -1.06 39.67 -31.62
N ASP D 32 -0.47 38.54 -32.00
CA ASP D 32 -1.24 37.38 -32.41
C ASP D 32 -2.15 36.90 -31.27
N VAL D 33 -1.61 36.90 -30.05
CA VAL D 33 -2.36 36.44 -28.89
C VAL D 33 -1.94 37.15 -27.61
N VAL D 34 -2.93 37.57 -26.83
CA VAL D 34 -2.68 38.08 -25.49
C VAL D 34 -3.27 37.13 -24.46
N GLY D 35 -2.50 36.79 -23.43
CA GLY D 35 -2.98 35.94 -22.36
C GLY D 35 -3.34 36.73 -21.11
N VAL D 36 -4.57 36.53 -20.63
CA VAL D 36 -5.03 37.17 -19.40
C VAL D 36 -4.88 36.20 -18.23
N GLY D 37 -4.06 36.59 -17.25
CA GLY D 37 -3.74 35.74 -16.11
C GLY D 37 -2.46 34.95 -16.38
N PHE D 38 -1.64 34.75 -15.35
CA PHE D 38 -0.50 33.85 -15.54
C PHE D 38 -0.40 32.77 -14.47
N GLY D 39 -1.34 31.83 -14.51
CA GLY D 39 -1.27 30.63 -13.71
C GLY D 39 -0.71 29.52 -14.55
N PRO D 40 -0.78 28.27 -14.03
CA PRO D 40 -0.25 27.11 -14.76
C PRO D 40 -0.83 27.01 -16.18
N ALA D 41 -2.12 27.30 -16.36
CA ALA D 41 -2.75 27.25 -17.70
C ALA D 41 -2.04 28.17 -18.74
N ASN D 42 -1.99 29.47 -18.46
CA ASN D 42 -1.29 30.35 -19.39
C ASN D 42 0.22 30.12 -19.47
N LEU D 43 0.81 29.66 -18.36
CA LEU D 43 2.22 29.25 -18.39
C LEU D 43 2.44 28.12 -19.40
N SER D 44 1.55 27.13 -19.40
CA SER D 44 1.66 26.03 -20.36
C SER D 44 1.39 26.55 -21.78
N LEU D 45 0.50 27.53 -21.90
CA LEU D 45 0.32 28.21 -23.19
C LEU D 45 1.63 28.88 -23.66
N ALA D 46 2.28 29.60 -22.75
CA ALA D 46 3.56 30.24 -23.09
C ALA D 46 4.59 29.19 -23.57
N VAL D 47 4.67 28.08 -22.84
CA VAL D 47 5.55 26.98 -23.22
C VAL D 47 5.19 26.41 -24.61
N ALA D 48 3.90 26.22 -24.85
CA ALA D 48 3.45 25.72 -26.16
C ALA D 48 3.84 26.70 -27.27
N LEU D 49 3.70 27.99 -26.99
CA LEU D 49 4.07 29.02 -27.97
C LEU D 49 5.55 28.93 -28.30
N GLU D 50 6.39 28.86 -27.27
CA GLU D 50 7.83 28.81 -27.48
C GLU D 50 8.24 27.53 -28.23
N GLU D 51 7.60 26.41 -27.90
CA GLU D 51 7.99 25.14 -28.51
C GLU D 51 7.47 25.02 -29.92
N SER D 52 6.42 25.76 -30.24
CA SER D 52 5.86 25.72 -31.59
C SER D 52 6.82 26.35 -32.60
N PRO D 53 6.93 25.75 -33.79
CA PRO D 53 7.70 26.34 -34.89
C PRO D 53 7.06 27.64 -35.36
N ALA D 54 5.74 27.75 -35.22
CA ALA D 54 5.01 28.96 -35.63
C ALA D 54 5.56 30.21 -34.95
N ALA D 55 5.72 31.25 -35.75
CA ALA D 55 6.14 32.55 -35.23
C ALA D 55 4.91 33.36 -34.82
N LEU D 56 4.59 33.33 -33.54
CA LEU D 56 3.45 34.03 -33.03
C LEU D 56 3.93 35.02 -32.00
N THR D 57 3.38 36.23 -32.04
CA THR D 57 3.71 37.24 -31.07
C THR D 57 2.69 37.17 -29.94
N SER D 58 3.14 37.40 -28.70
CA SER D 58 2.26 37.24 -27.57
C SER D 58 2.62 38.20 -26.46
N ALA D 59 1.66 38.47 -25.58
CA ALA D 59 1.91 39.16 -24.32
C ALA D 59 1.06 38.52 -23.23
N PHE D 60 1.63 38.40 -22.03
CA PHE D 60 0.86 37.85 -20.92
C PHE D 60 0.78 38.84 -19.77
N PHE D 61 -0.39 38.90 -19.14
CA PHE D 61 -0.61 39.84 -18.05
C PHE D 61 -1.11 39.15 -16.79
N GLU D 62 -0.34 39.30 -15.71
CA GLU D 62 -0.69 38.78 -14.40
C GLU D 62 -0.82 39.96 -13.42
N ARG D 63 -1.91 39.95 -12.65
CA ARG D 63 -2.15 41.01 -11.67
C ARG D 63 -1.12 40.96 -10.53
N ARG D 64 -0.95 39.77 -9.94
CA ARG D 64 -0.02 39.60 -8.83
C ARG D 64 1.39 40.02 -9.22
N ALA D 65 2.27 40.09 -8.22
CA ALA D 65 3.66 40.47 -8.47
C ALA D 65 4.47 39.37 -9.16
N SER D 66 4.08 38.12 -8.93
CA SER D 66 4.75 36.96 -9.50
C SER D 66 3.75 35.82 -9.59
N ILE D 67 4.18 34.68 -10.10
CA ILE D 67 3.30 33.51 -10.09
C ILE D 67 2.91 33.20 -8.65
N SER D 68 1.63 32.96 -8.43
CA SER D 68 1.10 32.76 -7.10
C SER D 68 0.02 31.69 -7.20
N TRP D 69 0.42 30.44 -6.95
CA TRP D 69 -0.46 29.31 -7.21
C TRP D 69 -1.09 28.78 -5.91
N HIS D 70 -2.26 29.33 -5.57
CA HIS D 70 -2.98 28.96 -4.33
C HIS D 70 -2.08 28.98 -3.10
N GLN D 71 -1.34 30.08 -2.90
CA GLN D 71 -0.40 30.16 -1.79
C GLN D 71 -1.09 30.18 -0.44
N GLY D 72 -2.34 30.61 -0.42
CA GLY D 72 -3.10 30.61 0.82
C GLY D 72 -3.31 29.22 1.36
N MET D 73 -3.09 28.23 0.50
CA MET D 73 -3.31 26.84 0.86
C MET D 73 -2.02 26.01 0.73
N LEU D 74 -0.88 26.68 0.63
CA LEU D 74 0.39 25.98 0.59
C LEU D 74 0.78 25.47 1.99
N LEU D 75 0.00 24.54 2.52
CA LEU D 75 0.26 23.96 3.82
C LEU D 75 1.47 23.03 3.76
N PRO D 76 2.19 22.92 4.90
CA PRO D 76 3.39 22.09 5.09
C PRO D 76 3.29 20.71 4.46
N ALA D 77 2.18 20.02 4.65
CA ALA D 77 2.11 18.63 4.19
C ALA D 77 1.51 18.46 2.79
N ALA D 78 1.00 19.55 2.21
CA ALA D 78 0.15 19.46 1.03
C ALA D 78 0.78 18.77 -0.19
N LYS D 79 0.09 17.79 -0.76
CA LYS D 79 0.62 17.05 -1.90
C LYS D 79 -0.21 17.25 -3.17
N MET D 80 0.47 17.26 -4.31
CA MET D 80 -0.19 17.37 -5.61
C MET D 80 -1.27 16.28 -5.73
N GLN D 81 -2.35 16.53 -6.44
CA GLN D 81 -3.33 15.50 -6.67
C GLN D 81 -3.21 14.98 -8.05
N VAL D 82 -2.16 15.38 -8.69
CA VAL D 82 -1.94 14.97 -10.07
C VAL D 82 -0.52 14.42 -10.20
N SER D 83 -0.38 13.34 -10.96
CA SER D 83 0.92 12.72 -11.22
C SER D 83 1.93 13.72 -11.80
N PHE D 84 3.21 13.55 -11.49
CA PHE D 84 4.23 14.46 -12.01
C PHE D 84 4.35 14.43 -13.54
N LEU D 85 3.87 13.34 -14.16
CA LEU D 85 3.91 13.24 -15.62
C LEU D 85 2.91 14.20 -16.26
N LYS D 86 1.95 14.65 -15.46
CA LYS D 86 0.99 15.65 -15.93
C LYS D 86 1.51 17.04 -15.58
N ASP D 87 2.45 17.53 -16.39
CA ASP D 87 3.11 18.80 -16.09
C ASP D 87 2.76 19.79 -17.19
N LEU D 88 3.67 20.71 -17.47
CA LEU D 88 3.38 21.77 -18.45
C LEU D 88 3.34 21.29 -19.89
N ALA D 89 3.97 20.16 -20.20
CA ALA D 89 4.18 19.81 -21.61
C ALA D 89 4.26 18.32 -21.96
N THR D 90 4.57 17.49 -20.97
CA THR D 90 5.00 16.11 -21.23
C THR D 90 4.07 15.26 -22.12
N PHE D 91 2.74 15.35 -21.93
CA PHE D 91 1.79 14.56 -22.71
C PHE D 91 1.78 14.97 -24.19
N ARG D 92 2.17 16.22 -24.45
CA ARG D 92 2.23 16.72 -25.81
C ARG D 92 3.61 16.44 -26.40
N ASN D 93 4.63 16.81 -25.62
CA ASN D 93 6.03 16.69 -26.01
C ASN D 93 6.80 15.95 -24.93
N PRO D 94 7.07 14.65 -25.17
CA PRO D 94 7.69 13.77 -24.15
C PRO D 94 9.15 14.11 -23.86
N ALA D 95 9.73 15.05 -24.59
CA ALA D 95 11.12 15.46 -24.33
C ALA D 95 11.24 16.96 -24.21
N SER D 96 10.35 17.57 -23.44
CA SER D 96 10.33 19.03 -23.31
C SER D 96 11.36 19.50 -22.31
N ARG D 97 11.99 20.64 -22.60
CA ARG D 97 12.90 21.30 -21.68
C ARG D 97 12.16 21.83 -20.47
N PHE D 98 10.83 21.87 -20.57
CA PHE D 98 10.01 22.40 -19.48
C PHE D 98 9.30 21.31 -18.67
N SER D 99 9.67 20.05 -18.89
CA SER D 99 9.06 18.93 -18.15
C SER D 99 9.49 18.95 -16.68
N PHE D 100 8.66 18.34 -15.83
CA PHE D 100 8.98 18.23 -14.42
C PHE D 100 10.30 17.45 -14.21
N VAL D 101 10.50 16.43 -15.04
CA VAL D 101 11.74 15.67 -15.01
C VAL D 101 12.96 16.55 -15.34
N SER D 102 12.85 17.42 -16.35
CA SER D 102 13.90 18.40 -16.61
C SER D 102 14.19 19.30 -15.40
N PHE D 103 13.12 19.80 -14.79
CA PHE D 103 13.21 20.60 -13.58
C PHE D 103 13.97 19.87 -12.46
N LEU D 104 13.53 18.65 -12.14
CA LEU D 104 14.21 17.84 -11.11
C LEU D 104 15.68 17.68 -11.45
N HIS D 105 15.96 17.43 -12.72
CA HIS D 105 17.35 17.22 -13.15
C HIS D 105 18.20 18.47 -12.89
N GLU D 106 17.71 19.62 -13.30
CA GLU D 106 18.37 20.86 -13.07
C GLU D 106 18.55 21.19 -11.61
N ARG D 107 17.60 20.84 -10.78
CA ARG D 107 17.69 21.05 -9.34
C ARG D 107 18.53 19.99 -8.65
N GLY D 108 19.07 19.04 -9.41
CA GLY D 108 19.84 17.96 -8.80
C GLY D 108 19.03 17.09 -7.82
N ARG D 109 17.75 16.91 -8.10
CA ARG D 109 16.88 16.10 -7.23
C ARG D 109 16.23 14.93 -7.96
N LEU D 110 16.54 14.74 -9.24
CA LEU D 110 15.90 13.65 -10.00
C LEU D 110 16.11 12.27 -9.37
N VAL D 111 17.37 11.95 -9.05
CA VAL D 111 17.71 10.67 -8.42
C VAL D 111 17.00 10.52 -7.07
N ARG D 112 17.03 11.57 -6.27
CA ARG D 112 16.39 11.56 -4.97
C ARG D 112 14.89 11.32 -5.11
N PHE D 113 14.27 12.10 -6.00
CA PHE D 113 12.84 11.94 -6.26
C PHE D 113 12.51 10.52 -6.69
N ALA D 114 13.29 9.98 -7.62
CA ALA D 114 13.08 8.61 -8.10
C ALA D 114 13.14 7.58 -6.97
N ASN D 115 14.05 7.78 -6.03
CA ASN D 115 14.22 6.86 -4.91
C ASN D 115 12.99 6.81 -4.02
N ASN D 116 12.25 7.92 -3.99
CA ASN D 116 11.03 8.03 -3.20
C ASN D 116 9.87 7.20 -3.76
N HIS D 117 9.91 6.91 -5.07
CA HIS D 117 8.86 6.14 -5.75
C HIS D 117 7.44 6.63 -5.46
N ASP D 118 7.26 7.94 -5.51
CA ASP D 118 5.94 8.54 -5.34
C ASP D 118 5.66 9.42 -6.57
N PHE D 119 4.51 9.22 -7.22
CA PHE D 119 4.15 10.02 -8.40
C PHE D 119 3.71 11.46 -8.06
N PHE D 120 3.40 11.69 -6.79
CA PHE D 120 2.83 12.96 -6.38
C PHE D 120 3.82 13.82 -5.63
N PRO D 121 4.30 14.90 -6.27
CA PRO D 121 5.20 15.84 -5.62
C PRO D 121 4.44 16.62 -4.55
N THR D 122 5.14 17.36 -3.70
CA THR D 122 4.47 18.29 -2.80
C THR D 122 4.00 19.51 -3.59
N ARG D 123 2.97 20.18 -3.08
CA ARG D 123 2.50 21.41 -3.70
C ARG D 123 3.63 22.43 -3.70
N ARG D 124 4.37 22.46 -2.59
CA ARG D 124 5.52 23.35 -2.46
C ARG D 124 6.51 23.15 -3.60
N GLU D 125 6.87 21.90 -3.90
CA GLU D 125 7.82 21.65 -4.99
C GLU D 125 7.26 22.00 -6.36
N PHE D 126 5.97 21.73 -6.55
CA PHE D 126 5.35 22.07 -7.83
C PHE D 126 5.35 23.58 -8.04
N HIS D 127 5.14 24.33 -6.96
CA HIS D 127 5.21 25.79 -7.05
C HIS D 127 6.60 26.23 -7.55
N ASP D 128 7.65 25.64 -7.00
CA ASP D 128 9.01 25.92 -7.45
C ASP D 128 9.15 25.58 -8.92
N TYR D 129 8.53 24.48 -9.33
CA TYR D 129 8.54 24.05 -10.73
C TYR D 129 7.95 25.14 -11.62
N LEU D 130 6.80 25.70 -11.21
CA LEU D 130 6.17 26.75 -11.99
C LEU D 130 7.11 27.96 -12.14
N GLU D 131 7.69 28.40 -11.03
CA GLU D 131 8.62 29.53 -11.04
C GLU D 131 9.81 29.23 -11.95
N TRP D 132 10.38 28.04 -11.78
CA TRP D 132 11.51 27.60 -12.59
C TRP D 132 11.19 27.65 -14.09
N ALA D 133 10.03 27.15 -14.47
CA ALA D 133 9.64 27.13 -15.89
C ALA D 133 9.45 28.55 -16.42
N GLU D 134 8.81 29.39 -15.60
CA GLU D 134 8.58 30.78 -15.98
C GLU D 134 9.92 31.49 -16.24
N SER D 135 10.91 31.24 -15.38
CA SER D 135 12.24 31.83 -15.56
C SER D 135 12.95 31.34 -16.82
N LYS D 136 12.79 30.06 -17.14
CA LYS D 136 13.47 29.46 -18.29
C LYS D 136 12.83 29.95 -19.58
N LEU D 137 11.56 30.34 -19.47
CA LEU D 137 10.80 30.84 -20.61
C LEU D 137 11.45 32.10 -21.20
N ALA D 138 11.65 32.09 -22.51
CA ALA D 138 12.23 33.24 -23.22
C ALA D 138 11.40 34.50 -23.03
N HIS D 139 10.11 34.39 -23.25
CA HIS D 139 9.18 35.50 -23.12
C HIS D 139 9.20 36.12 -21.75
N GLU D 140 8.97 37.42 -21.65
CA GLU D 140 8.90 38.10 -20.37
C GLU D 140 7.46 38.45 -20.00
N VAL D 141 6.97 37.86 -18.91
CA VAL D 141 5.60 38.11 -18.46
C VAL D 141 5.48 39.50 -17.83
N SER D 142 4.35 40.16 -18.06
CA SER D 142 4.07 41.44 -17.41
C SER D 142 3.32 41.25 -16.10
N TYR D 143 4.00 41.48 -14.96
CA TYR D 143 3.37 41.34 -13.64
C TYR D 143 2.81 42.66 -13.13
N ASP D 144 2.08 42.60 -12.01
CA ASP D 144 1.44 43.79 -11.46
C ASP D 144 0.62 44.48 -12.53
N SER D 145 -0.02 43.67 -13.37
CA SER D 145 -0.76 44.17 -14.52
C SER D 145 -2.14 43.54 -14.53
N GLU D 146 -3.13 44.25 -14.00
CA GLU D 146 -4.49 43.74 -14.03
C GLU D 146 -5.21 44.10 -15.31
N VAL D 147 -5.78 43.10 -15.97
CA VAL D 147 -6.65 43.29 -17.10
C VAL D 147 -8.01 43.72 -16.60
N THR D 148 -8.40 44.94 -16.88
CA THR D 148 -9.67 45.46 -16.40
C THR D 148 -10.78 45.30 -17.36
N ALA D 149 -10.46 45.18 -18.64
CA ALA D 149 -11.47 45.05 -19.66
C ALA D 149 -10.94 44.66 -20.98
N ILE D 150 -11.81 44.05 -21.73
CA ILE D 150 -11.53 43.73 -23.12
C ILE D 150 -12.58 44.43 -23.98
N ARG D 151 -12.12 45.22 -24.93
CA ARG D 151 -13.02 45.98 -25.79
C ARG D 151 -12.76 45.68 -27.26
N PRO D 152 -13.79 45.84 -28.10
CA PRO D 152 -13.64 45.58 -29.53
C PRO D 152 -12.64 46.52 -30.16
N GLY D 153 -11.81 46.01 -31.08
CA GLY D 153 -10.94 46.87 -31.86
C GLY D 153 -11.76 47.57 -32.93
N PRO D 154 -11.09 48.44 -33.71
CA PRO D 154 -11.77 49.21 -34.76
C PRO D 154 -12.27 48.31 -35.89
N GLY D 155 -13.27 48.79 -36.63
CA GLY D 155 -13.74 48.11 -37.82
C GLY D 155 -14.93 47.19 -37.59
N ARG D 156 -15.55 46.78 -38.69
CA ARG D 156 -16.63 45.81 -38.66
C ARG D 156 -16.56 44.97 -39.93
N PRO D 157 -16.40 43.67 -39.79
CA PRO D 157 -16.40 42.97 -38.49
C PRO D 157 -15.17 43.28 -37.64
N VAL D 158 -15.25 42.97 -36.35
CA VAL D 158 -14.15 43.18 -35.43
C VAL D 158 -13.04 42.14 -35.65
N ASP D 159 -11.83 42.61 -35.97
CA ASP D 159 -10.73 41.70 -36.29
C ASP D 159 -9.68 41.66 -35.19
N SER D 160 -9.87 42.51 -34.19
CA SER D 160 -8.94 42.62 -33.07
C SER D 160 -9.67 43.06 -31.81
N VAL D 161 -9.08 42.77 -30.66
CA VAL D 161 -9.61 43.28 -29.40
C VAL D 161 -8.61 44.24 -28.74
N LEU D 162 -9.14 45.10 -27.90
CA LEU D 162 -8.31 46.04 -27.17
C LEU D 162 -8.32 45.62 -25.71
N VAL D 163 -7.12 45.45 -25.15
CA VAL D 163 -7.00 44.95 -23.80
C VAL D 163 -6.50 46.06 -22.89
N ASP D 164 -7.32 46.41 -21.91
CA ASP D 164 -7.01 47.48 -20.97
C ASP D 164 -6.27 46.92 -19.75
N VAL D 165 -5.03 47.36 -19.60
CA VAL D 165 -4.16 46.88 -18.55
C VAL D 165 -3.84 48.01 -17.56
N SER D 166 -4.13 47.74 -16.30
CA SER D 166 -3.87 48.70 -15.24
C SER D 166 -2.64 48.26 -14.43
N THR D 167 -1.56 49.03 -14.50
CA THR D 167 -0.40 48.80 -13.65
C THR D 167 -0.50 49.72 -12.43
N PRO D 168 0.50 49.63 -11.51
CA PRO D 168 0.48 50.50 -10.32
C PRO D 168 0.72 51.97 -10.72
N GLU D 169 1.63 52.17 -11.66
CA GLU D 169 1.91 53.51 -12.19
C GLU D 169 0.78 53.99 -13.13
N ALA D 170 0.77 53.46 -14.35
CA ALA D 170 -0.14 53.94 -15.39
C ALA D 170 -1.23 52.93 -15.79
N THR D 171 -1.96 53.28 -16.84
CA THR D 171 -2.86 52.35 -17.52
C THR D 171 -2.51 52.39 -19.00
N ARG D 172 -2.68 51.26 -19.67
CA ARG D 172 -2.37 51.17 -21.10
C ARG D 172 -3.35 50.25 -21.81
N THR D 173 -3.21 50.17 -23.12
CA THR D 173 -4.08 49.32 -23.92
C THR D 173 -3.24 48.64 -24.98
N VAL D 174 -3.46 47.34 -25.13
CA VAL D 174 -2.71 46.54 -26.09
C VAL D 174 -3.70 45.89 -27.04
N GLU D 175 -3.27 45.66 -28.27
CA GLU D 175 -4.17 45.14 -29.29
C GLU D 175 -3.76 43.72 -29.66
N ALA D 176 -4.75 42.86 -29.89
CA ALA D 176 -4.49 41.45 -30.19
C ALA D 176 -5.54 40.86 -31.11
N ARG D 177 -5.11 39.92 -31.95
CA ARG D 177 -6.01 39.21 -32.84
C ARG D 177 -6.74 38.10 -32.08
N ASN D 178 -6.08 37.57 -31.04
CA ASN D 178 -6.68 36.54 -30.22
C ASN D 178 -6.42 36.82 -28.76
N ILE D 179 -7.32 36.40 -27.91
CA ILE D 179 -7.06 36.38 -26.50
C ILE D 179 -7.31 35.04 -25.84
N VAL D 180 -6.54 34.76 -24.83
CA VAL D 180 -6.78 33.57 -24.03
C VAL D 180 -7.04 33.94 -22.57
N ILE D 181 -8.26 33.70 -22.12
CA ILE D 181 -8.64 34.05 -20.76
C ILE D 181 -8.45 32.87 -19.79
N SER D 182 -7.55 33.03 -18.82
CA SER D 182 -7.26 31.97 -17.85
C SER D 182 -7.11 32.56 -16.46
N THR D 183 -8.20 33.10 -15.94
CA THR D 183 -8.14 33.92 -14.73
C THR D 183 -8.46 33.14 -13.46
N GLY D 184 -8.65 31.84 -13.59
CA GLY D 184 -8.84 30.98 -12.43
C GLY D 184 -10.24 30.97 -11.82
N LEU D 185 -10.40 30.14 -10.80
CA LEU D 185 -11.67 29.96 -10.10
C LEU D 185 -11.95 31.13 -9.18
N VAL D 186 -13.17 31.23 -8.68
CA VAL D 186 -13.53 32.29 -7.76
C VAL D 186 -14.16 31.69 -6.53
N PRO D 187 -13.61 32.01 -5.36
CA PRO D 187 -14.01 31.43 -4.06
C PRO D 187 -15.50 31.53 -3.85
N ARG D 188 -16.08 30.47 -3.32
CA ARG D 188 -17.52 30.41 -3.05
C ARG D 188 -17.78 30.19 -1.56
N MET D 189 -18.44 31.16 -0.95
CA MET D 189 -18.78 31.12 0.47
C MET D 189 -20.15 30.49 0.62
N PRO D 190 -20.45 30.01 1.79
CA PRO D 190 -21.79 29.54 2.07
C PRO D 190 -22.74 30.68 1.96
N ALA D 191 -23.99 30.42 1.64
CA ALA D 191 -24.96 31.46 1.34
C ALA D 191 -25.07 32.64 2.33
N GLY D 192 -25.36 32.36 3.57
CA GLY D 192 -25.57 33.43 4.51
C GLY D 192 -24.35 33.99 5.18
N VAL D 193 -23.18 33.86 4.56
CA VAL D 193 -21.92 34.07 5.22
C VAL D 193 -20.96 34.88 4.43
N GLN D 194 -20.42 35.94 5.03
CA GLN D 194 -19.47 36.80 4.33
C GLN D 194 -18.07 36.78 4.93
N SER D 195 -17.05 36.79 4.08
CA SER D 195 -15.68 36.84 4.53
C SER D 195 -15.55 38.02 5.50
N ASP D 196 -14.63 37.91 6.44
CA ASP D 196 -14.51 38.90 7.50
C ASP D 196 -13.21 38.67 8.24
N GLU D 197 -13.01 39.44 9.31
CA GLU D 197 -11.78 39.34 10.10
C GLU D 197 -11.69 38.01 10.85
N PHE D 198 -12.83 37.34 10.99
CA PHE D 198 -12.87 36.06 11.71
C PHE D 198 -13.61 34.96 10.93
N VAL D 199 -13.94 35.25 9.68
CA VAL D 199 -14.54 34.29 8.79
C VAL D 199 -13.75 34.29 7.49
N TRP D 200 -12.97 33.23 7.28
CA TRP D 200 -12.06 33.17 6.13
C TRP D 200 -12.48 32.08 5.16
N HIS D 201 -12.34 32.34 3.88
CA HIS D 201 -12.43 31.28 2.89
C HIS D 201 -11.10 30.54 2.90
N SER D 202 -11.14 29.24 2.67
CA SER D 202 -9.93 28.42 2.73
C SER D 202 -8.83 28.98 1.83
N SER D 203 -9.22 29.57 0.70
CA SER D 203 -8.25 30.12 -0.25
C SER D 203 -7.32 31.16 0.38
N ARG D 204 -7.74 31.74 1.50
CA ARG D 204 -6.97 32.76 2.18
C ARG D 204 -6.61 32.33 3.60
N PHE D 205 -6.55 31.02 3.82
CA PHE D 205 -6.21 30.49 5.14
C PHE D 205 -4.84 30.92 5.67
N LEU D 206 -3.77 30.66 4.92
CA LEU D 206 -2.44 31.01 5.40
C LEU D 206 -2.23 32.52 5.49
N ASP D 207 -2.85 33.27 4.57
CA ASP D 207 -2.81 34.73 4.62
C ASP D 207 -3.21 35.25 6.00
N HIS D 208 -4.36 34.80 6.49
CA HIS D 208 -4.86 35.22 7.79
C HIS D 208 -4.12 34.56 8.95
N PHE D 209 -3.85 33.26 8.81
CA PHE D 209 -3.30 32.46 9.90
C PHE D 209 -1.94 32.93 10.41
N ARG D 210 -1.06 33.30 9.48
CA ARG D 210 0.29 33.75 9.85
C ARG D 210 0.26 35.10 10.57
N ASP D 211 -0.78 35.88 10.32
CA ASP D 211 -0.94 37.21 10.91
C ASP D 211 -1.61 37.16 12.28
N ARG D 212 -1.72 35.97 12.80
CA ARG D 212 -2.41 35.82 14.03
C ARG D 212 -1.37 35.46 14.99
N ASP D 213 -1.67 35.73 16.23
CA ASP D 213 -0.81 35.33 17.27
C ASP D 213 -1.32 33.96 17.61
N PRO D 214 -0.31 32.98 17.74
CA PRO D 214 -0.84 31.68 18.19
C PRO D 214 -1.54 31.86 19.51
N ARG D 215 -2.36 30.96 19.97
CA ARG D 215 -3.03 31.15 21.25
C ARG D 215 -4.21 32.11 21.18
N SER D 216 -4.41 32.73 20.05
CA SER D 216 -5.65 33.43 19.81
C SER D 216 -6.52 32.63 18.88
N LEU D 217 -6.06 31.46 18.49
CA LEU D 217 -6.85 30.54 17.66
C LEU D 217 -6.95 29.17 18.32
N ARG D 218 -7.43 29.15 19.56
CA ARG D 218 -7.58 27.90 20.29
C ARG D 218 -8.83 27.11 19.88
N ARG D 219 -9.80 27.81 19.32
CA ARG D 219 -11.04 27.16 18.87
C ARG D 219 -11.33 27.53 17.41
N VAL D 220 -11.25 26.54 16.52
CA VAL D 220 -11.48 26.80 15.11
C VAL D 220 -12.57 25.89 14.55
N ALA D 221 -13.50 26.48 13.80
CA ALA D 221 -14.47 25.71 13.04
C ALA D 221 -14.08 25.71 11.56
N VAL D 222 -14.11 24.52 10.95
CA VAL D 222 -13.85 24.40 9.52
C VAL D 222 -15.05 23.77 8.85
N ALA D 223 -15.64 24.50 7.91
CA ALA D 223 -16.83 24.04 7.18
C ALA D 223 -16.40 23.44 5.85
N GLY D 224 -16.95 22.27 5.53
CA GLY D 224 -16.64 21.58 4.28
C GLY D 224 -16.16 20.14 4.49
N GLY D 225 -16.35 19.31 3.47
CA GLY D 225 -15.94 17.93 3.52
C GLY D 225 -14.95 17.55 2.42
N GLY D 226 -14.33 18.54 1.79
CA GLY D 226 -13.44 18.28 0.67
C GLY D 226 -11.98 18.31 1.05
N GLN D 227 -11.12 18.23 0.05
CA GLN D 227 -9.67 18.23 0.27
C GLN D 227 -9.19 19.43 1.07
N SER D 228 -9.68 20.63 0.74
CA SER D 228 -9.33 21.84 1.48
C SER D 228 -9.65 21.73 2.97
N ALA D 229 -10.89 21.39 3.29
CA ALA D 229 -11.30 21.25 4.69
C ALA D 229 -10.42 20.23 5.41
N ALA D 230 -10.22 19.07 4.77
CA ALA D 230 -9.45 17.99 5.38
C ALA D 230 -8.02 18.47 5.66
N GLU D 231 -7.41 19.11 4.65
CA GLU D 231 -6.03 19.57 4.79
C GLU D 231 -5.89 20.60 5.91
N ILE D 232 -6.82 21.54 5.97
CA ILE D 232 -6.78 22.56 7.03
C ILE D 232 -6.92 21.96 8.43
N VAL D 233 -7.89 21.04 8.59
CA VAL D 233 -8.06 20.39 9.88
C VAL D 233 -6.81 19.62 10.30
N ARG D 234 -6.21 18.89 9.36
CA ARG D 234 -5.00 18.15 9.63
C ARG D 234 -3.89 19.09 10.08
N PHE D 235 -3.71 20.18 9.35
CA PHE D 235 -2.73 21.19 9.69
C PHE D 235 -2.97 21.76 11.09
N LEU D 236 -4.20 22.17 11.37
CA LEU D 236 -4.53 22.69 12.70
C LEU D 236 -4.19 21.70 13.82
N HIS D 237 -4.49 20.43 13.60
CA HIS D 237 -4.25 19.43 14.63
C HIS D 237 -2.75 19.25 14.88
N ASP D 238 -1.98 19.31 13.81
CA ASP D 238 -0.55 19.09 13.86
C ASP D 238 0.24 20.33 14.30
N ASN D 239 -0.32 21.52 14.08
CA ASN D 239 0.37 22.79 14.32
C ASN D 239 0.49 23.14 15.81
N ARG D 240 -0.59 22.96 16.57
CA ARG D 240 -0.55 23.13 18.04
C ARG D 240 -1.36 22.03 18.73
N PRO D 241 -0.86 21.53 19.85
CA PRO D 241 -1.41 20.38 20.57
C PRO D 241 -2.69 20.68 21.36
N ASP D 242 -3.04 21.95 21.48
CA ASP D 242 -4.18 22.34 22.34
C ASP D 242 -5.39 22.87 21.53
N THR D 243 -5.18 23.16 20.25
CA THR D 243 -6.24 23.68 19.40
C THR D 243 -7.41 22.69 19.35
N VAL D 244 -8.62 23.22 19.52
CA VAL D 244 -9.83 22.41 19.39
C VAL D 244 -10.45 22.76 18.04
N VAL D 245 -10.83 21.73 17.29
CA VAL D 245 -11.32 21.92 15.94
C VAL D 245 -12.69 21.28 15.76
N HIS D 246 -13.61 22.04 15.15
CA HIS D 246 -14.91 21.50 14.77
C HIS D 246 -14.98 21.42 13.25
N ALA D 247 -15.06 20.19 12.74
CA ALA D 247 -15.16 19.95 11.30
C ALA D 247 -16.63 19.76 10.96
N ILE D 248 -17.21 20.76 10.30
CA ILE D 248 -18.63 20.76 9.98
C ILE D 248 -18.83 20.44 8.51
N MET D 249 -19.53 19.32 8.23
CA MET D 249 -19.72 18.85 6.87
C MET D 249 -21.06 18.09 6.73
N PRO D 250 -21.65 18.13 5.53
CA PRO D 250 -22.97 17.53 5.26
C PRO D 250 -22.98 16.01 5.20
N SER D 251 -21.85 15.41 4.83
CA SER D 251 -21.76 13.94 4.76
C SER D 251 -21.57 13.33 6.15
N TYR D 252 -21.66 12.02 6.25
CA TYR D 252 -21.52 11.35 7.54
C TYR D 252 -20.05 11.22 7.90
N GLY D 253 -19.20 11.35 6.89
CA GLY D 253 -17.75 11.32 7.07
C GLY D 253 -17.12 11.71 5.76
N TYR D 254 -15.83 11.98 5.76
CA TYR D 254 -15.12 12.29 4.51
C TYR D 254 -15.35 11.17 3.50
N VAL D 255 -15.56 11.56 2.25
CA VAL D 255 -15.70 10.60 1.15
C VAL D 255 -14.36 10.55 0.39
N VAL D 256 -13.92 9.35 0.06
CA VAL D 256 -12.62 9.20 -0.60
C VAL D 256 -12.64 9.71 -2.05
N ALA D 257 -11.55 10.33 -2.47
CA ALA D 257 -11.39 10.76 -3.85
C ALA D 257 -11.00 9.57 -4.73
N ASP D 258 -11.74 9.36 -5.82
CA ASP D 258 -11.45 8.24 -6.70
C ASP D 258 -10.39 8.62 -7.74
N ASN D 259 -9.21 8.00 -7.65
CA ASN D 259 -8.29 8.07 -8.79
C ASN D 259 -7.80 6.71 -9.25
N THR D 260 -8.61 5.68 -9.01
CA THR D 260 -8.32 4.37 -9.56
C THR D 260 -8.32 4.48 -11.09
N PRO D 261 -7.55 3.60 -11.77
CA PRO D 261 -7.18 3.85 -13.17
C PRO D 261 -8.31 3.95 -14.18
N PHE D 262 -9.40 3.19 -14.04
CA PHE D 262 -10.47 3.28 -15.03
C PHE D 262 -11.24 4.58 -14.91
N ALA D 263 -11.59 4.93 -13.67
CA ALA D 263 -12.33 6.16 -13.42
C ALA D 263 -11.43 7.35 -13.76
N ASN D 264 -10.14 7.20 -13.50
CA ASN D 264 -9.19 8.28 -13.76
C ASN D 264 -9.03 8.58 -15.25
N GLN D 265 -9.56 7.72 -16.10
CA GLN D 265 -9.49 7.97 -17.53
C GLN D 265 -10.35 9.16 -17.98
N ILE D 266 -11.26 9.62 -17.12
CA ILE D 266 -12.04 10.81 -17.48
C ILE D 266 -11.14 12.03 -17.61
N PHE D 267 -9.92 11.94 -17.06
CA PHE D 267 -8.98 13.05 -17.16
C PHE D 267 -8.07 12.92 -18.38
N ASP D 268 -8.20 11.82 -19.11
CA ASP D 268 -7.40 11.60 -20.32
C ASP D 268 -7.66 12.69 -21.36
N PRO D 269 -6.64 13.03 -22.15
CA PRO D 269 -6.84 13.91 -23.32
C PRO D 269 -8.01 13.40 -24.16
N ALA D 270 -8.01 12.11 -24.51
CA ALA D 270 -9.09 11.54 -25.34
C ALA D 270 -10.46 11.65 -24.70
N ALA D 271 -10.52 11.72 -23.36
CA ALA D 271 -11.82 11.79 -22.69
C ALA D 271 -12.48 13.13 -22.97
N VAL D 272 -11.66 14.13 -23.26
CA VAL D 272 -12.18 15.44 -23.63
C VAL D 272 -13.08 15.30 -24.88
N ASP D 273 -12.60 14.55 -25.88
CA ASP D 273 -13.40 14.30 -27.06
C ASP D 273 -14.68 13.52 -26.76
N ASP D 274 -14.57 12.49 -25.92
CA ASP D 274 -15.74 11.71 -25.53
C ASP D 274 -16.79 12.60 -24.85
N TYR D 275 -16.35 13.44 -23.92
CA TYR D 275 -17.24 14.37 -23.27
C TYR D 275 -17.83 15.39 -24.25
N PHE D 276 -16.95 16.05 -25.01
CA PHE D 276 -17.36 17.08 -25.95
C PHE D 276 -18.37 16.56 -26.97
N ASP D 277 -18.03 15.47 -27.63
CA ASP D 277 -18.87 14.92 -28.70
C ASP D 277 -20.11 14.19 -28.18
N GLY D 278 -20.08 13.78 -26.92
CA GLY D 278 -21.18 13.06 -26.33
C GLY D 278 -22.42 13.91 -26.15
N SER D 279 -23.58 13.25 -26.07
CA SER D 279 -24.84 13.94 -25.85
C SER D 279 -24.90 14.52 -24.45
N LYS D 280 -25.85 15.42 -24.20
CA LYS D 280 -26.05 15.95 -22.86
C LYS D 280 -26.26 14.80 -21.86
N GLN D 281 -26.95 13.76 -22.32
CA GLN D 281 -27.19 12.59 -21.51
C GLN D 281 -25.87 11.97 -21.05
N ALA D 282 -24.95 11.78 -21.98
CA ALA D 282 -23.62 11.26 -21.66
C ALA D 282 -22.86 12.21 -20.73
N LYS D 283 -22.91 13.50 -21.05
CA LYS D 283 -22.24 14.51 -20.23
C LYS D 283 -22.70 14.38 -18.79
N ASP D 284 -24.01 14.32 -18.60
CA ASP D 284 -24.60 14.13 -17.27
C ASP D 284 -24.07 12.88 -16.57
N ALA D 285 -23.89 11.80 -17.34
CA ALA D 285 -23.40 10.56 -16.75
C ALA D 285 -21.98 10.74 -16.18
N PHE D 286 -21.16 11.53 -16.86
CA PHE D 286 -19.80 11.78 -16.36
C PHE D 286 -19.89 12.33 -14.96
N TRP D 287 -20.74 13.34 -14.78
CA TRP D 287 -20.90 14.00 -13.49
C TRP D 287 -21.58 13.10 -12.47
N ARG D 288 -22.60 12.36 -12.91
CA ARG D 288 -23.34 11.47 -12.03
C ARG D 288 -22.48 10.37 -11.43
N TYR D 289 -21.62 9.77 -12.24
CA TYR D 289 -20.80 8.65 -11.79
C TYR D 289 -19.41 9.05 -11.28
N HIS D 290 -18.89 10.18 -11.72
CA HIS D 290 -17.49 10.46 -11.45
C HIS D 290 -17.21 11.81 -10.81
N ARG D 291 -18.23 12.43 -10.24
CA ARG D 291 -18.03 13.67 -9.51
C ARG D 291 -17.05 13.45 -8.34
N ASN D 292 -17.09 12.24 -7.81
CA ASN D 292 -16.24 11.84 -6.69
C ASN D 292 -14.77 11.64 -7.06
N THR D 293 -14.39 12.03 -8.28
CA THR D 293 -12.98 12.05 -8.67
C THR D 293 -12.34 13.40 -8.31
N ASN D 294 -13.16 14.39 -8.05
CA ASN D 294 -12.70 15.77 -8.00
C ASN D 294 -13.37 16.67 -7.01
N TYR D 295 -14.67 16.56 -6.84
CA TYR D 295 -15.38 17.47 -5.93
C TYR D 295 -15.90 16.82 -4.66
N SER D 296 -15.68 17.50 -3.54
CA SER D 296 -16.26 17.08 -2.25
C SER D 296 -15.67 15.75 -1.80
N VAL D 297 -14.41 15.51 -2.15
CA VAL D 297 -13.77 14.25 -1.81
C VAL D 297 -12.35 14.50 -1.33
N VAL D 298 -11.80 13.52 -0.60
CA VAL D 298 -10.53 13.72 0.07
C VAL D 298 -9.59 12.60 -0.29
N ASP D 299 -8.32 12.93 -0.43
CA ASP D 299 -7.30 11.93 -0.67
C ASP D 299 -7.21 10.87 0.44
N ASP D 300 -7.11 9.61 0.03
CA ASP D 300 -7.02 8.46 0.94
C ASP D 300 -6.07 8.69 2.12
N GLU D 301 -4.83 9.08 1.82
CA GLU D 301 -3.83 9.25 2.88
C GLU D 301 -4.24 10.34 3.88
N VAL D 302 -4.86 11.41 3.42
CA VAL D 302 -5.26 12.49 4.34
C VAL D 302 -6.37 11.98 5.26
N ILE D 303 -7.34 11.27 4.70
CA ILE D 303 -8.40 10.69 5.51
C ILE D 303 -7.82 9.78 6.60
N ARG D 304 -6.94 8.87 6.18
CA ARG D 304 -6.35 7.90 7.09
C ARG D 304 -5.56 8.59 8.20
N ASP D 305 -4.84 9.64 7.84
CA ASP D 305 -4.03 10.37 8.80
C ASP D 305 -4.93 11.07 9.83
N LEU D 306 -6.05 11.61 9.37
CA LEU D 306 -6.99 12.27 10.27
C LEU D 306 -7.59 11.26 11.23
N TYR D 307 -7.91 10.08 10.71
CA TYR D 307 -8.54 9.05 11.52
C TYR D 307 -7.58 8.56 12.63
N ARG D 308 -6.31 8.33 12.27
CA ARG D 308 -5.29 7.95 13.25
C ARG D 308 -5.14 9.02 14.35
N ARG D 309 -5.13 10.29 13.95
CA ARG D 309 -5.02 11.40 14.90
C ARG D 309 -6.16 11.39 15.90
N GLY D 310 -7.37 11.18 15.40
CA GLY D 310 -8.54 11.16 16.25
C GLY D 310 -8.49 9.96 17.18
N TYR D 311 -8.03 8.83 16.64
CA TYR D 311 -7.97 7.61 17.42
C TYR D 311 -6.96 7.75 18.57
N ASP D 312 -5.75 8.21 18.26
CA ASP D 312 -4.73 8.36 19.28
C ASP D 312 -5.16 9.36 20.37
N ASP D 313 -5.84 10.43 19.98
CA ASP D 313 -6.33 11.40 20.96
C ASP D 313 -7.31 10.74 21.92
N GLU D 314 -8.14 9.84 21.40
CA GLU D 314 -9.10 9.12 22.23
C GLU D 314 -8.37 8.25 23.24
N VAL D 315 -7.38 7.51 22.76
CA VAL D 315 -6.56 6.66 23.60
C VAL D 315 -5.92 7.48 24.73
N ALA D 316 -5.48 8.69 24.39
CA ALA D 316 -4.81 9.57 25.35
C ALA D 316 -5.79 10.28 26.28
N GLY D 317 -7.09 10.12 26.02
CA GLY D 317 -8.10 10.81 26.79
C GLY D 317 -8.16 12.33 26.57
N ALA D 318 -7.71 12.79 25.40
CA ALA D 318 -7.67 14.21 25.08
C ALA D 318 -8.20 14.51 23.69
N PRO D 319 -9.50 14.29 23.48
CA PRO D 319 -10.12 14.55 22.18
C PRO D 319 -10.10 16.06 21.83
N ARG D 320 -9.75 16.39 20.59
CA ARG D 320 -9.65 17.77 20.12
C ARG D 320 -10.40 17.96 18.81
N LEU D 321 -10.49 16.90 18.02
CA LEU D 321 -11.18 16.96 16.73
C LEU D 321 -12.64 16.56 16.91
N ASN D 322 -13.54 17.51 16.65
CA ASN D 322 -14.97 17.21 16.72
C ASN D 322 -15.56 17.19 15.33
N PHE D 323 -15.99 16.01 14.91
CA PHE D 323 -16.59 15.87 13.59
C PHE D 323 -18.09 16.09 13.71
N VAL D 324 -18.53 17.19 13.14
CA VAL D 324 -19.94 17.56 13.15
C VAL D 324 -20.49 17.20 11.79
N ASN D 325 -21.07 16.00 11.70
CA ASN D 325 -21.48 15.47 10.41
C ASN D 325 -22.97 15.70 10.15
N LEU D 326 -23.40 15.50 8.90
CA LEU D 326 -24.79 15.71 8.52
C LEU D 326 -25.21 17.13 8.92
N ALA D 327 -24.38 18.12 8.57
CA ALA D 327 -24.60 19.47 9.06
C ALA D 327 -24.05 20.53 8.08
N HIS D 328 -24.65 21.73 8.11
CA HIS D 328 -24.18 22.85 7.29
C HIS D 328 -23.98 24.08 8.16
N VAL D 329 -22.97 24.88 7.83
CA VAL D 329 -22.86 26.20 8.42
C VAL D 329 -23.83 27.10 7.67
N VAL D 330 -24.71 27.81 8.39
CA VAL D 330 -25.71 28.67 7.75
C VAL D 330 -25.55 30.15 8.10
N GLY D 331 -24.82 30.45 9.16
CA GLY D 331 -24.52 31.83 9.51
C GLY D 331 -23.32 31.99 10.42
N ALA D 332 -22.77 33.20 10.43
CA ALA D 332 -21.69 33.56 11.35
C ALA D 332 -21.84 35.01 11.79
N LYS D 333 -21.68 35.27 13.09
CA LYS D 333 -21.72 36.63 13.62
C LYS D 333 -20.66 36.78 14.71
N ARG D 334 -20.12 37.99 14.83
CA ARG D 334 -19.13 38.30 15.86
C ARG D 334 -19.81 38.87 17.09
N ILE D 335 -19.65 38.18 18.22
CA ILE D 335 -20.29 38.59 19.46
C ILE D 335 -19.28 38.65 20.59
N ALA D 336 -18.81 39.85 20.90
CA ALA D 336 -17.73 40.03 21.87
C ALA D 336 -16.45 39.38 21.32
N ASP D 337 -15.91 38.45 22.10
CA ASP D 337 -14.67 37.78 21.75
C ASP D 337 -14.89 36.43 21.07
N ASP D 338 -16.13 36.18 20.65
CA ASP D 338 -16.48 34.91 20.04
C ASP D 338 -17.01 35.09 18.63
N THR D 339 -16.62 34.17 17.75
CA THR D 339 -17.25 34.07 16.45
C THR D 339 -18.37 33.05 16.62
N ARG D 340 -19.60 33.48 16.53
CA ARG D 340 -20.72 32.60 16.70
C ARG D 340 -21.17 32.02 15.38
N VAL D 341 -21.04 30.73 15.26
CA VAL D 341 -21.37 30.02 14.02
C VAL D 341 -22.70 29.30 14.18
N THR D 342 -23.62 29.56 13.26
CA THR D 342 -24.90 28.88 13.30
C THR D 342 -24.84 27.64 12.42
N VAL D 343 -25.11 26.50 13.04
CA VAL D 343 -25.03 25.21 12.37
C VAL D 343 -26.42 24.59 12.24
N TYR D 344 -26.76 24.16 11.03
CA TYR D 344 -27.98 23.41 10.82
C TYR D 344 -27.70 21.90 10.84
N SER D 345 -28.38 21.19 11.72
CA SER D 345 -28.25 19.74 11.81
C SER D 345 -29.37 19.08 11.03
N MET D 346 -29.00 18.34 9.97
CA MET D 346 -29.99 17.63 9.19
C MET D 346 -30.70 16.52 9.99
N ALA D 347 -29.97 15.91 10.91
CA ALA D 347 -30.51 14.80 11.67
C ALA D 347 -31.69 15.26 12.53
N ARG D 348 -31.48 16.34 13.28
CA ARG D 348 -32.50 16.88 14.16
C ARG D 348 -33.36 17.95 13.47
N GLU D 349 -32.91 18.38 12.29
CA GLU D 349 -33.63 19.41 11.55
C GLU D 349 -33.79 20.70 12.34
N GLU D 350 -32.72 21.14 12.99
CA GLU D 350 -32.74 22.37 13.77
C GLU D 350 -31.35 23.01 13.83
N SER D 351 -31.33 24.33 14.02
CA SER D 351 -30.08 25.08 14.10
C SER D 351 -29.65 25.24 15.53
N TYR D 352 -28.35 25.45 15.71
CA TYR D 352 -27.81 25.78 17.02
C TYR D 352 -26.54 26.55 16.83
N ASP D 353 -26.04 27.13 17.91
CA ASP D 353 -24.88 28.00 17.82
C ASP D 353 -23.63 27.31 18.34
N LEU D 354 -22.51 27.64 17.70
CA LEU D 354 -21.21 27.10 18.07
C LEU D 354 -20.26 28.29 18.21
N ASP D 355 -19.69 28.46 19.40
CA ASP D 355 -18.75 29.56 19.61
C ASP D 355 -17.29 29.14 19.40
N VAL D 356 -16.62 29.85 18.50
CA VAL D 356 -15.21 29.60 18.21
C VAL D 356 -14.48 30.94 18.05
N ASP D 357 -13.17 30.88 17.85
CA ASP D 357 -12.40 32.08 17.56
C ASP D 357 -12.47 32.44 16.08
N VAL D 358 -12.35 31.43 15.24
CA VAL D 358 -12.34 31.62 13.80
C VAL D 358 -13.17 30.57 13.09
N LEU D 359 -13.88 31.01 12.04
CA LEU D 359 -14.59 30.12 11.11
C LEU D 359 -13.84 30.10 9.78
N VAL D 360 -13.35 28.93 9.38
CA VAL D 360 -12.76 28.77 8.05
C VAL D 360 -13.76 28.07 7.13
N CYS D 361 -14.09 28.71 6.01
CA CYS D 361 -15.03 28.13 5.06
C CYS D 361 -14.26 27.50 3.93
N ALA D 362 -14.17 26.17 3.94
CA ALA D 362 -13.50 25.45 2.88
C ALA D 362 -14.61 24.92 1.99
N THR D 363 -15.37 25.86 1.41
CA THR D 363 -16.63 25.51 0.78
C THR D 363 -16.54 25.58 -0.75
N GLY D 364 -15.31 25.58 -1.25
CA GLY D 364 -15.09 25.42 -2.68
C GLY D 364 -15.06 26.69 -3.51
N TYR D 365 -15.11 26.50 -4.83
CA TYR D 365 -14.95 27.59 -5.79
C TYR D 365 -16.01 27.51 -6.88
N ASP D 366 -16.33 28.67 -7.46
CA ASP D 366 -17.12 28.68 -8.69
C ASP D 366 -16.16 28.73 -9.89
N PRO D 367 -16.60 28.22 -11.03
CA PRO D 367 -15.73 28.20 -12.22
C PRO D 367 -15.40 29.59 -12.75
N MET D 368 -14.33 29.64 -13.54
CA MET D 368 -13.98 30.85 -14.27
C MET D 368 -15.14 31.26 -15.18
N ASP D 369 -15.47 32.53 -15.23
CA ASP D 369 -16.44 33.07 -16.15
C ASP D 369 -15.93 34.26 -16.93
N PRO D 370 -15.84 34.05 -18.31
CA PRO D 370 -15.21 35.15 -19.02
C PRO D 370 -16.07 36.36 -19.30
N GLY D 371 -17.31 36.32 -18.90
CA GLY D 371 -18.24 37.38 -19.14
C GLY D 371 -17.99 38.77 -18.63
N ASP D 372 -17.40 38.90 -17.45
CA ASP D 372 -17.17 40.22 -16.91
C ASP D 372 -16.10 40.94 -17.66
N LEU D 373 -15.03 40.24 -17.96
CA LEU D 373 -13.98 40.79 -18.69
C LEU D 373 -14.39 41.11 -20.13
N LEU D 374 -15.36 40.39 -20.64
CA LEU D 374 -15.73 40.55 -22.04
C LEU D 374 -16.55 41.80 -22.31
N GLY D 375 -17.41 42.17 -21.37
CA GLY D 375 -18.21 43.39 -21.48
C GLY D 375 -19.00 43.50 -22.78
N GLU D 376 -18.61 44.47 -23.60
CA GLU D 376 -19.31 44.73 -24.86
C GLU D 376 -19.26 43.53 -25.81
N LEU D 377 -18.13 42.81 -25.81
CA LEU D 377 -17.92 41.69 -26.72
C LEU D 377 -18.90 40.55 -26.48
N ALA D 378 -19.48 40.52 -25.28
CA ALA D 378 -20.37 39.44 -24.89
C ALA D 378 -21.60 39.34 -25.80
N GLU D 379 -22.00 40.47 -26.38
CA GLU D 379 -23.19 40.47 -27.22
C GLU D 379 -22.99 39.61 -28.47
N HIS D 380 -21.74 39.50 -28.92
CA HIS D 380 -21.41 38.68 -30.07
C HIS D 380 -21.06 37.24 -29.71
N CYS D 381 -21.06 36.92 -28.42
CA CYS D 381 -20.79 35.55 -27.97
C CYS D 381 -22.08 34.78 -27.81
N VAL D 382 -22.12 33.59 -28.41
CA VAL D 382 -23.34 32.80 -28.44
C VAL D 382 -23.52 31.90 -27.21
N GLN D 383 -24.70 31.95 -26.61
CA GLN D 383 -25.01 31.10 -25.47
C GLN D 383 -25.82 29.87 -25.87
N ASP D 384 -25.88 28.89 -24.98
CA ASP D 384 -26.66 27.68 -25.22
C ASP D 384 -28.03 27.78 -24.55
N ALA D 385 -28.78 26.69 -24.59
CA ALA D 385 -30.11 26.65 -23.99
C ALA D 385 -30.08 27.04 -22.51
N GLU D 386 -29.10 26.50 -21.80
CA GLU D 386 -28.96 26.71 -20.37
C GLU D 386 -28.35 28.08 -20.00
N GLY D 387 -28.05 28.88 -21.01
CA GLY D 387 -27.52 30.21 -20.78
C GLY D 387 -26.02 30.28 -20.60
N ARG D 388 -25.32 29.20 -20.91
CA ARG D 388 -23.87 29.16 -20.78
C ARG D 388 -23.18 29.44 -22.11
N TRP D 389 -21.90 29.81 -22.06
CA TRP D 389 -21.15 30.10 -23.28
C TRP D 389 -20.96 28.85 -24.15
N GLN D 390 -21.27 28.97 -25.43
CA GLN D 390 -20.92 27.91 -26.38
C GLN D 390 -19.44 28.01 -26.69
N VAL D 391 -18.76 26.86 -26.71
CA VAL D 391 -17.32 26.82 -26.97
C VAL D 391 -17.02 25.69 -27.94
N ASP D 392 -16.15 25.97 -28.91
CA ASP D 392 -15.72 24.96 -29.87
C ASP D 392 -14.72 24.00 -29.25
N ARG D 393 -14.49 22.88 -29.93
CA ARG D 393 -13.57 21.86 -29.43
C ARG D 393 -12.18 22.42 -29.15
N ASP D 394 -11.78 23.44 -29.90
CA ASP D 394 -10.45 24.04 -29.73
C ASP D 394 -10.43 25.17 -28.69
N TYR D 395 -11.46 25.21 -27.85
CA TYR D 395 -11.49 26.11 -26.69
C TYR D 395 -11.79 27.56 -27.04
N ARG D 396 -12.22 27.75 -28.28
CA ARG D 396 -12.54 29.09 -28.78
C ARG D 396 -14.04 29.36 -28.69
N MET D 397 -14.40 30.42 -27.99
CA MET D 397 -15.80 30.79 -27.80
C MET D 397 -16.46 30.94 -29.17
N VAL D 398 -17.69 30.45 -29.28
CA VAL D 398 -18.50 30.62 -30.47
C VAL D 398 -19.07 32.04 -30.53
N THR D 399 -18.80 32.75 -31.62
CA THR D 399 -19.31 34.12 -31.79
C THR D 399 -20.08 34.27 -33.09
N THR D 400 -20.83 35.37 -33.18
CA THR D 400 -21.49 35.76 -34.42
C THR D 400 -20.44 36.24 -35.42
N PRO D 401 -20.84 36.37 -36.69
CA PRO D 401 -19.93 36.88 -37.74
C PRO D 401 -19.47 38.34 -37.50
N ASP D 402 -20.07 39.03 -36.54
CA ASP D 402 -19.64 40.39 -36.19
C ASP D 402 -18.28 40.42 -35.51
N LEU D 403 -17.88 39.25 -35.02
CA LEU D 403 -16.63 39.06 -34.28
C LEU D 403 -15.79 38.01 -34.98
N ARG D 404 -14.60 38.40 -35.42
CA ARG D 404 -13.72 37.49 -36.15
C ARG D 404 -12.49 37.10 -35.34
N CYS D 405 -12.21 37.86 -34.29
CA CYS D 405 -11.05 37.60 -33.47
C CYS D 405 -11.33 36.44 -32.50
N GLY D 406 -10.27 35.71 -32.13
CA GLY D 406 -10.40 34.52 -31.31
C GLY D 406 -10.41 34.78 -29.80
N ILE D 407 -11.45 34.31 -29.13
CA ILE D 407 -11.51 34.31 -27.67
C ILE D 407 -11.46 32.85 -27.14
N TYR D 408 -10.32 32.51 -26.55
CA TYR D 408 -10.09 31.16 -26.03
C TYR D 408 -10.18 31.10 -24.50
N LEU D 409 -10.79 30.02 -23.99
CA LEU D 409 -10.96 29.86 -22.55
C LEU D 409 -10.11 28.72 -22.02
N GLN D 410 -9.27 29.00 -21.03
CA GLN D 410 -8.61 27.96 -20.25
C GLN D 410 -9.18 28.06 -18.85
N GLY D 411 -10.17 27.20 -18.59
CA GLY D 411 -11.06 27.34 -17.45
C GLY D 411 -12.45 27.71 -17.96
N GLY D 412 -13.46 27.53 -17.12
CA GLY D 412 -14.84 27.87 -17.49
C GLY D 412 -15.41 27.03 -18.61
N THR D 413 -14.80 25.86 -18.86
CA THR D 413 -15.29 24.95 -19.90
C THR D 413 -15.76 23.61 -19.35
N GLU D 414 -16.20 23.58 -18.09
CA GLU D 414 -16.67 22.36 -17.47
C GLU D 414 -17.93 21.78 -18.15
N HIS D 415 -18.72 22.64 -18.77
CA HIS D 415 -19.96 22.22 -19.41
C HIS D 415 -19.76 21.75 -20.85
N THR D 416 -18.62 22.09 -21.45
CA THR D 416 -18.39 21.72 -22.85
C THR D 416 -17.28 20.69 -23.00
N HIS D 417 -16.28 20.78 -22.13
CA HIS D 417 -15.08 19.96 -22.25
C HIS D 417 -14.87 18.97 -21.09
N GLY D 418 -15.57 19.16 -19.98
CA GLY D 418 -15.55 18.18 -18.90
C GLY D 418 -14.69 18.51 -17.69
N LEU D 419 -14.54 17.54 -16.79
CA LEU D 419 -13.98 17.76 -15.47
C LEU D 419 -12.53 18.23 -15.45
N SER D 420 -11.81 18.04 -16.54
CA SER D 420 -10.40 18.37 -16.55
C SER D 420 -10.16 19.86 -16.78
N SER D 421 -11.23 20.58 -17.13
CA SER D 421 -11.11 21.94 -17.64
C SER D 421 -10.43 22.94 -16.71
N SER D 422 -10.51 22.69 -15.41
CA SER D 422 -9.96 23.63 -14.45
C SER D 422 -8.79 23.01 -13.68
N LEU D 423 -8.34 21.85 -14.14
CA LEU D 423 -7.31 21.08 -13.46
C LEU D 423 -5.97 21.17 -14.19
N LEU D 424 -4.93 20.59 -13.58
CA LEU D 424 -3.62 20.49 -14.22
C LEU D 424 -3.54 19.28 -15.14
N SER D 425 -4.58 18.45 -15.13
CA SER D 425 -4.57 17.17 -15.83
C SER D 425 -4.22 17.25 -17.30
N ASN D 426 -4.64 18.32 -17.96
CA ASN D 426 -4.56 18.36 -19.41
C ASN D 426 -3.95 19.66 -19.97
N LEU D 427 -3.11 20.31 -19.16
CA LEU D 427 -2.47 21.57 -19.57
C LEU D 427 -1.74 21.41 -20.89
N ALA D 428 -0.96 20.32 -20.99
CA ALA D 428 -0.07 20.15 -22.13
C ALA D 428 -0.85 20.06 -23.44
N THR D 429 -1.95 19.31 -23.41
CA THR D 429 -2.71 19.05 -24.64
C THR D 429 -3.57 20.25 -25.05
N ARG D 430 -4.25 20.84 -24.07
CA ARG D 430 -5.08 22.00 -24.34
C ARG D 430 -4.27 23.17 -24.90
N SER D 431 -3.16 23.49 -24.22
CA SER D 431 -2.32 24.60 -24.65
C SER D 431 -1.84 24.39 -26.09
N GLY D 432 -1.41 23.17 -26.41
CA GLY D 432 -1.00 22.87 -27.76
C GLY D 432 -2.12 23.04 -28.78
N GLU D 433 -3.33 22.64 -28.40
CA GLU D 433 -4.48 22.74 -29.28
C GLU D 433 -4.81 24.19 -29.60
N ILE D 434 -4.71 25.05 -28.59
CA ILE D 434 -5.00 26.46 -28.75
C ILE D 434 -3.97 27.14 -29.67
N VAL D 435 -2.69 26.90 -29.41
CA VAL D 435 -1.64 27.42 -30.28
C VAL D 435 -1.86 26.98 -31.73
N SER D 436 -2.14 25.69 -31.94
CA SER D 436 -2.43 25.17 -33.28
C SER D 436 -3.64 25.87 -33.92
N SER D 437 -4.71 26.01 -33.15
CA SER D 437 -5.89 26.71 -33.61
C SER D 437 -5.56 28.14 -34.08
N ILE D 438 -4.80 28.87 -33.25
CA ILE D 438 -4.39 30.24 -33.60
C ILE D 438 -3.52 30.28 -34.86
N GLU D 439 -2.58 29.39 -34.97
CA GLU D 439 -1.75 29.27 -36.12
C GLU D 439 -2.54 28.94 -37.35
N ARG D 440 -3.55 28.13 -37.23
CA ARG D 440 -4.36 27.66 -38.33
C ARG D 440 -5.20 28.77 -38.89
N ARG D 441 -5.67 29.60 -38.00
CA ARG D 441 -6.55 30.67 -38.34
C ARG D 441 -5.83 31.88 -38.83
N LYS D 442 -4.56 31.99 -38.50
CA LYS D 442 -3.76 33.13 -38.88
C LYS D 442 -3.65 33.20 -40.35
N SER D 443 -4.22 34.24 -40.93
CA SER D 443 -4.20 34.43 -42.38
C SER D 443 -3.70 35.82 -42.75
PA FAD E . -29.18 -14.69 2.62
O1A FAD E . -27.78 -15.42 2.72
O2A FAD E . -28.78 -14.57 1.02
O5B FAD E . -29.62 -16.25 3.14
C5B FAD E . -31.01 -16.42 3.28
C4B FAD E . -31.38 -17.90 3.19
O4B FAD E . -32.77 -18.08 3.26
C3B FAD E . -30.88 -18.56 1.96
O3B FAD E . -30.05 -19.61 2.29
C2B FAD E . -32.12 -19.03 1.28
O2B FAD E . -31.92 -20.26 0.65
C1B FAD E . -33.09 -19.14 2.40
N9A FAD E . -34.52 -18.99 2.11
C8A FAD E . -35.10 -18.03 1.34
N7A FAD E . -36.42 -18.22 1.35
C5A FAD E . -36.73 -19.28 2.12
C6A FAD E . -37.89 -19.94 2.49
N6A FAD E . -39.18 -19.49 2.03
N1A FAD E . -37.82 -21.03 3.32
C2A FAD E . -36.63 -21.48 3.78
N3A FAD E . -35.48 -20.86 3.43
C4A FAD E . -35.50 -19.78 2.62
N1 FAD E . -25.60 -6.84 0.01
C2 FAD E . -26.39 -5.65 -0.39
O2 FAD E . -26.67 -4.77 0.46
N3 FAD E . -26.84 -5.51 -1.74
C4 FAD E . -26.52 -6.49 -2.70
O4 FAD E . -26.91 -6.36 -3.86
C4X FAD E . -25.73 -7.67 -2.32
N5 FAD E . -25.37 -8.63 -3.22
C5X FAD E . -24.30 -9.61 -2.88
C6 FAD E . -23.71 -10.39 -3.90
C7 FAD E . -22.70 -11.31 -3.56
C7M FAD E . -22.06 -12.15 -4.66
C8 FAD E . -22.28 -11.45 -2.23
C8M FAD E . -21.22 -12.43 -1.89
C9 FAD E . -22.87 -10.67 -1.22
C9A FAD E . -23.89 -9.75 -1.52
N10 FAD E . -24.52 -8.92 -0.52
C10 FAD E . -25.28 -7.80 -0.88
C1' FAD E . -24.57 -9.33 0.89
C2' FAD E . -25.42 -10.55 1.11
O2' FAD E . -26.67 -10.15 1.39
C3' FAD E . -24.90 -11.35 2.41
O3' FAD E . -23.61 -11.30 2.36
C4' FAD E . -25.68 -12.44 3.04
O4' FAD E . -26.12 -13.46 2.25
C5' FAD E . -26.69 -11.80 4.02
O5' FAD E . -27.30 -12.63 4.99
P FAD E . -28.78 -13.30 4.94
O1P FAD E . -28.42 -14.26 6.12
O2P FAD E . -29.32 -11.82 5.18
O3P FAD E . -28.31 -13.92 3.68
PA NAP F . -24.69 -3.47 -7.82
O1A NAP F . -23.53 -3.23 -6.82
O2A NAP F . -26.10 -3.72 -7.29
O5B NAP F . -24.37 -3.70 -9.34
C5B NAP F . -25.16 -3.08 -10.31
C4B NAP F . -24.43 -2.57 -11.53
O4B NAP F . -25.02 -2.98 -12.80
C3B NAP F . -24.39 -1.07 -11.58
O3B NAP F . -23.21 -0.67 -12.23
C2B NAP F . -25.53 -0.75 -12.39
O2B NAP F . -25.51 0.56 -12.94
C1B NAP F . -25.43 -1.81 -13.45
N9A NAP F . -26.60 -2.01 -14.33
C8A NAP F . -27.90 -2.07 -13.97
N7A NAP F . -28.67 -2.26 -15.05
C5A NAP F . -27.85 -2.31 -16.13
C6A NAP F . -28.08 -2.49 -17.51
N6A NAP F . -29.45 -2.67 -18.02
N1A NAP F . -27.02 -2.52 -18.35
C2A NAP F . -25.74 -2.35 -17.89
N3A NAP F . -25.50 -2.19 -16.56
C4A NAP F . -26.54 -2.16 -15.67
O3 NAP F . -24.57 -5.09 -7.79
PN NAP F . -23.40 -6.05 -7.37
O1N NAP F . -23.85 -7.51 -7.46
O2N NAP F . -22.13 -5.93 -8.18
O5D NAP F . -23.03 -5.75 -5.86
C5D NAP F . -23.98 -5.82 -4.85
C4D NAP F . -23.44 -5.98 -3.47
O4D NAP F . -22.90 -7.26 -3.28
C3D NAP F . -22.34 -5.01 -3.19
O3D NAP F . -22.40 -4.53 -1.87
C2D NAP F . -21.15 -5.79 -3.38
O2D NAP F . -20.05 -5.25 -2.71
C1D NAP F . -21.54 -7.15 -2.90
N1N NAP F . -20.66 -8.17 -3.50
C2N NAP F . -19.67 -8.74 -2.77
C3N NAP F . -18.83 -9.69 -3.36
C7N NAP F . -17.74 -10.30 -2.50
O7N NAP F . -17.86 -10.20 -1.27
N7N NAP F . -16.65 -10.94 -3.14
C4N NAP F . -18.98 -10.06 -4.71
C5N NAP F . -19.99 -9.46 -5.45
C6N NAP F . -20.81 -8.52 -4.81
P2B NAP F . -26.16 1.80 -12.13
O1X NAP F . -25.36 2.18 -10.90
O2X NAP F . -26.25 3.01 -13.01
O3X NAP F . -27.57 1.42 -11.66
N ORN G . -17.22 -1.49 4.17
CA ORN G . -18.23 -2.26 4.85
CB ORN G . -18.53 -3.48 4.04
CG ORN G . -19.10 -3.09 2.70
CD ORN G . -19.48 -4.36 1.97
NE ORN G . -19.84 -4.05 0.59
C ORN G . -17.77 -2.65 6.22
O ORN G . -16.55 -2.59 6.52
OXT ORN G . -18.61 -3.05 7.10
K K H . -29.31 -20.24 25.65
K K I . -25.61 -27.99 14.48
K K J . -23.33 -29.67 17.10
PA FAD K . 10.48 -6.62 30.12
O1A FAD K . 9.36 -6.14 29.45
O2A FAD K . 11.61 -5.88 29.87
O5B FAD K . 10.11 -6.79 31.69
C5B FAD K . 11.03 -7.12 32.74
C4B FAD K . 10.56 -6.56 34.09
O4B FAD K . 11.33 -7.17 35.11
C3B FAD K . 10.78 -5.09 34.10
O3B FAD K . 9.62 -4.42 34.47
C2B FAD K . 11.92 -4.95 35.08
O2B FAD K . 11.97 -3.71 35.74
C1B FAD K . 11.73 -6.12 35.97
N9A FAD K . 12.91 -6.55 36.74
C8A FAD K . 14.20 -6.64 36.33
N7A FAD K . 14.95 -7.10 37.33
C5A FAD K . 14.20 -7.32 38.41
C6A FAD K . 14.42 -7.77 39.71
N6A FAD K . 15.74 -8.14 40.16
N1A FAD K . 13.38 -7.86 40.59
C2A FAD K . 12.12 -7.54 40.22
N3A FAD K . 11.87 -7.10 38.96
C4A FAD K . 12.87 -6.98 38.06
N1 FAD K . 13.57 -7.21 21.58
C2 FAD K . 14.83 -7.80 21.10
O2 FAD K . 14.83 -8.97 20.66
N3 FAD K . 16.04 -7.05 21.13
C4 FAD K . 16.04 -5.74 21.61
O4 FAD K . 17.09 -5.08 21.63
C4X FAD K . 14.79 -5.13 22.09
N5 FAD K . 14.72 -3.86 22.55
C5X FAD K . 13.39 -3.17 22.57
C6 FAD K . 13.31 -1.78 22.60
C7 FAD K . 12.06 -1.16 22.64
C7M FAD K . 11.93 0.26 22.63
C8 FAD K . 10.88 -1.92 22.61
C8M FAD K . 9.68 -1.41 22.59
C9 FAD K . 10.96 -3.33 22.58
C9A FAD K . 12.21 -3.95 22.56
N10 FAD K . 12.36 -5.36 22.52
C10 FAD K . 13.54 -5.96 22.05
C1' FAD K . 11.36 -6.23 23.02
C2' FAD K . 11.09 -6.08 24.43
O2' FAD K . 11.92 -6.99 25.06
C3' FAD K . 9.68 -6.59 24.69
O3' FAD K . 8.72 -6.02 24.11
C4' FAD K . 9.21 -6.75 26.24
O4' FAD K . 9.48 -5.80 27.23
C5' FAD K . 9.79 -8.10 26.67
O5' FAD K . 9.02 -8.68 27.69
P FAD K . 9.69 -9.13 29.06
O1P FAD K . 10.39 -10.44 28.80
O2P FAD K . 8.61 -9.08 30.11
O3P FAD K . 10.82 -8.07 29.50
PA NAP L . 19.28 -2.62 17.52
O1A NAP L . 20.26 -3.63 18.16
O2A NAP L . 18.30 -3.27 16.54
O5B NAP L . 20.09 -1.59 16.69
C5B NAP L . 21.31 -1.05 17.16
C4B NAP L . 22.06 -0.22 16.13
O4B NAP L . 23.16 0.58 16.63
C3B NAP L . 22.65 -1.04 15.01
O3B NAP L . 22.37 -0.40 13.78
C2B NAP L . 24.05 -1.07 15.33
O2B NAP L . 24.95 -1.30 14.27
C1B NAP L . 24.25 0.33 15.81
N9A NAP L . 25.48 0.59 16.53
C8A NAP L . 26.08 -0.17 17.48
N7A NAP L . 27.18 0.47 17.92
C5A NAP L . 27.26 1.66 17.27
C6A NAP L . 28.16 2.73 17.30
N6A NAP L . 29.33 2.72 18.19
N1A NAP L . 27.95 3.81 16.51
C2A NAP L . 26.89 3.85 15.67
N3A NAP L . 26.01 2.83 15.62
C4A NAP L . 26.18 1.73 16.40
O3 NAP L . 18.53 -1.88 18.71
PN NAP L . 17.17 -1.14 18.62
O1N NAP L . 17.19 -0.10 17.49
O2N NAP L . 16.94 -0.52 19.96
O5D NAP L . 16.02 -2.20 18.35
C5D NAP L . 16.09 -3.46 18.94
C4D NAP L . 14.83 -4.26 18.91
O4D NAP L . 13.85 -3.58 19.63
C3D NAP L . 14.32 -4.45 17.53
O3D NAP L . 13.84 -5.78 17.31
C2D NAP L . 13.28 -3.48 17.41
O2D NAP L . 12.28 -3.76 16.45
C1D NAP L . 12.72 -3.37 18.79
N1N NAP L . 12.10 -2.05 18.94
C2N NAP L . 10.76 -1.94 18.87
C3N NAP L . 10.19 -0.68 18.96
C7N NAP L . 8.70 -0.57 18.94
O7N NAP L . 8.04 -1.50 19.41
N7N NAP L . 8.11 0.60 18.40
C4N NAP L . 10.98 0.47 19.09
C5N NAP L . 12.36 0.34 19.11
C6N NAP L . 12.89 -0.95 19.03
P2B NAP L . 25.26 -2.77 13.73
O1X NAP L . 25.21 -3.76 14.89
O2X NAP L . 24.24 -3.17 12.69
O3X NAP L . 26.62 -2.77 13.05
N ORN M . 7.54 -9.60 12.92
CA ORN M . 7.75 -10.13 14.24
CB ORN M . 8.01 -9.04 15.23
CG ORN M . 9.34 -8.37 14.94
CD ORN M . 9.69 -7.50 16.12
NE ORN M . 10.94 -6.77 15.86
C ORN M . 6.52 -10.93 14.59
O ORN M . 5.51 -10.90 13.82
OXT ORN M . 6.51 -11.63 15.63
K K N . -5.90 -21.55 37.78
K K O . -4.91 -7.07 39.88
PA FAD P . 23.30 -8.42 -21.14
O1A FAD P . 22.04 -7.87 -21.27
O2A FAD P . 23.28 -9.69 -20.60
O5B FAD P . 23.76 -8.46 -22.59
C5B FAD P . 24.94 -9.05 -23.06
C4B FAD P . 24.83 -9.33 -24.54
O4B FAD P . 26.12 -9.63 -25.00
C3B FAD P . 23.94 -10.49 -24.79
O3B FAD P . 22.99 -10.19 -25.76
C2B FAD P . 24.87 -11.56 -25.24
O2B FAD P . 24.30 -12.38 -26.22
C1B FAD P . 25.98 -10.76 -25.80
N9A FAD P . 27.32 -11.39 -25.90
C8A FAD P . 28.03 -12.04 -24.95
N7A FAD P . 29.19 -12.43 -25.46
C5A FAD P . 29.28 -12.04 -26.74
C6A FAD P . 30.21 -12.14 -27.75
N6A FAD P . 31.45 -12.82 -27.53
N1A FAD P . 29.95 -11.61 -28.97
C2A FAD P . 28.79 -10.97 -29.25
N3A FAD P . 27.85 -10.84 -28.27
C4A FAD P . 28.07 -11.36 -27.04
N1 FAD P . 22.03 -8.51 -12.09
C2 FAD P . 23.01 -8.83 -11.04
O2 FAD P . 23.68 -7.91 -10.51
N3 FAD P . 23.16 -10.19 -10.64
C4 FAD P . 22.40 -11.22 -11.22
O4 FAD P . 22.56 -12.38 -10.84
C4X FAD P . 21.43 -10.91 -12.27
N5 FAD P . 20.65 -11.84 -12.87
C5X FAD P . 19.45 -11.42 -13.64
C6 FAD P . 18.44 -12.33 -13.98
C7 FAD P . 17.31 -11.88 -14.70
C7M FAD P . 16.20 -12.87 -15.07
C8 FAD P . 17.31 -10.52 -15.25
C8M FAD P . 16.01 -10.06 -15.84
C9 FAD P . 18.20 -9.62 -14.75
C9A FAD P . 19.31 -10.06 -14.04
N10 FAD P . 20.37 -9.16 -13.66
C10 FAD P . 21.30 -9.47 -12.67
C1' FAD P . 20.50 -7.88 -14.33
C2' FAD P . 20.99 -8.13 -15.77
O2' FAD P . 22.38 -8.14 -15.71
C3' FAD P . 20.51 -6.84 -16.49
O3' FAD P . 19.50 -6.56 -16.41
C4' FAD P . 21.04 -6.64 -18.00
O4' FAD P . 20.90 -7.55 -19.04
C5' FAD P . 22.52 -6.26 -17.90
O5' FAD P . 22.86 -5.63 -19.11
P FAD P . 24.15 -6.02 -19.96
O1P FAD P . 25.30 -5.69 -19.28
O2P FAD P . 23.91 -5.35 -21.16
O3P FAD P . 24.19 -7.53 -20.27
PA NAP Q . 20.22 -14.94 -6.85
O1A NAP Q . 21.76 -14.94 -6.77
O2A NAP Q . 19.64 -13.64 -6.34
O5B NAP Q . 19.72 -16.03 -5.88
C5B NAP Q . 20.23 -17.34 -5.95
C4B NAP Q . 19.64 -18.24 -4.89
O4B NAP Q . 19.96 -19.65 -5.02
C3B NAP Q . 20.06 -17.85 -3.51
O3B NAP Q . 18.92 -17.94 -2.67
C2B NAP Q . 21.05 -18.84 -3.18
O2B NAP Q . 21.25 -19.08 -1.82
C1B NAP Q . 20.45 -20.08 -3.80
N9A NAP Q . 21.27 -21.27 -3.95
C8A NAP Q . 22.57 -21.36 -4.34
N7A NAP Q . 22.95 -22.65 -4.39
C5A NAP Q . 21.88 -23.41 -4.05
C6A NAP Q . 21.68 -24.78 -3.94
N6A NAP Q . 22.78 -25.71 -4.20
N1A NAP Q . 20.47 -25.25 -3.56
C2A NAP Q . 19.45 -24.40 -3.30
N3A NAP Q . 19.62 -23.06 -3.40
C4A NAP Q . 20.81 -22.54 -3.77
O3 NAP Q . 19.71 -15.30 -8.31
PN NAP Q . 18.48 -14.66 -9.00
O1N NAP Q . 18.42 -15.16 -10.44
O2N NAP Q . 17.15 -15.03 -8.37
O5D NAP Q . 18.58 -13.10 -8.98
C5D NAP Q . 19.73 -12.44 -9.43
C4D NAP Q . 19.52 -11.02 -9.81
O4D NAP Q . 18.72 -10.92 -10.95
C3D NAP Q . 18.83 -10.28 -8.72
O3D NAP Q . 19.41 -9.00 -8.53
C2D NAP Q . 17.47 -10.22 -9.17
O2D NAP Q . 16.77 -9.15 -8.59
C1D NAP Q . 17.57 -10.15 -10.65
N1N NAP Q . 16.35 -10.69 -11.29
C2N NAP Q . 15.42 -9.85 -11.79
C3N NAP Q . 14.25 -10.36 -12.36
C7N NAP Q . 13.23 -9.37 -12.93
O7N NAP Q . 13.66 -8.30 -13.34
N7N NAP Q . 11.86 -9.69 -12.99
C4N NAP Q . 14.05 -11.75 -12.39
C5N NAP Q . 15.02 -12.59 -11.87
C6N NAP Q . 16.17 -12.03 -11.32
P2B NAP Q . 22.38 -18.30 -1.02
O1X NAP Q . 22.73 -19.10 0.22
O2X NAP Q . 23.60 -18.11 -1.87
O3X NAP Q . 21.85 -16.93 -0.61
N ORN R . 16.59 -1.24 -6.40
CA ORN R . 17.52 -1.09 -7.48
CB ORN R . 17.34 -2.17 -8.52
CG ORN R . 17.38 -3.53 -7.87
CD ORN R . 17.63 -4.57 -8.93
NE ORN R . 17.73 -5.92 -8.38
C ORN R . 17.33 0.27 -8.06
O ORN R . 18.23 0.80 -8.77
OXT ORN R . 16.25 0.90 -7.84
K K S . 27.34 11.78 -32.43
K K T . 19.30 0.70 -35.98
PA FAD U . -4.78 29.82 -11.85
O1A FAD U . -5.82 30.03 -10.71
O2A FAD U . -3.67 28.85 -11.10
O5B FAD U . -4.31 31.46 -12.09
C5B FAD U . -5.02 32.42 -12.81
C4B FAD U . -4.12 33.66 -12.73
O4B FAD U . -4.76 34.72 -13.40
C3B FAD U . -3.86 34.05 -11.31
O3B FAD U . -2.51 34.15 -11.00
C2B FAD U . -4.59 35.34 -11.14
O2B FAD U . -3.94 36.22 -10.30
C1B FAD U . -4.67 35.84 -12.52
N9A FAD U . -5.76 36.79 -12.83
C8A FAD U . -7.06 36.70 -12.47
N7A FAD U . -7.71 37.76 -12.94
C5A FAD U . -6.88 38.56 -13.61
C6A FAD U . -6.99 39.76 -14.29
N6A FAD U . -8.27 40.43 -14.39
N1A FAD U . -5.89 40.30 -14.87
C2A FAD U . -4.66 39.71 -14.79
N3A FAD U . -4.52 38.53 -14.12
C4A FAD U . -5.60 37.95 -13.54
N1 FAD U . -9.90 22.70 -9.45
C2 FAD U . -11.36 22.41 -9.62
O2 FAD U . -11.78 21.83 -10.64
N3 FAD U . -12.28 22.83 -8.62
C4 FAD U . -11.84 23.50 -7.46
O4 FAD U . -12.66 23.87 -6.60
C4X FAD U . -10.41 23.79 -7.27
N5 FAD U . -9.93 24.44 -6.17
C5X FAD U . -8.50 24.27 -5.82
C6 FAD U . -8.03 24.53 -4.53
C7 FAD U . -6.69 24.35 -4.22
C7M FAD U . -6.18 24.62 -2.81
C8 FAD U . -5.78 23.92 -5.20
C8M FAD U . -4.34 23.73 -4.88
C9 FAD U . -6.24 23.66 -6.50
C9A FAD U . -7.59 23.84 -6.80
N10 FAD U . -8.11 23.60 -8.13
C10 FAD U . -9.48 23.34 -8.35
C1' FAD U . -7.16 23.33 -9.21
C2' FAD U . -6.67 24.70 -9.68
O2' FAD U . -7.48 25.22 -10.66
C3' FAD U . -5.37 24.56 -10.53
O3' FAD U . -4.69 23.88 -9.85
C4' FAD U . -4.70 25.77 -11.08
O4' FAD U . -4.66 26.94 -10.34
C5' FAD U . -5.50 26.04 -12.36
O5' FAD U . -4.75 26.82 -13.27
P FAD U . -5.25 28.16 -13.96
O1P FAD U . -6.36 27.90 -15.02
O2P FAD U . -3.97 28.76 -14.63
O3P FAD U . -5.85 29.12 -12.92
PA NAP V . -14.88 21.20 -2.76
O1A NAP V . -15.78 21.85 -3.83
O2A NAP V . -14.27 19.88 -3.23
O5B NAP V . -15.78 20.85 -1.55
C5B NAP V . -16.31 21.86 -0.72
C4B NAP V . -17.01 21.30 0.50
O4B NAP V . -17.77 22.28 1.23
C3B NAP V . -17.98 20.20 0.19
O3B NAP V . -17.79 19.15 1.14
C2B NAP V . -19.26 20.85 0.32
O2B NAP V . -20.41 20.04 0.57
C1B NAP V . -19.01 21.71 1.50
N9A NAP V . -19.96 22.76 1.85
C8A NAP V . -20.56 23.65 1.01
N7A NAP V . -21.34 24.47 1.72
C5A NAP V . -21.24 24.13 3.02
C6A NAP V . -21.80 24.62 4.18
N6A NAP V . -22.75 25.75 4.12
N1A NAP V . -21.49 24.04 5.37
C2A NAP V . -20.63 22.99 5.44
N3A NAP V . -20.07 22.50 4.32
C4A NAP V . -20.36 23.05 3.10
O3 NAP V . -13.78 22.24 -2.27
PN NAP V . -12.27 21.98 -2.16
O1N NAP V . -11.58 23.34 -2.11
O2N NAP V . -12.00 21.18 -0.92
O5D NAP V . -11.76 21.15 -3.41
C5D NAP V . -11.62 21.73 -4.67
C4D NAP V . -10.73 21.07 -5.67
O4D NAP V . -9.42 21.53 -5.51
C3D NAP V . -10.68 19.59 -5.55
O3D NAP V . -10.57 18.93 -6.81
C2D NAP V . -9.52 19.36 -4.78
O2D NAP V . -9.02 18.06 -5.00
C1D NAP V . -8.58 20.44 -5.19
N1N NAP V . -7.61 20.75 -4.09
C2N NAP V . -6.34 20.30 -4.19
C3N NAP V . -5.45 20.54 -3.14
C7N NAP V . -4.01 20.04 -3.24
O7N NAP V . -3.44 20.02 -4.34
N7N NAP V . -3.38 19.60 -2.08
C4N NAP V . -5.89 21.23 -1.99
C5N NAP V . -7.21 21.66 -1.90
C6N NAP V . -8.04 21.40 -2.99
P2B NAP V . -21.24 19.46 -0.67
O1X NAP V . -20.43 18.40 -1.41
O2X NAP V . -22.50 18.82 -0.19
O3X NAP V . -21.55 20.61 -1.61
N ORN W . -7.08 12.22 -10.93
CA ORN W . -6.82 13.44 -11.67
CB ORN W . -6.49 14.59 -10.76
CG ORN W . -7.66 14.97 -9.92
CD ORN W . -7.33 16.19 -9.10
NE ORN W . -8.45 16.56 -8.21
C ORN W . -5.69 13.15 -12.62
O ORN W . -5.52 13.88 -13.63
OXT ORN W . -4.91 12.18 -12.41
K K X . 8.14 29.83 -31.28
#